data_7Y3T
#
_entry.id   7Y3T
#
_cell.length_a   1.00
_cell.length_b   1.00
_cell.length_c   1.00
_cell.angle_alpha   90.00
_cell.angle_beta   90.00
_cell.angle_gamma   90.00
#
_symmetry.space_group_name_H-M   'P 1'
#
_entity_poly.entity_id   1
_entity_poly.type   'polypeptide(L)'
_entity_poly.pdbx_seq_one_letter_code
;MSTPNVLTNVAVSHSGEVDSLLIEKFNGKVREQYLKGENLLSHFQVETVTGTNTVSNKYLGETEIQVLAPGQSPAATPTK
ADKNQVVIDTTVIARNTVAMLHDVQGDIDSLKPKIAVNQAKQLKRLEDEMVVQQLMLGGISNTKAQRTNPRVPGHGFSIN
VNITADTAETSPQYLAAAIEYALEQQLEQEVDISDLVILMPWKFFNALRDMDRIVDRSYTLADESTVQGFALKSFNVPVV
PSNRFPKFSQGAAHHKLSNADNGFRYDTTAPMAGAVAVIFSMDALLVGRTIELTGDIFWEKKEKTFYIDTYLAEGAIPDR
WEAVSVVTTARNATTGDPDGTGADDTVVTKRANRKVILTKAVS
;
_entity_poly.pdbx_strand_id   G,A,B,C,D,E,F
#
# COMPACT_ATOMS: atom_id res chain seq x y z
N SER A 2 -110.50 -51.59 66.44
CA SER A 2 -110.42 -51.48 64.98
C SER A 2 -108.99 -51.21 64.54
N THR A 3 -108.71 -49.94 64.20
CA THR A 3 -107.40 -49.43 63.78
C THR A 3 -106.95 -50.07 62.47
N PRO A 4 -105.95 -49.51 61.80
CA PRO A 4 -105.35 -50.22 60.66
C PRO A 4 -104.65 -51.49 61.12
N ASN A 5 -104.65 -52.49 60.24
CA ASN A 5 -104.02 -53.77 60.55
C ASN A 5 -103.23 -54.29 59.36
N VAL A 6 -103.31 -53.60 58.23
CA VAL A 6 -102.59 -54.01 57.02
C VAL A 6 -101.85 -52.82 56.44
N LEU A 7 -101.41 -51.91 57.32
CA LEU A 7 -100.99 -50.58 56.88
C LEU A 7 -99.83 -50.64 55.89
N THR A 8 -99.96 -49.88 54.81
CA THR A 8 -99.04 -49.98 53.69
C THR A 8 -97.70 -49.34 54.02
N ASN A 9 -96.62 -50.06 53.71
CA ASN A 9 -95.27 -49.55 53.80
C ASN A 9 -94.64 -49.54 52.42
N VAL A 10 -94.13 -48.38 52.00
CA VAL A 10 -93.40 -48.29 50.75
C VAL A 10 -91.92 -48.57 50.93
N ALA A 11 -91.51 -48.97 52.13
CA ALA A 11 -90.11 -49.28 52.42
C ALA A 11 -89.80 -50.78 52.37
N VAL A 12 -90.74 -51.60 51.94
CA VAL A 12 -90.56 -53.05 51.88
C VAL A 12 -90.64 -53.50 50.43
N SER A 13 -89.67 -54.30 50.01
CA SER A 13 -89.64 -54.79 48.64
C SER A 13 -90.52 -56.02 48.49
N HIS A 14 -91.25 -56.08 47.37
CA HIS A 14 -92.03 -57.29 47.07
C HIS A 14 -91.10 -58.47 46.84
N SER A 15 -89.99 -58.25 46.14
CA SER A 15 -88.99 -59.29 45.94
C SER A 15 -87.94 -59.22 47.05
N GLY A 16 -87.12 -60.27 47.12
CA GLY A 16 -86.07 -60.35 48.11
C GLY A 16 -84.72 -59.80 47.70
N GLU A 17 -84.61 -59.20 46.51
CA GLU A 17 -83.29 -58.77 46.03
C GLU A 17 -82.75 -57.60 46.83
N VAL A 18 -83.59 -56.63 47.15
CA VAL A 18 -83.16 -55.38 47.78
C VAL A 18 -83.93 -55.22 49.08
N ASP A 19 -83.30 -54.62 50.09
CA ASP A 19 -83.84 -54.66 51.44
C ASP A 19 -84.76 -53.48 51.73
N SER A 20 -84.23 -52.26 51.66
CA SER A 20 -84.90 -51.13 52.29
C SER A 20 -85.59 -50.16 51.33
N LEU A 21 -85.08 -49.99 50.12
CA LEU A 21 -85.65 -49.04 49.15
C LEU A 21 -85.67 -47.62 49.72
N LEU A 22 -84.62 -47.29 50.49
CA LEU A 22 -84.56 -45.99 51.14
C LEU A 22 -83.09 -45.55 51.15
N ILE A 23 -82.76 -44.63 50.24
CA ILE A 23 -81.39 -44.14 50.15
C ILE A 23 -81.12 -43.16 51.27
N GLU A 24 -79.99 -43.34 51.95
CA GLU A 24 -79.60 -42.42 53.01
C GLU A 24 -78.95 -41.17 52.41
N LYS A 25 -79.18 -40.05 53.08
CA LYS A 25 -78.62 -38.78 52.64
C LYS A 25 -77.13 -38.70 53.02
N PHE A 26 -76.49 -37.61 52.59
CA PHE A 26 -75.07 -37.40 52.85
C PHE A 26 -74.77 -36.10 53.58
N ASN A 27 -75.45 -35.00 53.26
CA ASN A 27 -75.36 -33.68 53.87
C ASN A 27 -73.97 -33.31 54.37
N GLY A 28 -72.96 -33.49 53.52
CA GLY A 28 -71.63 -33.04 53.85
C GLY A 28 -71.01 -33.89 54.94
N LYS A 29 -70.63 -33.23 56.04
CA LYS A 29 -70.00 -33.89 57.16
C LYS A 29 -68.71 -34.60 56.76
N VAL A 30 -67.93 -33.97 55.89
CA VAL A 30 -66.67 -34.54 55.44
C VAL A 30 -65.63 -34.34 56.53
N ARG A 31 -65.08 -35.44 57.04
CA ARG A 31 -64.12 -35.42 58.13
C ARG A 31 -62.71 -35.62 57.59
N GLU A 32 -61.78 -34.82 58.09
CA GLU A 32 -60.38 -34.88 57.68
C GLU A 32 -59.51 -35.05 58.92
N GLN A 33 -58.25 -35.40 58.68
CA GLN A 33 -57.29 -35.48 59.76
C GLN A 33 -57.10 -34.10 60.39
N TYR A 34 -57.09 -34.05 61.73
CA TYR A 34 -57.10 -32.78 62.43
C TYR A 34 -55.84 -31.97 62.13
N LEU A 35 -54.68 -32.45 62.59
CA LEU A 35 -53.39 -31.79 62.34
C LEU A 35 -53.44 -30.30 62.62
N LYS A 36 -53.61 -29.96 63.90
CA LYS A 36 -53.71 -28.55 64.29
C LYS A 36 -52.48 -27.78 63.86
N GLY A 37 -52.69 -26.54 63.45
CA GLY A 37 -51.60 -25.70 62.97
C GLY A 37 -50.78 -25.11 64.11
N GLU A 38 -49.53 -25.55 64.22
CA GLU A 38 -48.68 -25.04 65.29
C GLU A 38 -48.21 -23.62 65.01
N ASN A 39 -47.84 -23.34 63.76
CA ASN A 39 -47.42 -22.00 63.32
C ASN A 39 -46.26 -21.46 64.15
N LEU A 40 -45.25 -22.31 64.41
CA LEU A 40 -44.06 -21.82 65.12
C LEU A 40 -43.29 -20.82 64.29
N LEU A 41 -43.31 -20.98 62.96
CA LEU A 41 -42.51 -20.13 62.10
C LEU A 41 -43.06 -18.71 61.98
N SER A 42 -44.30 -18.48 62.43
CA SER A 42 -44.84 -17.12 62.41
C SER A 42 -44.03 -16.18 63.29
N HIS A 43 -43.36 -16.72 64.31
CA HIS A 43 -42.52 -15.88 65.17
C HIS A 43 -41.34 -15.31 64.39
N PHE A 44 -40.75 -16.12 63.52
CA PHE A 44 -39.49 -15.75 62.89
C PHE A 44 -39.74 -14.95 61.61
N GLN A 45 -38.76 -14.12 61.25
CA GLN A 45 -38.85 -13.29 60.07
C GLN A 45 -38.45 -14.08 58.83
N VAL A 46 -39.33 -14.11 57.84
CA VAL A 46 -39.08 -14.85 56.61
C VAL A 46 -39.40 -13.98 55.39
N GLU A 47 -38.37 -13.53 54.70
CA GLU A 47 -38.57 -12.76 53.47
C GLU A 47 -38.07 -13.56 52.28
N THR A 48 -38.94 -13.76 51.29
CA THR A 48 -38.58 -14.54 50.12
C THR A 48 -37.52 -13.83 49.30
N VAL A 49 -36.57 -14.60 48.79
CA VAL A 49 -35.46 -14.09 47.99
C VAL A 49 -35.42 -14.84 46.67
N THR A 50 -35.03 -14.14 45.62
CA THR A 50 -34.95 -14.70 44.27
C THR A 50 -33.49 -14.72 43.84
N GLY A 51 -32.98 -15.89 43.50
CA GLY A 51 -31.59 -16.05 43.17
C GLY A 51 -30.72 -16.02 44.42
N THR A 52 -29.45 -16.36 44.22
CA THR A 52 -28.46 -16.25 45.29
C THR A 52 -28.89 -17.02 46.53
N ASN A 53 -28.91 -18.34 46.44
CA ASN A 53 -29.44 -19.16 47.52
C ASN A 53 -28.51 -19.18 48.73
N THR A 54 -28.18 -18.00 49.25
CA THR A 54 -27.43 -17.84 50.49
C THR A 54 -28.00 -16.64 51.23
N VAL A 55 -28.10 -16.75 52.54
CA VAL A 55 -28.58 -15.66 53.37
C VAL A 55 -27.59 -15.41 54.50
N SER A 56 -27.15 -14.16 54.64
CA SER A 56 -26.15 -13.78 55.63
C SER A 56 -26.79 -12.88 56.67
N ASN A 57 -26.20 -12.83 57.87
CA ASN A 57 -26.84 -12.10 58.96
C ASN A 57 -26.08 -10.81 59.29
N LYS A 58 -24.76 -10.81 59.10
CA LYS A 58 -23.92 -9.63 59.32
C LYS A 58 -23.97 -9.17 60.78
N TYR A 59 -23.39 -9.98 61.66
CA TYR A 59 -23.27 -9.64 63.07
C TYR A 59 -22.48 -8.34 63.27
N LEU A 60 -22.46 -7.86 64.52
CA LEU A 60 -21.75 -6.65 64.88
C LEU A 60 -21.27 -6.73 66.32
N GLY A 61 -20.12 -6.09 66.60
CA GLY A 61 -19.49 -6.22 67.90
C GLY A 61 -20.04 -5.27 68.94
N GLU A 62 -19.35 -5.26 70.08
CA GLU A 62 -19.71 -4.41 71.21
C GLU A 62 -18.49 -3.55 71.56
N THR A 63 -18.71 -2.25 71.77
CA THR A 63 -17.61 -1.35 72.09
C THR A 63 -17.31 -1.36 73.58
N GLU A 64 -16.25 -0.64 73.95
CA GLU A 64 -15.76 -0.59 75.33
C GLU A 64 -15.63 0.86 75.77
N ILE A 65 -15.83 1.10 77.07
CA ILE A 65 -15.80 2.45 77.61
C ILE A 65 -14.50 2.68 78.35
N GLN A 66 -14.04 3.94 78.37
CA GLN A 66 -12.79 4.29 79.03
C GLN A 66 -12.82 5.76 79.42
N VAL A 67 -12.09 6.08 80.50
CA VAL A 67 -12.07 7.45 81.01
C VAL A 67 -11.12 8.29 80.18
N LEU A 68 -11.40 9.58 80.08
CA LEU A 68 -10.56 10.51 79.35
C LEU A 68 -10.20 11.68 80.26
N ALA A 69 -8.91 12.00 80.31
CA ALA A 69 -8.41 13.18 81.00
C ALA A 69 -8.57 14.39 80.08
N PRO A 70 -8.54 15.60 80.63
CA PRO A 70 -8.63 16.80 79.77
C PRO A 70 -7.45 16.86 78.81
N GLY A 71 -7.74 16.70 77.52
CA GLY A 71 -6.70 16.63 76.51
C GLY A 71 -6.07 15.26 76.34
N GLN A 72 -6.69 14.21 76.88
CA GLN A 72 -6.09 12.88 76.78
C GLN A 72 -6.19 12.32 75.38
N SER A 73 -7.36 12.45 74.75
CA SER A 73 -7.63 11.89 73.43
C SER A 73 -7.44 10.36 73.41
N PRO A 74 -8.34 9.61 74.04
CA PRO A 74 -8.17 8.14 74.11
C PRO A 74 -8.18 7.52 72.72
N ALA A 75 -7.69 6.28 72.63
CA ALA A 75 -7.30 5.74 71.34
C ALA A 75 -8.49 5.19 70.55
N ALA A 76 -9.06 4.07 70.98
CA ALA A 76 -9.97 3.35 70.11
C ALA A 76 -10.53 2.11 70.81
N THR A 77 -11.38 1.39 70.08
CA THR A 77 -11.93 0.09 70.46
C THR A 77 -12.49 -0.60 69.23
N PRO A 78 -12.11 -1.87 68.99
CA PRO A 78 -12.51 -2.56 67.75
C PRO A 78 -13.77 -3.41 67.85
N THR A 79 -14.20 -3.98 66.71
CA THR A 79 -15.41 -4.80 66.62
C THR A 79 -15.15 -6.00 65.69
N LYS A 80 -16.05 -6.99 65.74
CA LYS A 80 -15.84 -8.26 65.05
C LYS A 80 -16.65 -8.42 63.76
N ALA A 81 -17.98 -8.39 63.83
CA ALA A 81 -18.86 -8.58 62.66
C ALA A 81 -18.64 -9.95 61.99
N ASP A 82 -19.06 -11.00 62.70
CA ASP A 82 -18.81 -12.37 62.24
C ASP A 82 -19.54 -12.71 60.95
N LYS A 83 -20.85 -12.45 60.87
CA LYS A 83 -21.66 -12.71 59.67
C LYS A 83 -21.70 -14.19 59.28
N ASN A 84 -22.41 -14.98 60.06
CA ASN A 84 -22.74 -16.35 59.64
C ASN A 84 -23.76 -16.32 58.49
N GLN A 85 -23.99 -17.50 57.89
CA GLN A 85 -24.87 -17.60 56.73
C GLN A 85 -25.49 -18.98 56.63
N VAL A 86 -26.55 -19.06 55.81
CA VAL A 86 -27.31 -20.28 55.57
C VAL A 86 -27.49 -20.47 54.06
N VAL A 87 -27.70 -21.73 53.67
CA VAL A 87 -27.92 -22.11 52.27
C VAL A 87 -29.14 -23.01 52.21
N ILE A 88 -29.94 -22.84 51.15
CA ILE A 88 -31.13 -23.67 50.90
C ILE A 88 -30.95 -24.32 49.54
N ASP A 89 -31.23 -25.62 49.45
CA ASP A 89 -30.91 -26.38 48.26
C ASP A 89 -32.02 -27.30 47.77
N THR A 90 -32.94 -27.72 48.63
CA THR A 90 -33.87 -28.77 48.28
C THR A 90 -35.30 -28.29 48.42
N THR A 91 -36.21 -28.99 47.74
CA THR A 91 -37.63 -28.66 47.73
C THR A 91 -38.43 -29.88 48.18
N VAL A 92 -39.59 -29.63 48.79
CA VAL A 92 -40.49 -30.68 49.26
C VAL A 92 -41.82 -30.52 48.55
N ILE A 93 -42.30 -31.59 47.94
CA ILE A 93 -43.51 -31.56 47.11
C ILE A 93 -44.43 -32.70 47.50
N ALA A 94 -45.71 -32.41 47.63
CA ALA A 94 -46.74 -33.40 47.91
C ALA A 94 -47.76 -33.37 46.80
N ARG A 95 -48.02 -34.54 46.19
CA ARG A 95 -48.85 -34.62 45.00
C ARG A 95 -49.90 -35.71 45.16
N ASN A 96 -51.08 -35.47 44.61
CA ASN A 96 -52.17 -36.43 44.61
C ASN A 96 -52.80 -36.52 43.23
N THR A 97 -53.40 -37.66 42.94
CA THR A 97 -53.89 -38.01 41.61
C THR A 97 -55.38 -38.33 41.66
N VAL A 98 -56.15 -37.73 40.76
CA VAL A 98 -57.58 -37.99 40.63
C VAL A 98 -57.88 -38.31 39.19
N ALA A 99 -58.56 -39.44 38.96
CA ALA A 99 -58.91 -39.82 37.60
C ALA A 99 -60.09 -38.99 37.10
N MET A 100 -60.26 -38.96 35.76
CA MET A 100 -61.31 -38.15 35.17
C MET A 100 -62.69 -38.74 35.44
N LEU A 101 -62.85 -40.05 35.25
CA LEU A 101 -64.15 -40.68 35.46
C LEU A 101 -64.56 -40.60 36.92
N HIS A 102 -63.64 -40.86 37.84
CA HIS A 102 -63.95 -40.75 39.26
C HIS A 102 -64.26 -39.30 39.64
N ASP A 103 -63.59 -38.34 39.01
CA ASP A 103 -63.89 -36.94 39.27
C ASP A 103 -65.30 -36.59 38.83
N VAL A 104 -65.71 -37.07 37.65
CA VAL A 104 -67.07 -36.77 37.18
C VAL A 104 -68.10 -37.46 38.06
N GLN A 105 -67.81 -38.69 38.48
CA GLN A 105 -68.72 -39.47 39.30
C GLN A 105 -68.50 -39.28 40.79
N GLY A 106 -67.61 -38.37 41.18
CA GLY A 106 -67.27 -38.17 42.58
C GLY A 106 -68.43 -37.79 43.47
N ASP A 107 -68.57 -38.49 44.61
CA ASP A 107 -69.64 -38.17 45.54
C ASP A 107 -69.41 -36.82 46.22
N ILE A 108 -68.20 -36.59 46.72
CA ILE A 108 -67.89 -35.35 47.40
C ILE A 108 -67.95 -34.20 46.40
N ASP A 109 -68.33 -33.02 46.89
CA ASP A 109 -68.30 -31.81 46.09
C ASP A 109 -67.08 -30.99 46.44
N SER A 110 -66.41 -30.45 45.43
CA SER A 110 -65.17 -29.68 45.59
C SER A 110 -64.12 -30.50 46.34
N LEU A 111 -63.85 -31.71 45.83
CA LEU A 111 -62.88 -32.58 46.47
C LEU A 111 -61.46 -32.05 46.31
N LYS A 112 -61.14 -31.50 45.13
CA LYS A 112 -59.78 -31.03 44.87
C LYS A 112 -59.33 -29.92 45.80
N PRO A 113 -60.10 -28.87 46.05
CA PRO A 113 -59.64 -27.87 47.04
C PRO A 113 -59.46 -28.46 48.43
N LYS A 114 -60.27 -29.44 48.79
CA LYS A 114 -60.11 -30.10 50.08
C LYS A 114 -58.79 -30.86 50.15
N ILE A 115 -58.44 -31.57 49.09
CA ILE A 115 -57.15 -32.24 49.04
C ILE A 115 -56.02 -31.23 49.12
N ALA A 116 -56.17 -30.09 48.44
CA ALA A 116 -55.13 -29.07 48.47
C ALA A 116 -54.95 -28.51 49.88
N VAL A 117 -56.05 -28.25 50.58
CA VAL A 117 -55.94 -27.67 51.92
C VAL A 117 -55.39 -28.70 52.90
N ASN A 118 -55.64 -29.99 52.65
CA ASN A 118 -55.00 -31.03 53.46
C ASN A 118 -53.49 -31.06 53.22
N GLN A 119 -53.07 -30.97 51.96
CA GLN A 119 -51.65 -30.98 51.65
C GLN A 119 -50.95 -29.78 52.27
N ALA A 120 -51.62 -28.62 52.29
CA ALA A 120 -51.03 -27.45 52.93
C ALA A 120 -50.77 -27.69 54.41
N LYS A 121 -51.72 -28.32 55.10
CA LYS A 121 -51.53 -28.62 56.51
C LYS A 121 -50.40 -29.62 56.72
N GLN A 122 -50.30 -30.62 55.85
CA GLN A 122 -49.19 -31.56 55.96
C GLN A 122 -47.85 -30.85 55.82
N LEU A 123 -47.73 -29.96 54.83
CA LEU A 123 -46.49 -29.22 54.66
C LEU A 123 -46.20 -28.33 55.86
N LYS A 124 -47.24 -27.73 56.44
CA LYS A 124 -47.06 -26.93 57.65
C LYS A 124 -46.52 -27.77 58.79
N ARG A 125 -47.04 -28.99 58.96
CA ARG A 125 -46.54 -29.84 60.04
C ARG A 125 -45.08 -30.19 59.84
N LEU A 126 -44.70 -30.54 58.60
CA LEU A 126 -43.29 -30.83 58.34
C LEU A 126 -42.42 -29.60 58.60
N GLU A 127 -42.90 -28.43 58.20
CA GLU A 127 -42.19 -27.17 58.44
C GLU A 127 -41.93 -26.98 59.93
N ASP A 128 -42.97 -27.14 60.75
CA ASP A 128 -42.84 -26.90 62.17
C ASP A 128 -41.90 -27.91 62.82
N GLU A 129 -41.99 -29.18 62.41
CA GLU A 129 -41.10 -30.19 62.97
C GLU A 129 -39.64 -29.89 62.64
N MET A 130 -39.37 -29.47 61.40
CA MET A 130 -38.01 -29.12 61.03
C MET A 130 -37.51 -27.92 61.83
N VAL A 131 -38.36 -26.91 62.03
CA VAL A 131 -37.95 -25.74 62.81
C VAL A 131 -37.58 -26.15 64.23
N VAL A 132 -38.43 -26.97 64.86
CA VAL A 132 -38.15 -27.38 66.23
C VAL A 132 -36.86 -28.18 66.31
N GLN A 133 -36.64 -29.10 65.36
CA GLN A 133 -35.44 -29.92 65.41
C GLN A 133 -34.18 -29.07 65.25
N GLN A 134 -34.20 -28.13 64.32
CA GLN A 134 -33.03 -27.25 64.16
C GLN A 134 -32.80 -26.39 65.39
N LEU A 135 -33.88 -25.87 65.99
CA LEU A 135 -33.73 -25.04 67.17
C LEU A 135 -33.19 -25.86 68.33
N MET A 136 -33.51 -27.16 68.37
CA MET A 136 -32.97 -28.04 69.40
C MET A 136 -31.49 -28.31 69.17
N LEU A 137 -31.11 -28.55 67.92
CA LEU A 137 -29.70 -28.77 67.60
C LEU A 137 -28.87 -27.54 67.95
N GLY A 138 -29.41 -26.35 67.69
CA GLY A 138 -28.70 -25.13 68.04
C GLY A 138 -28.39 -25.04 69.52
N GLY A 139 -29.36 -25.43 70.36
CA GLY A 139 -29.12 -25.44 71.79
C GLY A 139 -28.12 -26.50 72.21
N ILE A 140 -28.19 -27.68 71.59
CA ILE A 140 -27.31 -28.77 71.99
C ILE A 140 -25.86 -28.47 71.65
N SER A 141 -25.60 -27.99 70.42
CA SER A 141 -24.24 -27.94 69.91
C SER A 141 -23.53 -26.62 70.19
N ASN A 142 -24.09 -25.74 71.01
CA ASN A 142 -23.55 -24.40 71.16
C ASN A 142 -23.27 -24.00 72.60
N THR A 143 -23.06 -24.96 73.50
CA THR A 143 -22.73 -24.60 74.88
C THR A 143 -21.25 -24.27 75.00
N LYS A 144 -20.84 -23.87 76.20
CA LYS A 144 -19.48 -23.40 76.41
C LYS A 144 -18.47 -24.52 76.24
N ALA A 145 -18.92 -25.78 76.34
CA ALA A 145 -17.99 -26.90 76.32
C ALA A 145 -17.24 -26.98 75.00
N GLN A 146 -17.95 -26.80 73.88
CA GLN A 146 -17.32 -26.99 72.58
C GLN A 146 -16.62 -25.71 72.10
N ARG A 147 -17.34 -24.59 72.12
CA ARG A 147 -16.83 -23.39 71.46
C ARG A 147 -15.68 -22.76 72.24
N THR A 148 -15.82 -22.63 73.56
CA THR A 148 -14.78 -22.09 74.43
C THR A 148 -14.30 -20.71 73.95
N ASN A 149 -15.23 -19.75 74.01
CA ASN A 149 -15.21 -18.31 73.70
C ASN A 149 -16.15 -18.03 72.54
N PRO A 150 -16.98 -17.00 72.64
CA PRO A 150 -17.95 -16.71 71.59
C PRO A 150 -17.34 -15.85 70.48
N ARG A 151 -17.90 -16.03 69.29
CA ARG A 151 -17.68 -15.05 68.23
C ARG A 151 -18.31 -13.73 68.65
N VAL A 152 -17.75 -12.63 68.13
CA VAL A 152 -18.23 -11.30 68.48
C VAL A 152 -18.20 -11.16 70.00
N PRO A 153 -17.02 -10.96 70.62
CA PRO A 153 -16.87 -11.22 72.06
C PRO A 153 -17.91 -10.57 72.95
N GLY A 154 -18.68 -9.60 72.44
CA GLY A 154 -19.71 -8.98 73.26
C GLY A 154 -20.86 -9.89 73.60
N HIS A 155 -21.29 -10.74 72.67
CA HIS A 155 -22.61 -11.37 72.78
C HIS A 155 -22.63 -12.47 73.84
N GLY A 156 -21.87 -13.54 73.63
CA GLY A 156 -21.99 -14.70 74.47
C GLY A 156 -22.39 -15.95 73.71
N PHE A 157 -22.83 -16.95 74.47
CA PHE A 157 -23.11 -18.28 73.95
C PHE A 157 -24.37 -18.85 74.58
N SER A 158 -24.93 -19.87 73.93
CA SER A 158 -26.18 -20.48 74.38
C SER A 158 -25.92 -21.44 75.54
N ILE A 159 -27.00 -21.83 76.21
CA ILE A 159 -26.95 -22.57 77.47
C ILE A 159 -27.67 -23.89 77.32
N ASN A 160 -27.09 -24.95 77.87
CA ASN A 160 -27.69 -26.28 77.91
C ASN A 160 -27.62 -26.82 79.34
N VAL A 161 -28.64 -27.59 79.72
CA VAL A 161 -28.69 -28.23 81.02
C VAL A 161 -29.16 -29.67 80.83
N ASN A 162 -28.66 -30.57 81.68
CA ASN A 162 -28.90 -31.99 81.55
C ASN A 162 -29.69 -32.50 82.74
N ILE A 163 -30.48 -33.55 82.50
CA ILE A 163 -31.37 -34.12 83.52
C ILE A 163 -31.28 -35.64 83.47
N THR A 164 -31.26 -36.25 84.66
CA THR A 164 -31.28 -37.69 84.75
C THR A 164 -32.60 -38.25 84.24
N ALA A 165 -32.53 -39.44 83.64
CA ALA A 165 -33.70 -40.02 82.97
C ALA A 165 -34.84 -40.26 83.94
N ASP A 166 -34.56 -40.96 85.04
CA ASP A 166 -35.57 -41.14 86.07
C ASP A 166 -35.73 -39.88 86.89
N THR A 167 -36.83 -39.79 87.63
CA THR A 167 -37.14 -38.66 88.51
C THR A 167 -37.39 -37.38 87.72
N ALA A 168 -37.24 -37.45 86.39
CA ALA A 168 -37.61 -36.31 85.55
C ALA A 168 -39.13 -36.17 85.50
N GLU A 169 -39.84 -37.29 85.44
CA GLU A 169 -41.29 -37.30 85.47
C GLU A 169 -41.85 -37.81 86.80
N THR A 170 -41.03 -38.47 87.61
CA THR A 170 -41.52 -38.97 88.89
C THR A 170 -41.68 -37.83 89.90
N SER A 171 -40.71 -36.91 89.96
CA SER A 171 -40.74 -35.82 90.92
C SER A 171 -40.94 -34.50 90.19
N PRO A 172 -42.08 -33.83 90.36
CA PRO A 172 -42.27 -32.52 89.70
C PRO A 172 -41.28 -31.47 90.15
N GLN A 173 -40.82 -31.54 91.40
CA GLN A 173 -39.87 -30.55 91.91
C GLN A 173 -38.59 -30.55 91.11
N TYR A 174 -38.08 -31.74 90.77
CA TYR A 174 -36.84 -31.84 90.01
C TYR A 174 -36.97 -31.13 88.66
N LEU A 175 -38.03 -31.44 87.92
CA LEU A 175 -38.23 -30.85 86.59
C LEU A 175 -38.44 -29.34 86.69
N ALA A 176 -39.25 -28.89 87.67
CA ALA A 176 -39.50 -27.47 87.81
C ALA A 176 -38.21 -26.71 88.14
N ALA A 177 -37.40 -27.27 89.04
CA ALA A 177 -36.13 -26.63 89.39
C ALA A 177 -35.21 -26.59 88.18
N ALA A 178 -35.16 -27.66 87.39
CA ALA A 178 -34.31 -27.66 86.21
C ALA A 178 -34.74 -26.59 85.21
N ILE A 179 -36.05 -26.49 84.96
CA ILE A 179 -36.53 -25.50 83.99
C ILE A 179 -36.23 -24.09 84.48
N GLU A 180 -36.50 -23.81 85.76
CA GLU A 180 -36.22 -22.47 86.28
C GLU A 180 -34.74 -22.16 86.25
N TYR A 181 -33.89 -23.16 86.54
CA TYR A 181 -32.45 -22.97 86.49
C TYR A 181 -31.98 -22.62 85.09
N ALA A 182 -32.46 -23.36 84.08
CA ALA A 182 -32.10 -23.04 82.71
C ALA A 182 -32.58 -21.65 82.33
N LEU A 183 -33.80 -21.31 82.72
CA LEU A 183 -34.35 -20.00 82.36
C LEU A 183 -33.55 -18.87 82.99
N GLU A 184 -33.15 -19.01 84.25
CA GLU A 184 -32.40 -17.94 84.90
C GLU A 184 -30.97 -17.86 84.34
N GLN A 185 -30.36 -19.00 84.02
CA GLN A 185 -29.02 -18.95 83.43
C GLN A 185 -29.07 -18.30 82.05
N GLN A 186 -30.21 -18.44 81.35
CA GLN A 186 -30.39 -17.64 80.15
C GLN A 186 -30.54 -16.17 80.48
N LEU A 187 -31.42 -15.84 81.44
CA LEU A 187 -31.78 -14.45 81.68
C LEU A 187 -30.61 -13.65 82.24
N GLU A 188 -29.57 -14.32 82.75
CA GLU A 188 -28.40 -13.59 83.23
C GLU A 188 -27.68 -12.86 82.10
N GLN A 189 -27.97 -13.21 80.84
CA GLN A 189 -27.31 -12.59 79.69
C GLN A 189 -28.17 -11.55 78.98
N GLU A 190 -29.03 -10.84 79.71
CA GLU A 190 -29.83 -9.75 79.15
C GLU A 190 -30.67 -10.22 77.96
N VAL A 191 -31.60 -11.13 78.22
CA VAL A 191 -32.38 -11.73 77.13
C VAL A 191 -33.69 -10.99 76.88
N ASP A 192 -33.99 -9.95 77.67
CA ASP A 192 -35.23 -9.20 77.50
C ASP A 192 -36.44 -10.11 77.69
N ILE A 193 -36.66 -10.52 78.95
CA ILE A 193 -37.57 -11.61 79.31
C ILE A 193 -38.88 -11.58 78.53
N SER A 194 -39.37 -10.40 78.15
CA SER A 194 -40.67 -10.32 77.49
C SER A 194 -40.70 -11.14 76.20
N ASP A 195 -39.58 -11.24 75.49
CA ASP A 195 -39.58 -11.88 74.18
C ASP A 195 -39.68 -13.40 74.28
N LEU A 196 -38.92 -14.00 75.20
CA LEU A 196 -38.68 -15.44 75.11
C LEU A 196 -39.96 -16.24 75.38
N VAL A 197 -40.02 -17.43 74.77
CA VAL A 197 -41.19 -18.30 74.82
C VAL A 197 -40.71 -19.72 75.08
N ILE A 198 -41.46 -20.45 75.90
CA ILE A 198 -41.16 -21.83 76.27
C ILE A 198 -42.00 -22.76 75.43
N LEU A 199 -41.43 -23.87 75.00
CA LEU A 199 -42.06 -24.87 74.15
C LEU A 199 -41.71 -26.23 74.71
N MET A 200 -42.72 -27.02 75.08
CA MET A 200 -42.48 -28.27 75.78
C MET A 200 -43.66 -29.21 75.61
N PRO A 201 -43.42 -30.51 75.50
CA PRO A 201 -44.47 -31.43 75.09
C PRO A 201 -45.53 -31.63 76.16
N TRP A 202 -46.65 -32.24 75.74
CA TRP A 202 -47.81 -32.39 76.60
C TRP A 202 -47.50 -33.31 77.78
N LYS A 203 -46.75 -34.38 77.54
CA LYS A 203 -46.47 -35.37 78.58
C LYS A 203 -45.76 -34.74 79.77
N PHE A 204 -44.77 -33.89 79.50
CA PHE A 204 -44.05 -33.23 80.59
C PHE A 204 -44.80 -31.99 81.07
N PHE A 205 -45.69 -31.45 80.23
CA PHE A 205 -46.55 -30.37 80.67
C PHE A 205 -47.49 -30.83 81.78
N ASN A 206 -48.00 -32.05 81.66
CA ASN A 206 -48.81 -32.60 82.74
C ASN A 206 -48.01 -32.70 84.03
N ALA A 207 -46.75 -33.15 83.94
CA ALA A 207 -45.92 -33.26 85.13
C ALA A 207 -45.66 -31.90 85.76
N LEU A 208 -45.42 -30.88 84.93
CA LEU A 208 -45.18 -29.55 85.46
C LEU A 208 -46.46 -28.93 86.02
N ARG A 209 -47.59 -29.38 85.54
CA ARG A 209 -48.87 -28.85 85.99
C ARG A 209 -49.05 -29.11 87.48
N ASP A 210 -48.58 -30.26 87.95
CA ASP A 210 -48.80 -30.64 89.34
C ASP A 210 -48.29 -29.56 90.29
N MET A 211 -47.11 -29.01 90.02
CA MET A 211 -46.71 -27.79 90.68
C MET A 211 -47.55 -26.63 90.15
N ASP A 212 -47.77 -25.63 91.00
CA ASP A 212 -48.65 -24.52 90.67
C ASP A 212 -48.05 -23.56 89.65
N ARG A 213 -46.94 -23.92 89.01
CA ARG A 213 -46.25 -23.00 88.12
C ARG A 213 -47.13 -22.55 86.96
N ILE A 214 -47.83 -23.48 86.31
CA ILE A 214 -48.57 -23.17 85.10
C ILE A 214 -49.92 -22.57 85.48
N VAL A 215 -50.15 -21.33 85.07
CA VAL A 215 -51.43 -20.64 85.26
C VAL A 215 -51.79 -19.93 83.97
N ASP A 216 -53.09 -19.79 83.72
CA ASP A 216 -53.52 -19.13 82.49
C ASP A 216 -53.36 -17.61 82.59
N ARG A 217 -53.35 -16.95 81.44
CA ARG A 217 -53.21 -15.50 81.40
C ARG A 217 -53.76 -14.93 80.10
N GLN A 228 -54.72 -17.44 74.43
CA GLN A 228 -55.03 -17.94 75.76
C GLN A 228 -53.88 -18.81 76.28
N GLY A 229 -52.65 -18.32 76.10
CA GLY A 229 -51.49 -19.10 76.47
C GLY A 229 -51.32 -19.19 77.98
N PHE A 230 -50.42 -20.07 78.40
CA PHE A 230 -50.14 -20.29 79.81
C PHE A 230 -48.84 -19.60 80.21
N ALA A 231 -48.59 -19.52 81.50
CA ALA A 231 -47.39 -18.83 81.98
C ALA A 231 -47.00 -19.36 83.36
N LEU A 232 -45.71 -19.21 83.68
CA LEU A 232 -45.20 -19.53 85.00
C LEU A 232 -45.59 -18.45 85.99
N LYS A 233 -45.64 -18.82 87.28
CA LYS A 233 -45.92 -17.84 88.32
C LYS A 233 -44.83 -16.77 88.38
N SER A 234 -43.62 -17.19 88.76
CA SER A 234 -42.46 -16.32 88.69
C SER A 234 -41.87 -16.39 87.29
N PHE A 235 -41.31 -15.27 86.84
CA PHE A 235 -40.82 -15.14 85.47
C PHE A 235 -41.93 -15.40 84.46
N ASN A 236 -42.93 -14.52 84.51
CA ASN A 236 -44.13 -14.69 83.68
C ASN A 236 -43.74 -14.66 82.20
N VAL A 237 -43.80 -15.82 81.56
CA VAL A 237 -43.49 -15.96 80.14
C VAL A 237 -44.51 -16.90 79.51
N PRO A 238 -44.91 -16.68 78.26
CA PRO A 238 -45.89 -17.58 77.64
C PRO A 238 -45.34 -18.99 77.51
N VAL A 239 -46.23 -19.97 77.68
CA VAL A 239 -45.89 -21.39 77.53
C VAL A 239 -46.79 -21.96 76.44
N VAL A 240 -46.17 -22.54 75.42
CA VAL A 240 -46.88 -23.15 74.31
C VAL A 240 -46.55 -24.63 74.31
N PRO A 241 -47.51 -25.52 74.60
CA PRO A 241 -47.22 -26.96 74.52
C PRO A 241 -47.47 -27.51 73.13
N SER A 242 -46.53 -28.29 72.60
CA SER A 242 -46.63 -28.82 71.26
C SER A 242 -46.22 -30.28 71.23
N ASN A 243 -46.72 -30.99 70.24
CA ASN A 243 -46.41 -32.40 70.03
C ASN A 243 -45.28 -32.59 69.02
N ARG A 244 -44.77 -31.52 68.42
CA ARG A 244 -43.77 -31.61 67.37
C ARG A 244 -42.38 -31.67 68.01
N PHE A 245 -41.91 -32.88 68.25
CA PHE A 245 -40.61 -33.08 68.89
C PHE A 245 -39.87 -34.20 68.16
N PRO A 246 -38.54 -34.25 68.27
CA PRO A 246 -37.78 -35.31 67.62
C PRO A 246 -38.12 -36.68 68.19
N LYS A 247 -37.92 -37.72 67.37
CA LYS A 247 -38.30 -39.07 67.76
C LYS A 247 -37.10 -40.01 67.87
N PHE A 248 -36.21 -40.00 66.87
CA PHE A 248 -35.03 -40.88 66.83
C PHE A 248 -35.46 -42.35 66.89
N SER A 249 -36.12 -42.78 65.81
CA SER A 249 -36.58 -44.17 65.70
C SER A 249 -35.44 -45.17 65.57
N GLN A 250 -34.20 -44.71 65.34
CA GLN A 250 -33.04 -45.58 65.20
C GLN A 250 -33.22 -46.57 64.05
N GLY A 251 -33.16 -46.03 62.83
CA GLY A 251 -33.34 -46.84 61.64
C GLY A 251 -34.04 -46.10 60.52
N ALA A 252 -34.63 -44.95 60.83
CA ALA A 252 -35.18 -44.10 59.79
C ALA A 252 -34.05 -43.62 58.88
N ALA A 253 -34.31 -43.63 57.57
CA ALA A 253 -33.25 -43.34 56.61
C ALA A 253 -32.70 -41.94 56.79
N HIS A 254 -33.52 -40.93 56.51
CA HIS A 254 -33.09 -39.54 56.59
C HIS A 254 -34.31 -38.65 56.70
N HIS A 255 -34.06 -37.38 57.04
CA HIS A 255 -35.15 -36.42 57.18
C HIS A 255 -35.72 -36.00 55.83
N LYS A 256 -35.02 -36.32 54.73
CA LYS A 256 -35.28 -35.95 53.34
C LYS A 256 -34.90 -34.50 53.04
N LEU A 257 -34.52 -33.72 54.06
CA LEU A 257 -33.97 -32.40 53.87
C LEU A 257 -32.48 -32.35 54.11
N SER A 258 -31.82 -33.49 54.24
CA SER A 258 -30.40 -33.57 54.54
C SER A 258 -29.65 -34.18 53.37
N ASN A 259 -28.56 -33.54 52.97
CA ASN A 259 -27.68 -34.05 51.93
C ASN A 259 -26.27 -34.20 52.51
N ALA A 260 -25.34 -34.63 51.66
CA ALA A 260 -23.97 -34.80 52.11
C ALA A 260 -23.30 -33.45 52.38
N ASP A 261 -23.70 -32.42 51.63
CA ASP A 261 -22.98 -31.15 51.68
C ASP A 261 -23.24 -30.39 52.98
N ASN A 262 -24.45 -30.53 53.54
CA ASN A 262 -24.79 -29.75 54.72
C ASN A 262 -24.46 -30.45 56.03
N GLY A 263 -23.68 -31.52 55.99
CA GLY A 263 -23.27 -32.20 57.20
C GLY A 263 -24.34 -33.02 57.87
N PHE A 264 -25.40 -33.38 57.14
CA PHE A 264 -26.50 -34.17 57.66
C PHE A 264 -27.16 -33.51 58.86
N ARG A 265 -27.53 -32.24 58.69
CA ARG A 265 -28.42 -31.61 59.65
C ARG A 265 -29.83 -32.16 59.47
N TYR A 266 -30.77 -31.58 60.21
CA TYR A 266 -32.19 -31.95 60.19
C TYR A 266 -32.43 -33.39 60.65
N ASP A 267 -31.38 -34.11 61.04
CA ASP A 267 -31.48 -35.52 61.41
C ASP A 267 -31.39 -35.62 62.93
N THR A 268 -32.36 -36.30 63.53
CA THR A 268 -32.43 -36.36 64.99
C THR A 268 -31.36 -37.29 65.53
N THR A 269 -30.40 -36.73 66.28
CA THR A 269 -29.35 -37.52 66.88
C THR A 269 -29.85 -38.19 68.16
N ALA A 270 -28.99 -39.03 68.74
CA ALA A 270 -29.38 -39.76 69.94
C ALA A 270 -29.71 -38.86 71.13
N PRO A 271 -28.88 -37.89 71.52
CA PRO A 271 -29.25 -37.07 72.69
C PRO A 271 -30.45 -36.17 72.45
N MET A 272 -30.83 -35.97 71.18
CA MET A 272 -31.92 -35.03 70.88
C MET A 272 -33.25 -35.53 71.43
N ALA A 273 -33.48 -36.83 71.40
CA ALA A 273 -34.77 -37.37 71.79
C ALA A 273 -35.02 -37.19 73.28
N GLY A 274 -36.27 -36.94 73.63
CA GLY A 274 -36.70 -36.88 75.01
C GLY A 274 -36.49 -35.54 75.71
N ALA A 275 -36.31 -34.46 74.98
CA ALA A 275 -36.13 -33.16 75.60
C ALA A 275 -37.40 -32.74 76.34
N VAL A 276 -37.23 -32.20 77.55
CA VAL A 276 -38.39 -31.87 78.37
C VAL A 276 -38.94 -30.50 77.98
N ALA A 277 -38.07 -29.57 77.61
CA ALA A 277 -38.49 -28.21 77.28
C ALA A 277 -37.42 -27.52 76.47
N VAL A 278 -37.80 -26.43 75.81
CA VAL A 278 -36.87 -25.61 75.05
C VAL A 278 -37.38 -24.17 75.03
N ILE A 279 -36.46 -23.22 75.19
CA ILE A 279 -36.79 -21.81 75.31
C ILE A 279 -36.15 -21.06 74.17
N PHE A 280 -36.93 -20.26 73.46
CA PHE A 280 -36.41 -19.53 72.31
C PHE A 280 -37.00 -18.14 72.24
N SER A 281 -36.21 -17.20 71.72
CA SER A 281 -36.65 -15.83 71.50
C SER A 281 -37.00 -15.63 70.03
N MET A 282 -37.27 -14.36 69.67
CA MET A 282 -37.70 -14.05 68.31
C MET A 282 -36.58 -14.31 67.31
N ASP A 283 -35.47 -13.60 67.43
CA ASP A 283 -34.38 -13.69 66.46
C ASP A 283 -33.40 -14.79 66.81
N ALA A 284 -33.91 -16.02 66.99
CA ALA A 284 -33.08 -17.15 67.36
C ALA A 284 -32.66 -18.02 66.18
N LEU A 285 -33.31 -17.87 65.03
CA LEU A 285 -33.00 -18.69 63.87
C LEU A 285 -32.94 -17.82 62.62
N LEU A 286 -32.17 -18.28 61.64
CA LEU A 286 -32.15 -17.70 60.31
C LEU A 286 -32.84 -18.67 59.37
N VAL A 287 -33.94 -18.23 58.77
CA VAL A 287 -34.79 -19.08 57.95
C VAL A 287 -34.86 -18.50 56.54
N GLY A 288 -34.64 -19.34 55.54
CA GLY A 288 -34.70 -18.91 54.16
C GLY A 288 -35.82 -19.57 53.38
N ARG A 289 -36.55 -18.76 52.62
CA ARG A 289 -37.64 -19.23 51.76
C ARG A 289 -37.40 -18.69 50.36
N THR A 290 -37.24 -19.59 49.40
CA THR A 290 -37.12 -19.15 48.00
C THR A 290 -38.43 -19.30 47.26
N ILE A 291 -39.28 -20.23 47.70
CA ILE A 291 -40.60 -20.46 47.11
C ILE A 291 -41.61 -20.55 48.24
N GLU A 292 -42.61 -19.69 48.21
CA GLU A 292 -43.74 -19.86 49.12
C GLU A 292 -44.64 -20.98 48.61
N LEU A 293 -45.32 -21.65 49.53
CA LEU A 293 -46.11 -22.81 49.14
C LEU A 293 -47.30 -22.37 48.29
N THR A 294 -47.44 -23.02 47.13
CA THR A 294 -48.51 -22.76 46.19
C THR A 294 -49.10 -24.07 45.70
N GLY A 295 -50.39 -24.07 45.42
CA GLY A 295 -51.04 -25.25 44.91
C GLY A 295 -51.79 -24.98 43.62
N ASP A 296 -51.52 -25.78 42.58
CA ASP A 296 -52.13 -25.59 41.28
C ASP A 296 -52.74 -26.89 40.79
N ILE A 297 -54.01 -26.82 40.37
CA ILE A 297 -54.74 -27.96 39.84
C ILE A 297 -54.77 -27.81 38.32
N PHE A 298 -54.20 -28.77 37.60
CA PHE A 298 -54.10 -28.68 36.16
C PHE A 298 -54.50 -29.99 35.51
N TRP A 299 -55.22 -29.86 34.40
CA TRP A 299 -55.66 -31.01 33.59
C TRP A 299 -54.79 -31.10 32.35
N GLU A 300 -54.21 -32.27 32.12
CA GLU A 300 -53.39 -32.48 30.92
C GLU A 300 -54.18 -33.34 29.94
N LYS A 301 -54.07 -33.01 28.65
CA LYS A 301 -54.88 -33.65 27.62
C LYS A 301 -54.53 -35.12 27.46
N LYS A 302 -53.27 -35.49 27.71
CA LYS A 302 -52.79 -36.80 27.27
C LYS A 302 -53.37 -37.93 28.12
N GLU A 303 -53.45 -37.74 29.43
CA GLU A 303 -53.77 -38.85 30.33
C GLU A 303 -54.94 -38.58 31.27
N LYS A 304 -55.61 -37.43 31.16
CA LYS A 304 -56.88 -37.18 31.85
C LYS A 304 -56.76 -37.32 33.36
N THR A 305 -56.02 -36.40 33.99
CA THR A 305 -55.73 -36.47 35.42
C THR A 305 -55.63 -35.04 35.96
N PHE A 306 -55.63 -34.88 37.29
CA PHE A 306 -55.78 -33.54 37.85
C PHE A 306 -54.53 -33.06 38.60
N TYR A 307 -53.81 -33.95 39.29
CA TYR A 307 -52.47 -33.62 39.76
C TYR A 307 -52.37 -32.41 40.69
N ILE A 308 -52.85 -32.52 41.93
CA ILE A 308 -52.96 -31.36 42.82
C ILE A 308 -51.60 -30.68 43.04
N ASP A 309 -50.57 -31.45 43.39
CA ASP A 309 -49.18 -31.04 43.18
C ASP A 309 -48.77 -29.75 43.91
N THR A 310 -48.62 -29.82 45.24
CA THR A 310 -48.14 -28.66 46.01
C THR A 310 -46.69 -28.86 46.49
N TYR A 311 -45.93 -27.76 46.59
CA TYR A 311 -44.52 -27.79 46.94
C TYR A 311 -44.14 -26.65 47.90
N LEU A 312 -43.08 -26.86 48.69
CA LEU A 312 -42.71 -25.94 49.78
C LEU A 312 -41.35 -25.26 49.62
N ALA A 313 -40.25 -26.02 49.60
CA ALA A 313 -38.90 -25.49 49.33
C ALA A 313 -38.43 -24.43 50.34
N GLU A 314 -38.14 -24.84 51.58
CA GLU A 314 -37.57 -23.93 52.58
C GLU A 314 -36.29 -24.49 53.19
N GLY A 315 -35.63 -23.66 54.00
CA GLY A 315 -34.51 -24.11 54.81
C GLY A 315 -34.35 -23.23 56.03
N ALA A 316 -33.55 -23.71 57.00
CA ALA A 316 -33.39 -23.00 58.26
C ALA A 316 -32.07 -23.37 58.95
N ILE A 317 -31.67 -22.55 59.91
CA ILE A 317 -30.41 -22.74 60.66
C ILE A 317 -30.51 -21.99 61.97
N PRO A 318 -29.82 -22.48 63.02
CA PRO A 318 -29.71 -21.69 64.25
C PRO A 318 -28.82 -20.46 64.06
N ASP A 319 -29.28 -19.31 64.55
CA ASP A 319 -28.63 -18.04 64.27
C ASP A 319 -28.09 -17.34 65.51
N ARG A 320 -28.95 -17.02 66.48
CA ARG A 320 -28.57 -16.04 67.51
C ARG A 320 -27.47 -16.58 68.41
N TRP A 321 -27.45 -17.89 68.62
CA TRP A 321 -26.37 -18.56 69.32
C TRP A 321 -26.42 -18.25 70.82
N GLU A 322 -27.36 -17.39 71.22
CA GLU A 322 -27.49 -16.95 72.60
C GLU A 322 -28.92 -16.99 73.14
N ALA A 323 -29.91 -16.94 72.26
CA ALA A 323 -31.32 -16.86 72.68
C ALA A 323 -32.00 -18.21 72.72
N VAL A 324 -31.25 -19.30 72.60
CA VAL A 324 -31.81 -20.65 72.63
C VAL A 324 -31.29 -21.37 73.86
N SER A 325 -32.20 -21.93 74.64
CA SER A 325 -31.85 -22.75 75.78
C SER A 325 -32.57 -24.08 75.65
N VAL A 326 -31.87 -25.17 75.97
CA VAL A 326 -32.41 -26.51 75.79
C VAL A 326 -32.14 -27.31 77.04
N VAL A 327 -33.11 -28.15 77.41
CA VAL A 327 -33.12 -28.78 78.73
C VAL A 327 -33.16 -30.30 78.54
N THR A 328 -32.50 -30.79 77.49
CA THR A 328 -32.54 -32.21 77.17
C THR A 328 -32.07 -33.07 78.33
N THR A 329 -32.74 -34.21 78.53
CA THR A 329 -32.33 -35.20 79.50
C THR A 329 -31.23 -36.09 78.94
N ALA A 330 -30.55 -36.81 79.83
CA ALA A 330 -29.50 -37.72 79.40
C ALA A 330 -30.10 -38.89 78.63
N ARG A 331 -29.43 -39.25 77.53
CA ARG A 331 -29.91 -40.31 76.64
C ARG A 331 -28.75 -41.25 76.32
N ASN A 332 -29.08 -42.52 76.11
CA ASN A 332 -28.08 -43.49 75.68
C ASN A 332 -27.75 -43.27 74.21
N ALA A 333 -26.48 -43.44 73.88
CA ALA A 333 -26.04 -43.27 72.49
C ALA A 333 -26.50 -44.43 71.63
N THR A 334 -26.65 -44.17 70.33
CA THR A 334 -26.96 -45.12 69.27
C THR A 334 -28.33 -45.78 69.43
N THR A 335 -29.13 -45.40 70.42
CA THR A 335 -30.43 -46.03 70.65
C THR A 335 -31.22 -45.15 71.61
N GLY A 336 -32.33 -45.68 72.11
CA GLY A 336 -33.18 -45.04 73.10
C GLY A 336 -32.71 -45.32 74.50
N ASP A 337 -33.59 -45.96 75.28
CA ASP A 337 -33.31 -46.56 76.59
C ASP A 337 -32.24 -45.80 77.38
N PRO A 338 -32.54 -44.58 77.83
CA PRO A 338 -31.47 -43.64 78.24
C PRO A 338 -30.49 -44.20 79.26
N ASP A 339 -30.95 -44.61 80.44
CA ASP A 339 -30.07 -45.10 81.50
C ASP A 339 -28.94 -44.12 81.79
N GLY A 340 -29.27 -42.83 81.85
CA GLY A 340 -28.29 -41.78 81.99
C GLY A 340 -28.34 -41.15 83.38
N THR A 341 -27.16 -40.92 83.95
CA THR A 341 -27.07 -40.26 85.24
C THR A 341 -27.31 -38.76 85.11
N GLY A 342 -26.84 -38.16 84.02
CA GLY A 342 -26.98 -36.73 83.83
C GLY A 342 -25.77 -35.97 84.30
N ALA A 343 -25.06 -35.33 83.37
CA ALA A 343 -23.83 -34.62 83.73
C ALA A 343 -24.11 -33.44 84.64
N ASP A 344 -25.10 -32.62 84.29
CA ASP A 344 -25.43 -31.42 85.07
C ASP A 344 -26.55 -31.74 86.05
N ASP A 345 -26.26 -32.67 86.96
CA ASP A 345 -27.24 -33.12 87.96
C ASP A 345 -26.95 -32.63 89.36
N THR A 346 -25.68 -32.66 89.80
CA THR A 346 -25.36 -32.37 91.20
C THR A 346 -25.92 -31.02 91.63
N VAL A 347 -25.94 -30.04 90.72
CA VAL A 347 -26.49 -28.74 91.06
C VAL A 347 -28.02 -28.81 91.14
N VAL A 348 -28.66 -29.36 90.11
CA VAL A 348 -30.11 -29.18 89.97
C VAL A 348 -30.85 -29.86 91.11
N THR A 349 -30.38 -31.04 91.53
CA THR A 349 -31.02 -31.71 92.66
C THR A 349 -30.95 -30.85 93.92
N LYS A 350 -29.83 -30.17 94.13
CA LYS A 350 -29.73 -29.24 95.26
C LYS A 350 -30.77 -28.15 95.16
N ARG A 351 -31.06 -27.68 93.94
CA ARG A 351 -32.13 -26.71 93.75
C ARG A 351 -33.49 -27.38 93.96
N ALA A 352 -33.62 -28.65 93.58
CA ALA A 352 -34.90 -29.33 93.70
C ALA A 352 -35.34 -29.44 95.15
N ASN A 353 -34.39 -29.69 96.05
CA ASN A 353 -34.70 -29.74 97.47
C ASN A 353 -34.89 -28.36 98.08
N ARG A 354 -34.68 -27.30 97.31
CA ARG A 354 -34.81 -25.95 97.85
C ARG A 354 -36.23 -25.65 98.31
N LYS A 355 -37.22 -26.07 97.54
CA LYS A 355 -38.62 -25.73 97.80
C LYS A 355 -39.23 -26.80 98.70
N VAL A 356 -39.33 -26.49 100.00
CA VAL A 356 -39.92 -27.40 100.98
C VAL A 356 -40.83 -26.58 101.89
N ILE A 357 -41.56 -27.29 102.75
CA ILE A 357 -42.45 -26.68 103.73
C ILE A 357 -42.05 -27.18 105.11
N LEU A 358 -41.99 -26.26 106.08
CA LEU A 358 -41.48 -26.61 107.41
C LEU A 358 -42.32 -27.71 108.05
N THR A 359 -43.64 -27.57 108.02
CA THR A 359 -44.57 -28.62 108.46
C THR A 359 -44.29 -29.06 109.90
N LYS A 360 -44.49 -28.14 110.83
CA LYS A 360 -44.37 -28.48 112.25
C LYS A 360 -45.50 -29.41 112.66
N ALA A 361 -45.15 -30.47 113.37
CA ALA A 361 -46.15 -31.45 113.82
C ALA A 361 -47.05 -30.85 114.88
N VAL A 362 -48.24 -31.42 115.05
CA VAL A 362 -49.19 -30.92 116.03
C VAL A 362 -48.73 -31.30 117.44
N SER B 2 42.47 65.09 29.07
CA SER B 2 43.19 63.85 29.25
C SER B 2 42.25 62.65 29.20
N THR B 3 41.79 62.22 30.38
CA THR B 3 40.88 61.09 30.48
C THR B 3 40.11 61.20 31.79
N PRO B 4 38.85 60.77 31.82
CA PRO B 4 38.14 60.74 33.10
C PRO B 4 38.78 59.73 34.05
N ASN B 5 38.76 60.05 35.33
CA ASN B 5 39.33 59.16 36.33
C ASN B 5 38.54 59.26 37.62
N VAL B 6 38.53 58.16 38.37
CA VAL B 6 37.72 58.02 39.58
C VAL B 6 36.29 58.33 39.18
N LEU B 7 35.73 57.51 38.30
CA LEU B 7 34.36 57.70 37.85
C LEU B 7 33.39 57.45 38.99
N THR B 8 32.35 58.29 39.08
CA THR B 8 31.30 58.04 40.05
C THR B 8 30.50 56.81 39.64
N ASN B 9 30.32 55.88 40.58
CA ASN B 9 29.63 54.63 40.33
C ASN B 9 28.63 54.39 41.45
N VAL B 10 27.34 54.33 41.10
CA VAL B 10 26.30 54.07 42.08
C VAL B 10 26.10 52.58 42.32
N ALA B 11 26.62 51.74 41.44
CA ALA B 11 26.46 50.30 41.57
C ALA B 11 27.50 49.65 42.47
N VAL B 12 28.37 50.43 43.10
CA VAL B 12 29.43 49.89 43.95
C VAL B 12 29.16 50.34 45.38
N SER B 13 29.38 49.43 46.33
CA SER B 13 29.11 49.73 47.73
C SER B 13 30.35 50.31 48.40
N HIS B 14 30.18 51.45 49.06
CA HIS B 14 31.30 52.09 49.75
C HIS B 14 31.78 51.25 50.92
N SER B 15 30.86 50.66 51.67
CA SER B 15 31.24 49.85 52.82
C SER B 15 31.99 48.59 52.40
N GLY B 16 31.55 47.94 51.34
CA GLY B 16 32.09 46.67 50.93
C GLY B 16 31.44 45.46 51.56
N GLU B 17 30.46 45.65 52.43
CA GLU B 17 29.77 44.52 53.03
C GLU B 17 28.95 43.74 52.01
N VAL B 18 28.38 44.42 51.01
CA VAL B 18 27.58 43.80 49.99
C VAL B 18 28.16 44.16 48.63
N ASP B 19 28.05 43.23 47.68
CA ASP B 19 28.63 43.40 46.36
C ASP B 19 27.53 43.74 45.35
N SER B 20 27.78 44.75 44.52
CA SER B 20 26.90 45.08 43.39
C SER B 20 25.48 45.34 43.86
N LEU B 21 25.28 46.43 44.60
CA LEU B 21 23.98 46.70 45.19
C LEU B 21 22.96 47.10 44.12
N LEU B 22 22.67 46.16 43.23
CA LEU B 22 21.66 46.33 42.18
C LEU B 22 20.67 45.19 42.28
N ILE B 23 19.38 45.53 42.34
CA ILE B 23 18.33 44.55 42.56
C ILE B 23 17.90 43.98 41.22
N GLU B 24 18.14 42.68 41.02
CA GLU B 24 17.70 42.03 39.79
C GLU B 24 16.19 42.10 39.68
N LYS B 25 15.71 42.30 38.45
CA LYS B 25 14.29 42.45 38.18
C LYS B 25 13.72 41.13 37.67
N PHE B 26 12.63 40.69 38.27
CA PHE B 26 11.99 39.45 37.84
C PHE B 26 11.36 39.63 36.47
N ASN B 27 11.57 38.64 35.60
CA ASN B 27 10.98 38.69 34.27
C ASN B 27 9.46 38.59 34.32
N GLY B 28 8.93 37.79 35.25
CA GLY B 28 7.51 37.55 35.32
C GLY B 28 7.05 36.26 34.69
N LYS B 29 7.97 35.39 34.26
CA LYS B 29 7.63 34.11 33.66
C LYS B 29 8.10 32.99 34.58
N VAL B 30 7.18 32.09 34.91
CA VAL B 30 7.46 30.94 35.76
C VAL B 30 7.26 29.68 34.93
N ARG B 31 8.29 28.85 34.87
CA ARG B 31 8.26 27.64 34.05
C ARG B 31 7.88 26.46 34.94
N GLU B 32 6.89 25.70 34.49
CA GLU B 32 6.43 24.52 35.21
C GLU B 32 6.88 23.26 34.48
N GLN B 33 6.65 22.11 35.11
CA GLN B 33 6.97 20.85 34.47
C GLN B 33 5.99 20.55 33.35
N TYR B 34 6.52 20.18 32.19
CA TYR B 34 5.70 19.75 31.07
C TYR B 34 5.16 18.35 31.35
N LEU B 35 3.84 18.20 31.22
CA LEU B 35 3.19 16.90 31.31
C LEU B 35 1.87 16.98 30.57
N LYS B 36 1.44 15.84 30.03
CA LYS B 36 0.24 15.79 29.21
C LYS B 36 -0.61 14.61 29.64
N GLY B 37 -1.92 14.75 29.46
CA GLY B 37 -2.85 13.70 29.81
C GLY B 37 -3.45 13.02 28.60
N GLU B 38 -3.27 11.70 28.50
CA GLU B 38 -3.82 10.98 27.37
C GLU B 38 -5.33 10.84 27.49
N ASN B 39 -5.85 10.86 28.73
CA ASN B 39 -7.27 10.62 28.99
C ASN B 39 -7.70 9.30 28.38
N LEU B 40 -6.86 8.28 28.56
CA LEU B 40 -7.08 7.00 27.89
C LEU B 40 -8.22 6.22 28.53
N LEU B 41 -8.61 6.58 29.76
CA LEU B 41 -9.68 5.87 30.44
C LEU B 41 -11.04 6.13 29.82
N SER B 42 -11.14 7.07 28.88
CA SER B 42 -12.44 7.45 28.33
C SER B 42 -13.10 6.30 27.59
N HIS B 43 -12.30 5.47 26.90
CA HIS B 43 -12.89 4.37 26.11
C HIS B 43 -13.65 3.39 26.99
N PHE B 44 -13.08 3.00 28.12
CA PHE B 44 -13.69 1.99 28.97
C PHE B 44 -14.78 2.60 29.84
N GLN B 45 -15.54 1.74 30.50
CA GLN B 45 -16.62 2.13 31.39
C GLN B 45 -16.23 1.78 32.82
N VAL B 46 -16.22 2.78 33.70
CA VAL B 46 -15.86 2.55 35.09
C VAL B 46 -17.00 1.86 35.82
N GLU B 47 -16.66 1.06 36.84
CA GLU B 47 -17.67 0.26 37.52
C GLU B 47 -18.28 0.99 38.70
N THR B 48 -17.72 2.14 39.09
CA THR B 48 -18.17 2.96 40.22
C THR B 48 -18.62 2.11 41.41
N VAL B 49 -17.79 1.13 41.78
CA VAL B 49 -18.17 0.17 42.81
C VAL B 49 -18.19 0.85 44.17
N THR B 50 -19.28 0.66 44.91
CA THR B 50 -19.42 1.16 46.27
C THR B 50 -20.20 0.14 47.09
N GLY B 51 -19.93 0.10 48.39
CA GLY B 51 -20.54 -0.87 49.26
C GLY B 51 -19.94 -2.26 49.18
N THR B 52 -18.97 -2.47 48.28
CA THR B 52 -18.32 -3.76 48.11
C THR B 52 -16.96 -3.50 47.48
N ASN B 53 -16.02 -4.40 47.72
CA ASN B 53 -14.67 -4.24 47.19
C ASN B 53 -14.42 -5.07 45.94
N THR B 54 -15.45 -5.69 45.37
CA THR B 54 -15.28 -6.54 44.19
C THR B 54 -16.44 -6.32 43.22
N VAL B 55 -16.18 -6.61 41.95
CA VAL B 55 -17.19 -6.55 40.91
C VAL B 55 -17.05 -7.78 40.01
N SER B 56 -18.18 -8.41 39.70
CA SER B 56 -18.17 -9.68 38.98
C SER B 56 -18.93 -9.56 37.66
N ASN B 57 -18.77 -10.61 36.83
CA ASN B 57 -19.46 -10.74 35.56
C ASN B 57 -19.58 -12.22 35.22
N LYS B 58 -20.55 -12.55 34.38
CA LYS B 58 -20.83 -13.93 34.01
C LYS B 58 -20.83 -14.11 32.51
N TYR B 59 -20.38 -15.28 32.06
CA TYR B 59 -20.34 -15.66 30.66
C TYR B 59 -21.14 -16.93 30.44
N LEU B 60 -21.89 -16.97 29.34
CA LEU B 60 -22.68 -18.11 28.92
C LEU B 60 -21.99 -18.82 27.77
N GLY B 61 -22.40 -20.08 27.50
CA GLY B 61 -21.73 -20.88 26.50
C GLY B 61 -22.59 -21.16 25.28
N GLU B 62 -22.30 -22.31 24.67
CA GLU B 62 -22.99 -22.75 23.45
C GLU B 62 -24.27 -23.51 23.78
N THR B 63 -24.97 -23.89 22.72
CA THR B 63 -26.07 -24.84 22.77
C THR B 63 -25.99 -25.75 21.55
N GLU B 64 -26.19 -27.04 21.78
CA GLU B 64 -25.99 -28.03 20.72
C GLU B 64 -27.30 -28.34 20.02
N ILE B 65 -27.22 -28.69 18.74
CA ILE B 65 -28.37 -29.04 17.92
C ILE B 65 -28.23 -30.50 17.50
N GLN B 66 -29.37 -31.14 17.22
CA GLN B 66 -29.38 -32.57 16.93
C GLN B 66 -30.62 -32.93 16.13
N VAL B 67 -30.57 -34.11 15.50
CA VAL B 67 -31.66 -34.57 14.65
C VAL B 67 -32.79 -35.14 15.50
N LEU B 68 -34.01 -35.04 14.98
CA LEU B 68 -35.19 -35.61 15.64
C LEU B 68 -35.88 -36.57 14.67
N ALA B 69 -36.32 -37.70 15.19
CA ALA B 69 -37.27 -38.52 14.45
C ALA B 69 -38.69 -38.12 14.83
N PRO B 70 -39.64 -38.25 13.91
CA PRO B 70 -41.02 -37.86 14.23
C PRO B 70 -41.57 -38.67 15.40
N GLY B 71 -42.34 -37.98 16.24
CA GLY B 71 -42.96 -38.64 17.39
C GLY B 71 -42.02 -39.11 18.46
N GLN B 72 -41.05 -38.28 18.86
CA GLN B 72 -40.26 -38.54 20.05
C GLN B 72 -39.75 -37.23 20.61
N SER B 73 -39.31 -37.27 21.87
CA SER B 73 -38.75 -36.11 22.52
C SER B 73 -37.24 -36.25 22.62
N PRO B 74 -36.47 -35.46 21.88
CA PRO B 74 -35.01 -35.61 21.93
C PRO B 74 -34.44 -35.19 23.28
N ALA B 75 -33.27 -35.75 23.61
CA ALA B 75 -32.60 -35.42 24.84
C ALA B 75 -32.06 -34.00 24.79
N ALA B 76 -31.89 -33.39 25.97
CA ALA B 76 -31.39 -32.03 26.04
C ALA B 76 -29.87 -31.99 25.98
N THR B 77 -29.33 -30.78 25.87
CA THR B 77 -27.89 -30.54 25.90
C THR B 77 -27.58 -29.44 26.90
N PRO B 78 -26.55 -29.58 27.74
CA PRO B 78 -26.29 -28.57 28.75
C PRO B 78 -25.58 -27.34 28.18
N THR B 79 -25.64 -26.25 28.93
CA THR B 79 -24.93 -25.03 28.62
C THR B 79 -24.09 -24.63 29.84
N LYS B 80 -22.79 -24.47 29.63
CA LYS B 80 -21.91 -24.10 30.73
C LYS B 80 -21.89 -22.60 30.92
N ALA B 81 -21.38 -22.17 32.08
CA ALA B 81 -21.27 -20.76 32.41
C ALA B 81 -20.09 -20.56 33.34
N ASP B 82 -19.58 -19.33 33.39
CA ASP B 82 -18.41 -19.05 34.21
C ASP B 82 -18.47 -17.58 34.64
N LYS B 83 -17.52 -17.17 35.49
CA LYS B 83 -17.52 -15.83 36.04
C LYS B 83 -16.11 -15.25 36.09
N ASN B 84 -16.04 -13.92 36.16
CA ASN B 84 -14.79 -13.19 36.29
C ASN B 84 -14.99 -12.01 37.23
N GLN B 85 -14.02 -11.75 38.09
CA GLN B 85 -14.16 -10.74 39.13
C GLN B 85 -12.92 -9.85 39.22
N VAL B 86 -13.12 -8.65 39.75
CA VAL B 86 -12.07 -7.67 39.96
C VAL B 86 -12.17 -7.17 41.39
N VAL B 87 -11.00 -6.88 41.99
CA VAL B 87 -10.90 -6.44 43.37
C VAL B 87 -10.26 -5.05 43.39
N ILE B 88 -10.59 -4.26 44.41
CA ILE B 88 -10.00 -2.94 44.62
C ILE B 88 -9.60 -2.85 46.09
N ASP B 89 -8.31 -2.66 46.34
CA ASP B 89 -7.77 -2.72 47.70
C ASP B 89 -6.74 -1.65 48.03
N THR B 90 -6.35 -0.79 47.09
CA THR B 90 -5.25 0.12 47.32
C THR B 90 -5.62 1.52 46.83
N THR B 91 -5.15 2.53 47.57
CA THR B 91 -5.35 3.92 47.21
C THR B 91 -4.01 4.65 47.30
N VAL B 92 -3.85 5.67 46.46
CA VAL B 92 -2.62 6.45 46.38
C VAL B 92 -2.95 7.92 46.61
N ILE B 93 -2.01 8.65 47.18
CA ILE B 93 -2.20 10.05 47.55
C ILE B 93 -0.93 10.83 47.25
N ALA B 94 -1.09 12.14 47.06
CA ALA B 94 0.01 13.08 47.00
C ALA B 94 -0.33 14.29 47.87
N ARG B 95 0.60 14.67 48.75
CA ARG B 95 0.37 15.70 49.74
C ARG B 95 1.53 16.68 49.76
N ASN B 96 1.23 17.96 50.02
CA ASN B 96 2.23 19.01 50.17
C ASN B 96 1.75 20.00 51.22
N THR B 97 2.70 20.56 51.98
CA THR B 97 2.38 21.52 53.03
C THR B 97 3.10 22.84 52.76
N VAL B 98 2.42 23.94 53.02
CA VAL B 98 2.97 25.28 52.87
C VAL B 98 2.80 26.03 54.19
N ALA B 99 3.91 26.54 54.73
CA ALA B 99 3.82 27.31 55.95
C ALA B 99 3.15 28.66 55.69
N MET B 100 2.51 29.20 56.72
CA MET B 100 1.81 30.48 56.56
C MET B 100 2.80 31.60 56.29
N LEU B 101 3.88 31.67 57.07
CA LEU B 101 4.85 32.73 56.88
C LEU B 101 5.53 32.62 55.51
N HIS B 102 5.84 31.39 55.10
CA HIS B 102 6.47 31.22 53.79
C HIS B 102 5.49 31.52 52.67
N ASP B 103 4.19 31.39 52.95
CA ASP B 103 3.19 31.69 51.92
C ASP B 103 2.99 33.20 51.79
N VAL B 104 2.97 33.93 52.91
CA VAL B 104 2.63 35.34 52.85
C VAL B 104 3.70 36.13 52.11
N GLN B 105 4.98 35.77 52.29
CA GLN B 105 6.07 36.34 51.52
C GLN B 105 6.54 35.31 50.50
N GLY B 106 5.85 35.27 49.36
CA GLY B 106 6.21 34.32 48.31
C GLY B 106 6.24 34.96 46.93
N ASP B 107 7.40 34.87 46.27
CA ASP B 107 7.54 35.47 44.95
C ASP B 107 6.67 34.76 43.91
N ILE B 108 6.53 33.45 44.01
CA ILE B 108 5.65 32.73 43.10
C ILE B 108 4.21 33.11 43.38
N ASP B 109 3.44 33.36 42.32
CA ASP B 109 2.05 33.78 42.43
C ASP B 109 1.11 32.58 42.27
N SER B 110 0.13 32.49 43.17
CA SER B 110 -0.84 31.39 43.17
C SER B 110 -0.15 30.03 43.17
N LEU B 111 0.72 29.82 44.15
CA LEU B 111 1.48 28.57 44.23
C LEU B 111 0.55 27.38 44.47
N LYS B 112 -0.44 27.54 45.34
CA LYS B 112 -1.27 26.40 45.74
C LYS B 112 -2.07 25.81 44.58
N PRO B 113 -2.81 26.58 43.78
CA PRO B 113 -3.49 25.95 42.63
C PRO B 113 -2.53 25.30 41.64
N LYS B 114 -1.35 25.89 41.47
CA LYS B 114 -0.36 25.29 40.58
C LYS B 114 0.08 23.92 41.08
N ILE B 115 0.34 23.82 42.39
CA ILE B 115 0.71 22.53 42.97
C ILE B 115 -0.43 21.54 42.82
N ALA B 116 -1.66 21.98 43.03
CA ALA B 116 -2.81 21.09 42.89
C ALA B 116 -2.92 20.57 41.46
N VAL B 117 -2.73 21.44 40.47
CA VAL B 117 -2.81 21.03 39.07
C VAL B 117 -1.71 20.01 38.76
N ASN B 118 -0.49 20.26 39.26
CA ASN B 118 0.60 19.32 39.01
C ASN B 118 0.28 17.95 39.62
N GLN B 119 -0.25 17.94 40.85
CA GLN B 119 -0.63 16.68 41.49
C GLN B 119 -1.69 15.95 40.67
N ALA B 120 -2.68 16.69 40.18
CA ALA B 120 -3.73 16.08 39.36
C ALA B 120 -3.14 15.46 38.11
N LYS B 121 -2.20 16.14 37.46
CA LYS B 121 -1.60 15.60 36.25
C LYS B 121 -0.82 14.31 36.55
N GLN B 122 -0.08 14.28 37.65
CA GLN B 122 0.64 13.07 38.01
C GLN B 122 -0.32 11.89 38.24
N LEU B 123 -1.38 12.14 39.01
CA LEU B 123 -2.32 11.07 39.31
C LEU B 123 -3.09 10.64 38.08
N LYS B 124 -3.24 11.54 37.10
CA LYS B 124 -3.88 11.18 35.85
C LYS B 124 -2.97 10.32 34.98
N ARG B 125 -1.66 10.60 35.00
CA ARG B 125 -0.73 9.77 34.23
C ARG B 125 -0.64 8.37 34.81
N LEU B 126 -0.72 8.26 36.15
CA LEU B 126 -0.58 6.95 36.77
C LEU B 126 -1.66 5.98 36.30
N GLU B 127 -2.91 6.42 36.24
CA GLU B 127 -3.99 5.51 35.86
C GLU B 127 -3.86 5.06 34.41
N ASP B 128 -3.42 5.96 33.53
CA ASP B 128 -3.21 5.58 32.13
C ASP B 128 -2.12 4.53 32.02
N GLU B 129 -1.01 4.73 32.75
CA GLU B 129 0.06 3.74 32.73
C GLU B 129 -0.46 2.38 33.22
N MET B 130 -1.22 2.40 34.30
CA MET B 130 -1.76 1.16 34.85
C MET B 130 -2.69 0.46 33.86
N VAL B 131 -3.57 1.22 33.21
CA VAL B 131 -4.51 0.61 32.27
C VAL B 131 -3.79 -0.02 31.09
N VAL B 132 -2.82 0.71 30.53
CA VAL B 132 -2.07 0.17 29.39
C VAL B 132 -1.34 -1.10 29.79
N GLN B 133 -0.67 -1.07 30.94
CA GLN B 133 0.05 -2.27 31.39
C GLN B 133 -0.90 -3.44 31.62
N GLN B 134 -2.08 -3.18 32.19
CA GLN B 134 -3.00 -4.25 32.51
C GLN B 134 -3.54 -4.92 31.25
N LEU B 135 -3.98 -4.13 30.27
CA LEU B 135 -4.46 -4.76 29.04
C LEU B 135 -3.32 -5.40 28.28
N MET B 136 -2.11 -4.86 28.41
CA MET B 136 -0.94 -5.49 27.80
C MET B 136 -0.70 -6.89 28.38
N LEU B 137 -0.78 -7.02 29.70
CA LEU B 137 -0.64 -8.32 30.32
C LEU B 137 -1.77 -9.26 29.91
N GLY B 138 -2.99 -8.72 29.84
CA GLY B 138 -4.11 -9.55 29.45
C GLY B 138 -3.97 -10.11 28.05
N GLY B 139 -3.39 -9.33 27.14
CA GLY B 139 -3.16 -9.83 25.80
C GLY B 139 -2.20 -11.01 25.76
N ILE B 140 -1.11 -10.92 26.53
CA ILE B 140 -0.08 -11.96 26.50
C ILE B 140 -0.57 -13.21 27.21
N SER B 141 -1.25 -13.06 28.35
CA SER B 141 -1.44 -14.20 29.25
C SER B 141 -2.46 -15.20 28.71
N ASN B 142 -3.30 -14.81 27.75
CA ASN B 142 -4.37 -15.66 27.26
C ASN B 142 -4.22 -15.84 25.75
N THR B 143 -3.46 -16.86 25.35
CA THR B 143 -3.03 -16.95 23.96
C THR B 143 -3.16 -18.34 23.34
N LYS B 144 -4.05 -19.20 23.86
CA LYS B 144 -4.34 -20.50 23.27
C LYS B 144 -3.18 -21.47 23.47
N ALA B 145 -2.04 -20.97 23.93
CA ALA B 145 -0.92 -21.84 24.24
C ALA B 145 -0.84 -22.07 25.75
N GLN B 146 -1.31 -21.11 26.52
CA GLN B 146 -1.29 -21.24 27.97
C GLN B 146 -2.63 -21.73 28.50
N ARG B 147 -3.72 -21.05 28.12
CA ARG B 147 -5.03 -21.40 28.66
C ARG B 147 -5.52 -22.73 28.10
N THR B 148 -5.40 -22.91 26.78
CA THR B 148 -5.70 -24.07 25.94
C THR B 148 -7.17 -24.51 26.04
N ASN B 149 -8.00 -23.82 26.82
CA ASN B 149 -9.43 -24.10 26.88
C ASN B 149 -10.15 -22.80 27.20
N PRO B 150 -11.22 -22.48 26.49
CA PRO B 150 -11.94 -21.24 26.77
C PRO B 150 -12.74 -21.33 28.06
N ARG B 151 -13.13 -20.16 28.57
CA ARG B 151 -13.91 -20.11 29.80
C ARG B 151 -15.24 -20.82 29.63
N VAL B 152 -15.86 -20.66 28.47
CA VAL B 152 -17.07 -21.41 28.13
C VAL B 152 -16.81 -22.09 26.79
N PRO B 153 -17.54 -23.16 26.48
CA PRO B 153 -17.28 -23.86 25.21
C PRO B 153 -17.40 -22.99 23.98
N GLY B 154 -17.96 -21.78 24.11
CA GLY B 154 -18.23 -20.97 22.93
C GLY B 154 -17.12 -19.98 22.60
N HIS B 155 -16.72 -19.17 23.56
CA HIS B 155 -15.91 -18.01 23.25
C HIS B 155 -14.50 -18.40 22.82
N GLY B 156 -13.75 -17.40 22.37
CA GLY B 156 -12.42 -17.62 21.83
C GLY B 156 -11.35 -16.98 22.68
N PHE B 157 -10.12 -17.07 22.19
CA PHE B 157 -8.96 -16.62 22.95
C PHE B 157 -8.42 -15.30 22.42
N SER B 158 -7.64 -14.64 23.26
CA SER B 158 -6.86 -13.48 22.81
C SER B 158 -5.67 -13.96 21.98
N ILE B 159 -5.26 -13.12 21.04
CA ILE B 159 -4.20 -13.47 20.09
C ILE B 159 -2.97 -12.62 20.38
N ASN B 160 -1.84 -13.29 20.55
CA ASN B 160 -0.53 -12.66 20.72
C ASN B 160 0.33 -13.01 19.52
N VAL B 161 0.88 -11.99 18.87
CA VAL B 161 1.76 -12.15 17.72
C VAL B 161 3.17 -11.78 18.17
N ASN B 162 4.10 -12.72 18.04
CA ASN B 162 5.46 -12.56 18.52
C ASN B 162 6.40 -12.50 17.34
N ILE B 163 7.17 -11.42 17.23
CA ILE B 163 8.04 -11.18 16.10
C ILE B 163 9.43 -10.81 16.60
N THR B 164 10.43 -10.98 15.73
CA THR B 164 11.80 -10.63 16.08
C THR B 164 11.97 -9.13 16.20
N ALA B 165 12.80 -8.70 17.15
CA ALA B 165 12.92 -7.28 17.44
C ALA B 165 13.72 -6.53 16.38
N ASP B 166 14.86 -7.10 15.97
CA ASP B 166 15.76 -6.36 15.09
C ASP B 166 15.13 -6.07 13.73
N THR B 167 14.41 -7.04 13.17
CA THR B 167 13.79 -6.83 11.87
C THR B 167 12.59 -5.89 11.98
N ALA B 168 11.91 -5.92 13.13
CA ALA B 168 10.76 -5.04 13.33
C ALA B 168 11.18 -3.58 13.29
N GLU B 169 12.34 -3.26 13.87
CA GLU B 169 12.83 -1.88 13.82
C GLU B 169 13.23 -1.47 12.41
N THR B 170 13.82 -2.39 11.65
CA THR B 170 14.40 -2.02 10.37
C THR B 170 13.34 -1.71 9.32
N SER B 171 12.32 -2.55 9.18
CA SER B 171 11.38 -2.44 8.08
C SER B 171 9.97 -2.20 8.58
N PRO B 172 9.23 -1.25 8.01
CA PRO B 172 7.84 -1.01 8.47
C PRO B 172 6.85 -2.03 7.94
N GLN B 173 7.18 -2.65 6.81
CA GLN B 173 6.32 -3.65 6.21
C GLN B 173 6.14 -4.80 7.18
N TYR B 174 7.20 -5.12 7.91
CA TYR B 174 7.15 -6.20 8.87
C TYR B 174 6.11 -5.93 9.96
N LEU B 175 6.03 -4.69 10.43
CA LEU B 175 5.04 -4.34 11.44
C LEU B 175 3.64 -4.30 10.86
N ALA B 176 3.49 -3.77 9.63
CA ALA B 176 2.18 -3.74 9.00
C ALA B 176 1.64 -5.16 8.80
N ALA B 177 2.51 -6.08 8.36
CA ALA B 177 2.10 -7.46 8.19
C ALA B 177 1.69 -8.09 9.51
N ALA B 178 2.44 -7.81 10.57
CA ALA B 178 2.10 -8.36 11.88
C ALA B 178 0.74 -7.87 12.35
N ILE B 179 0.48 -6.56 12.18
CA ILE B 179 -0.79 -6.00 12.63
C ILE B 179 -1.94 -6.54 11.80
N GLU B 180 -1.76 -6.66 10.48
CA GLU B 180 -2.80 -7.25 9.65
C GLU B 180 -3.06 -8.70 10.04
N TYR B 181 -2.00 -9.45 10.36
CA TYR B 181 -2.17 -10.83 10.80
C TYR B 181 -3.01 -10.88 12.06
N ALA B 182 -2.70 -10.04 13.04
CA ALA B 182 -3.49 -10.01 14.28
C ALA B 182 -4.94 -9.65 14.01
N LEU B 183 -5.17 -8.66 13.15
CA LEU B 183 -6.54 -8.24 12.87
C LEU B 183 -7.33 -9.32 12.16
N GLU B 184 -6.73 -10.02 11.20
CA GLU B 184 -7.48 -11.04 10.48
C GLU B 184 -7.72 -12.25 11.37
N GLN B 185 -6.79 -12.54 12.28
CA GLN B 185 -7.03 -13.61 13.23
C GLN B 185 -8.12 -13.24 14.23
N GLN B 186 -8.24 -11.94 14.54
CA GLN B 186 -9.43 -11.47 15.25
C GLN B 186 -10.68 -11.72 14.43
N LEU B 187 -10.63 -11.42 13.13
CA LEU B 187 -11.79 -11.60 12.27
C LEU B 187 -12.21 -13.05 12.17
N GLU B 188 -11.26 -13.98 12.24
CA GLU B 188 -11.61 -15.39 12.13
C GLU B 188 -12.48 -15.85 13.30
N GLN B 189 -12.21 -15.33 14.51
CA GLN B 189 -12.99 -15.72 15.68
C GLN B 189 -14.17 -14.78 15.91
N GLU B 190 -14.92 -14.51 14.83
CA GLU B 190 -16.21 -13.83 14.90
C GLU B 190 -16.16 -12.58 15.78
N VAL B 191 -15.14 -11.76 15.58
CA VAL B 191 -15.00 -10.50 16.30
C VAL B 191 -15.12 -9.35 15.31
N ASP B 192 -16.08 -8.47 15.55
CA ASP B 192 -16.30 -7.35 14.66
C ASP B 192 -15.15 -6.35 14.82
N ILE B 193 -14.72 -5.75 13.71
CA ILE B 193 -13.61 -4.81 13.71
C ILE B 193 -14.05 -3.39 13.38
N SER B 194 -15.35 -3.11 13.40
CA SER B 194 -15.81 -1.75 13.16
C SER B 194 -15.30 -0.80 14.23
N ASP B 195 -15.31 -1.25 15.48
CA ASP B 195 -14.91 -0.43 16.63
C ASP B 195 -13.72 -1.06 17.36
N LEU B 196 -12.53 -0.79 16.83
CA LEU B 196 -11.30 -1.23 17.49
C LEU B 196 -10.34 -0.07 17.54
N VAL B 197 -9.43 -0.09 18.51
CA VAL B 197 -8.45 0.97 18.69
C VAL B 197 -7.07 0.34 18.80
N ILE B 198 -6.11 0.90 18.05
CA ILE B 198 -4.73 0.43 18.07
C ILE B 198 -3.90 1.47 18.79
N LEU B 199 -3.08 1.02 19.74
CA LEU B 199 -2.13 1.88 20.44
C LEU B 199 -0.72 1.43 20.11
N MET B 200 0.14 2.39 19.80
CA MET B 200 1.55 2.18 19.52
C MET B 200 2.35 3.20 20.29
N PRO B 201 3.51 2.83 20.82
CA PRO B 201 4.46 3.83 21.30
C PRO B 201 5.00 4.62 20.13
N TRP B 202 5.50 5.82 20.44
CA TRP B 202 5.92 6.75 19.41
C TRP B 202 7.03 6.16 18.53
N LYS B 203 7.89 5.34 19.13
CA LYS B 203 8.98 4.75 18.37
C LYS B 203 8.46 3.88 17.23
N PHE B 204 7.42 3.07 17.49
CA PHE B 204 6.89 2.21 16.46
C PHE B 204 5.75 2.86 15.70
N PHE B 205 5.11 3.87 16.30
CA PHE B 205 4.12 4.66 15.57
C PHE B 205 4.78 5.41 14.44
N ASN B 206 5.99 5.93 14.67
CA ASN B 206 6.74 6.48 13.56
C ASN B 206 7.10 5.39 12.55
N ALA B 207 7.35 4.17 13.02
CA ALA B 207 7.80 3.10 12.14
C ALA B 207 6.71 2.71 11.15
N LEU B 208 5.49 2.50 11.64
CA LEU B 208 4.41 2.07 10.76
C LEU B 208 4.09 3.14 9.71
N ARG B 209 4.36 4.41 10.04
CA ARG B 209 4.01 5.50 9.14
C ARG B 209 4.89 5.54 7.90
N ASP B 210 6.12 5.03 7.98
CA ASP B 210 7.10 5.31 6.95
C ASP B 210 7.02 4.33 5.78
N MET B 211 6.11 3.37 5.81
CA MET B 211 5.97 2.46 4.67
C MET B 211 5.51 3.24 3.44
N ASP B 212 5.95 2.77 2.27
CA ASP B 212 5.72 3.54 1.05
C ASP B 212 4.25 3.58 0.68
N ARG B 213 3.49 2.54 1.04
CA ARG B 213 2.08 2.50 0.65
C ARG B 213 1.29 3.63 1.28
N ILE B 214 1.51 3.87 2.58
CA ILE B 214 0.77 4.94 3.26
C ILE B 214 1.24 6.30 2.76
N VAL B 215 2.54 6.45 2.54
CA VAL B 215 3.09 7.76 2.16
C VAL B 215 2.67 8.12 0.74
N ASP B 216 2.78 7.19 -0.19
CA ASP B 216 2.55 7.49 -1.60
C ASP B 216 1.07 7.78 -1.84
N ARG B 217 0.80 8.81 -2.66
CA ARG B 217 -0.59 9.18 -2.95
C ARG B 217 -1.21 8.23 -3.97
N SER B 218 -0.39 7.65 -4.84
CA SER B 218 -0.93 6.77 -5.88
C SER B 218 -1.60 5.55 -5.28
N TYR B 219 -1.02 4.97 -4.24
CA TYR B 219 -1.58 3.76 -3.66
C TYR B 219 -2.92 4.08 -2.99
N THR B 220 -3.77 3.05 -2.90
CA THR B 220 -5.10 3.25 -2.32
C THR B 220 -5.02 3.63 -0.86
N LEU B 221 -4.25 2.89 -0.06
CA LEU B 221 -4.16 3.12 1.38
C LEU B 221 -3.17 4.25 1.65
N ALA B 222 -3.67 5.47 1.56
CA ALA B 222 -2.87 6.66 1.83
C ALA B 222 -3.69 7.65 2.62
N ASP B 223 -3.04 8.40 3.50
CA ASP B 223 -3.68 9.43 4.31
C ASP B 223 -2.84 10.69 4.26
N GLU B 224 -3.50 11.85 4.30
CA GLU B 224 -2.80 13.12 4.09
C GLU B 224 -2.05 13.55 5.35
N SER B 225 -2.76 13.70 6.46
CA SER B 225 -2.18 14.21 7.69
C SER B 225 -2.08 13.07 8.70
N THR B 226 -0.85 12.64 8.99
CA THR B 226 -0.62 11.47 9.81
C THR B 226 0.17 11.75 11.07
N VAL B 227 0.46 13.02 11.38
CA VAL B 227 1.21 13.33 12.59
C VAL B 227 0.34 13.13 13.83
N GLN B 228 -0.95 13.37 13.71
CA GLN B 228 -1.87 13.29 14.83
C GLN B 228 -2.59 11.95 14.93
N GLY B 229 -2.27 11.01 14.07
CA GLY B 229 -2.97 9.75 14.02
C GLY B 229 -3.75 9.60 12.73
N PHE B 230 -3.75 8.38 12.21
CA PHE B 230 -4.32 8.09 10.90
C PHE B 230 -5.15 6.81 10.97
N ALA B 231 -5.94 6.59 9.94
CA ALA B 231 -6.79 5.41 9.84
C ALA B 231 -6.16 4.41 8.89
N LEU B 232 -5.83 3.23 9.39
CA LEU B 232 -5.35 2.16 8.53
C LEU B 232 -6.44 1.79 7.54
N LYS B 233 -6.08 1.63 6.27
CA LYS B 233 -7.09 1.51 5.23
C LYS B 233 -7.31 0.08 4.75
N SER B 234 -6.38 -0.84 5.03
CA SER B 234 -6.66 -2.25 4.74
C SER B 234 -7.84 -2.74 5.54
N PHE B 235 -7.90 -2.39 6.82
CA PHE B 235 -9.07 -2.57 7.67
C PHE B 235 -9.34 -1.23 8.33
N ASN B 236 -10.57 -0.74 8.19
CA ASN B 236 -10.88 0.65 8.55
C ASN B 236 -10.85 0.80 10.07
N VAL B 237 -9.64 0.92 10.59
CA VAL B 237 -9.38 0.97 12.02
C VAL B 237 -8.48 2.18 12.29
N PRO B 238 -8.84 3.06 13.22
CA PRO B 238 -7.95 4.17 13.56
C PRO B 238 -6.75 3.71 14.35
N VAL B 239 -5.68 4.52 14.31
CA VAL B 239 -4.47 4.27 15.08
C VAL B 239 -4.18 5.52 15.90
N VAL B 240 -3.93 5.32 17.19
CA VAL B 240 -3.70 6.40 18.14
C VAL B 240 -2.35 6.18 18.78
N PRO B 241 -1.42 7.13 18.70
CA PRO B 241 -0.14 6.98 19.39
C PRO B 241 -0.20 7.48 20.82
N SER B 242 0.25 6.66 21.77
CA SER B 242 0.22 7.00 23.18
C SER B 242 1.62 6.93 23.75
N ASN B 243 2.05 8.02 24.41
CA ASN B 243 3.37 8.05 25.02
C ASN B 243 3.47 7.04 26.14
N ARG B 244 2.46 6.97 27.01
CA ARG B 244 2.49 6.08 28.15
C ARG B 244 2.51 4.62 27.70
N PHE B 245 3.45 3.85 28.24
CA PHE B 245 3.68 2.49 27.78
C PHE B 245 4.64 1.83 28.76
N PRO B 246 4.40 0.57 29.13
CA PRO B 246 5.23 -0.07 30.16
C PRO B 246 6.70 -0.17 29.74
N LYS B 247 7.59 0.00 30.72
CA LYS B 247 9.02 -0.13 30.53
C LYS B 247 9.59 -1.00 31.64
N PHE B 248 10.60 -1.80 31.31
CA PHE B 248 11.16 -2.79 32.22
C PHE B 248 12.60 -2.45 32.55
N SER B 249 13.00 -2.70 33.78
CA SER B 249 14.37 -2.58 34.24
C SER B 249 14.73 -3.78 35.10
N GLN B 250 16.03 -4.04 35.24
CA GLN B 250 16.47 -5.18 36.05
C GLN B 250 16.03 -5.02 37.50
N GLY B 251 16.19 -3.83 38.06
CA GLY B 251 15.72 -3.59 39.42
C GLY B 251 14.21 -3.64 39.48
N ALA B 252 13.69 -4.17 40.59
CA ALA B 252 12.26 -4.31 40.80
C ALA B 252 11.77 -3.15 41.65
N ALA B 253 11.03 -2.24 41.04
CA ALA B 253 10.46 -1.11 41.75
C ALA B 253 9.17 -1.44 42.48
N HIS B 254 8.52 -2.56 42.15
CA HIS B 254 7.34 -3.03 42.86
C HIS B 254 6.23 -1.99 42.85
N HIS B 255 5.63 -1.76 41.67
CA HIS B 255 4.55 -0.81 41.49
C HIS B 255 3.59 -0.82 42.69
N LYS B 256 3.20 0.38 43.11
CA LYS B 256 2.54 0.55 44.40
C LYS B 256 1.23 -0.24 44.48
N LEU B 257 0.44 -0.24 43.40
CA LEU B 257 -0.86 -0.89 43.44
C LEU B 257 -0.73 -2.40 43.60
N SER B 258 0.45 -2.95 43.30
CA SER B 258 0.66 -4.38 43.47
C SER B 258 0.66 -4.74 44.95
N ASN B 259 0.05 -5.88 45.28
CA ASN B 259 -0.07 -6.31 46.67
C ASN B 259 0.27 -7.80 46.73
N ALA B 260 0.30 -8.33 47.96
CA ALA B 260 0.60 -9.74 48.14
C ALA B 260 -0.64 -10.60 47.95
N ASP B 261 -1.81 -10.05 48.22
CA ASP B 261 -3.05 -10.83 48.13
C ASP B 261 -3.27 -11.34 46.71
N ASN B 262 -3.06 -10.49 45.71
CA ASN B 262 -3.11 -10.88 44.32
C ASN B 262 -1.69 -11.03 43.81
N GLY B 263 -1.47 -11.97 42.89
CA GLY B 263 -0.16 -12.11 42.30
C GLY B 263 0.29 -10.80 41.66
N PHE B 264 1.56 -10.46 41.87
CA PHE B 264 2.08 -9.21 41.36
C PHE B 264 1.88 -9.14 39.85
N ARG B 265 0.99 -8.25 39.41
CA ARG B 265 0.67 -8.13 38.00
C ARG B 265 0.77 -6.70 37.48
N TYR B 266 0.62 -5.70 38.34
CA TYR B 266 0.77 -4.32 37.89
C TYR B 266 2.20 -4.04 37.46
N ASP B 267 3.18 -4.61 38.17
CA ASP B 267 4.57 -4.42 37.80
C ASP B 267 4.87 -5.11 36.48
N THR B 268 5.79 -4.53 35.71
CA THR B 268 6.09 -5.03 34.38
C THR B 268 7.14 -6.14 34.45
N THR B 269 6.87 -7.24 33.75
CA THR B 269 7.84 -8.31 33.63
C THR B 269 8.53 -8.25 32.26
N ALA B 270 9.43 -9.20 32.04
CA ALA B 270 10.27 -9.15 30.84
C ALA B 270 9.49 -9.23 29.52
N PRO B 271 8.52 -10.13 29.32
CA PRO B 271 7.93 -10.28 27.98
C PRO B 271 7.34 -9.00 27.40
N MET B 272 6.69 -8.17 28.20
CA MET B 272 6.02 -6.99 27.66
C MET B 272 6.90 -5.74 27.68
N ALA B 273 8.22 -5.90 27.81
CA ALA B 273 9.09 -4.74 27.87
C ALA B 273 9.06 -3.94 26.58
N GLY B 274 9.04 -4.62 25.43
CA GLY B 274 9.16 -3.94 24.16
C GLY B 274 8.05 -4.22 23.16
N ALA B 275 6.81 -4.28 23.64
CA ALA B 275 5.69 -4.59 22.77
C ALA B 275 5.52 -3.54 21.69
N VAL B 276 5.16 -3.98 20.49
CA VAL B 276 5.01 -3.06 19.36
C VAL B 276 3.70 -2.31 19.45
N ALA B 277 2.59 -3.02 19.56
CA ALA B 277 1.29 -2.39 19.51
C ALA B 277 0.25 -3.29 20.17
N VAL B 278 -0.88 -2.68 20.51
CA VAL B 278 -2.00 -3.40 21.12
C VAL B 278 -3.29 -2.97 20.45
N ILE B 279 -4.20 -3.92 20.23
CA ILE B 279 -5.51 -3.68 19.65
C ILE B 279 -6.54 -4.04 20.69
N PHE B 280 -7.40 -3.08 21.04
CA PHE B 280 -8.41 -3.36 22.05
C PHE B 280 -9.74 -2.76 21.63
N SER B 281 -10.82 -3.39 22.11
CA SER B 281 -12.16 -2.89 21.94
C SER B 281 -12.60 -2.15 23.20
N MET B 282 -13.89 -1.82 23.26
CA MET B 282 -14.40 -1.05 24.40
C MET B 282 -14.35 -1.84 25.70
N ASP B 283 -14.65 -3.14 25.64
CA ASP B 283 -14.81 -3.95 26.85
C ASP B 283 -13.68 -4.96 27.04
N ALA B 284 -12.46 -4.61 26.65
CA ALA B 284 -11.35 -5.53 26.85
C ALA B 284 -10.88 -5.55 28.30
N LEU B 285 -11.29 -4.56 29.09
CA LEU B 285 -10.81 -4.39 30.45
C LEU B 285 -11.99 -4.10 31.38
N LEU B 286 -11.98 -4.71 32.57
CA LEU B 286 -13.02 -4.48 33.56
C LEU B 286 -12.52 -3.49 34.61
N VAL B 287 -12.52 -2.22 34.24
CA VAL B 287 -11.98 -1.19 35.11
C VAL B 287 -13.03 -0.78 36.13
N GLY B 288 -12.57 -0.48 37.35
CA GLY B 288 -13.46 -0.01 38.39
C GLY B 288 -12.77 0.97 39.33
N ARG B 289 -13.50 1.94 39.86
CA ARG B 289 -12.95 2.94 40.75
C ARG B 289 -13.87 3.10 41.95
N THR B 290 -13.26 3.22 43.15
CA THR B 290 -14.05 3.41 44.36
C THR B 290 -14.14 4.89 44.72
N ILE B 291 -12.99 5.56 44.80
CA ILE B 291 -12.92 6.98 45.11
C ILE B 291 -12.33 7.70 43.91
N GLU B 292 -13.12 8.59 43.31
CA GLU B 292 -12.62 9.34 42.18
C GLU B 292 -11.61 10.39 42.62
N LEU B 293 -10.87 10.94 41.66
CA LEU B 293 -9.83 11.91 41.96
C LEU B 293 -10.43 13.13 42.63
N THR B 294 -10.05 13.36 43.89
CA THR B 294 -10.53 14.48 44.67
C THR B 294 -9.36 15.28 45.20
N GLY B 295 -9.49 16.60 45.15
CA GLY B 295 -8.44 17.48 45.65
C GLY B 295 -8.91 18.35 46.79
N ASP B 296 -8.10 18.44 47.85
CA ASP B 296 -8.43 19.23 49.02
C ASP B 296 -7.31 20.23 49.29
N ILE B 297 -7.72 21.44 49.70
CA ILE B 297 -6.80 22.54 49.96
C ILE B 297 -7.07 23.09 51.36
N PHE B 298 -7.59 22.24 52.24
CA PHE B 298 -7.87 22.64 53.61
C PHE B 298 -6.58 23.02 54.32
N TRP B 299 -6.68 23.92 55.30
CA TRP B 299 -5.52 24.35 56.07
C TRP B 299 -5.80 24.16 57.55
N GLU B 300 -4.89 23.48 58.23
CA GLU B 300 -5.09 23.12 59.62
C GLU B 300 -4.79 24.32 60.51
N LYS B 301 -5.72 24.66 61.38
CA LYS B 301 -5.53 25.79 62.27
C LYS B 301 -4.44 25.62 63.32
N LYS B 302 -4.31 24.41 63.85
CA LYS B 302 -3.36 24.13 64.93
C LYS B 302 -1.90 24.38 64.57
N GLU B 303 -1.52 24.00 63.36
CA GLU B 303 -0.15 24.20 62.89
C GLU B 303 0.01 25.44 62.01
N LYS B 304 -1.07 26.14 61.69
CA LYS B 304 -1.03 27.31 60.82
C LYS B 304 -0.42 26.97 59.46
N THR B 305 -0.73 25.79 58.94
CA THR B 305 -0.08 25.27 57.74
C THR B 305 -1.11 24.87 56.70
N PHE B 306 -0.98 25.42 55.49
CA PHE B 306 -1.81 25.04 54.37
C PHE B 306 -1.47 23.62 53.93
N TYR B 307 -2.51 22.84 53.65
CA TYR B 307 -2.37 21.46 53.20
C TYR B 307 -2.99 21.33 51.82
N ILE B 308 -2.29 20.69 50.89
CA ILE B 308 -2.80 20.43 49.55
C ILE B 308 -2.62 18.95 49.28
N ASP B 309 -3.72 18.23 49.10
CA ASP B 309 -3.60 16.79 48.87
C ASP B 309 -4.60 16.33 47.83
N THR B 310 -4.30 15.19 47.21
CA THR B 310 -5.15 14.58 46.21
C THR B 310 -4.93 13.07 46.20
N TYR B 311 -6.00 12.30 46.25
CA TYR B 311 -5.94 10.86 46.43
C TYR B 311 -6.99 10.18 45.57
N LEU B 312 -6.72 8.92 45.18
CA LEU B 312 -7.73 8.12 44.50
C LEU B 312 -7.38 6.64 44.61
N ALA B 313 -8.37 5.79 44.33
CA ALA B 313 -8.20 4.34 44.32
C ALA B 313 -8.86 3.79 43.06
N GLU B 314 -8.20 2.82 42.41
CA GLU B 314 -8.70 2.29 41.15
C GLU B 314 -8.11 0.90 40.92
N GLY B 315 -8.81 0.10 40.13
CA GLY B 315 -8.35 -1.23 39.79
C GLY B 315 -8.84 -1.64 38.42
N ALA B 316 -8.21 -2.67 37.87
CA ALA B 316 -8.55 -3.18 36.55
C ALA B 316 -8.14 -4.64 36.42
N ILE B 317 -8.81 -5.35 35.51
CA ILE B 317 -8.47 -6.75 35.25
C ILE B 317 -8.91 -7.10 33.83
N PRO B 318 -8.11 -7.91 33.13
CA PRO B 318 -8.51 -8.35 31.80
C PRO B 318 -9.76 -9.22 31.84
N ASP B 319 -10.58 -9.07 30.81
CA ASP B 319 -11.76 -9.91 30.61
C ASP B 319 -12.13 -9.84 29.14
N ARG B 320 -13.00 -10.75 28.72
CA ARG B 320 -13.44 -10.81 27.32
C ARG B 320 -12.25 -10.98 26.38
N TRP B 321 -11.63 -12.16 26.50
CA TRP B 321 -10.34 -12.41 25.86
C TRP B 321 -10.34 -12.06 24.38
N GLU B 322 -11.47 -12.25 23.68
CA GLU B 322 -11.51 -11.98 22.26
C GLU B 322 -11.28 -10.51 21.93
N ALA B 323 -11.46 -9.62 22.92
CA ALA B 323 -11.45 -8.19 22.62
C ALA B 323 -10.03 -7.68 22.39
N VAL B 324 -9.06 -8.17 23.15
CA VAL B 324 -7.72 -7.60 23.18
C VAL B 324 -6.77 -8.54 22.45
N SER B 325 -5.88 -7.97 21.64
CA SER B 325 -4.85 -8.72 20.93
C SER B 325 -3.60 -7.85 20.83
N VAL B 326 -2.47 -8.39 21.26
CA VAL B 326 -1.25 -7.58 21.37
C VAL B 326 -0.14 -8.22 20.54
N VAL B 327 0.70 -7.38 19.94
CA VAL B 327 1.88 -7.82 19.21
C VAL B 327 3.11 -7.41 20.01
N THR B 328 3.96 -8.39 20.34
CA THR B 328 5.09 -8.17 21.23
C THR B 328 6.35 -8.73 20.60
N THR B 329 7.45 -7.99 20.72
CA THR B 329 8.74 -8.49 20.25
C THR B 329 9.26 -9.57 21.19
N ALA B 330 10.07 -10.47 20.62
CA ALA B 330 10.73 -11.48 21.45
C ALA B 330 11.81 -10.82 22.29
N ARG B 331 11.80 -11.12 23.60
CA ARG B 331 12.71 -10.49 24.53
C ARG B 331 13.34 -11.56 25.41
N ASN B 332 14.54 -11.26 25.90
CA ASN B 332 15.23 -12.18 26.80
C ASN B 332 14.46 -12.30 28.11
N ALA B 333 14.46 -13.50 28.68
CA ALA B 333 13.71 -13.73 29.92
C ALA B 333 14.32 -12.95 31.08
N THR B 334 15.64 -12.91 31.18
CA THR B 334 16.27 -12.33 32.35
C THR B 334 16.50 -10.83 32.20
N THR B 335 16.59 -10.34 30.96
CA THR B 335 16.90 -8.94 30.70
C THR B 335 16.02 -8.41 29.59
N GLY B 336 15.87 -7.08 29.58
CA GLY B 336 15.03 -6.45 28.57
C GLY B 336 15.68 -6.37 27.21
N ASP B 337 16.97 -6.69 27.13
CA ASP B 337 17.66 -6.66 25.84
C ASP B 337 17.10 -7.75 24.92
N PRO B 338 16.93 -7.47 23.64
CA PRO B 338 16.36 -8.47 22.73
C PRO B 338 17.40 -9.43 22.17
N ASP B 339 17.16 -10.73 22.33
CA ASP B 339 18.05 -11.74 21.80
C ASP B 339 17.31 -12.87 21.08
N GLY B 340 16.02 -13.06 21.37
CA GLY B 340 15.29 -14.15 20.74
C GLY B 340 15.06 -13.87 19.27
N THR B 341 14.82 -14.93 18.51
CA THR B 341 14.53 -14.82 17.09
C THR B 341 13.05 -14.71 16.78
N GLY B 342 12.19 -14.82 17.78
CA GLY B 342 10.76 -14.72 17.53
C GLY B 342 10.10 -16.07 17.36
N ALA B 343 8.87 -16.19 17.84
CA ALA B 343 8.15 -17.45 17.76
C ALA B 343 7.09 -17.45 16.66
N ASP B 344 6.58 -16.27 16.34
CA ASP B 344 5.57 -16.12 15.32
C ASP B 344 6.17 -15.69 13.99
N ASP B 345 7.50 -15.66 13.94
CA ASP B 345 8.18 -15.27 12.72
C ASP B 345 8.43 -16.52 11.88
N THR B 346 7.71 -16.54 10.76
CA THR B 346 7.58 -17.54 9.67
C THR B 346 6.13 -17.42 9.24
N VAL B 347 5.24 -17.26 10.22
CA VAL B 347 3.84 -17.03 9.91
C VAL B 347 3.96 -15.68 9.24
N VAL B 348 4.84 -14.87 9.83
CA VAL B 348 5.19 -13.55 9.31
C VAL B 348 6.46 -13.71 8.48
N THR B 349 6.79 -12.69 7.69
CA THR B 349 7.85 -12.70 6.68
C THR B 349 7.38 -13.53 5.49
N LYS B 350 6.24 -14.20 5.66
CA LYS B 350 5.48 -14.69 4.52
C LYS B 350 4.34 -13.73 4.21
N ARG B 351 3.78 -13.11 5.24
CA ARG B 351 2.79 -12.06 5.03
C ARG B 351 3.45 -10.74 4.70
N ALA B 352 4.76 -10.61 4.97
CA ALA B 352 5.45 -9.38 4.62
C ALA B 352 5.75 -9.30 3.13
N ASN B 353 6.03 -10.43 2.49
CA ASN B 353 6.50 -10.41 1.10
C ASN B 353 5.37 -10.25 0.10
N ARG B 354 4.11 -10.36 0.51
CA ARG B 354 2.99 -10.07 -0.39
C ARG B 354 2.95 -8.60 -0.77
N LYS B 355 3.20 -7.72 0.21
CA LYS B 355 3.17 -6.28 -0.02
C LYS B 355 4.48 -5.83 -0.67
N VAL B 356 4.55 -6.01 -1.99
CA VAL B 356 5.73 -5.65 -2.76
C VAL B 356 5.36 -5.57 -4.23
N ILE B 357 6.07 -4.71 -4.97
CA ILE B 357 5.98 -4.75 -6.42
C ILE B 357 6.89 -5.86 -6.92
N LEU B 358 6.46 -6.56 -7.96
CA LEU B 358 7.14 -7.76 -8.43
C LEU B 358 7.72 -7.48 -9.82
N THR B 359 8.99 -7.82 -9.99
CA THR B 359 9.70 -7.58 -11.25
C THR B 359 10.28 -8.89 -11.77
N LYS B 360 10.30 -9.03 -13.08
CA LYS B 360 10.83 -10.21 -13.75
C LYS B 360 12.08 -9.81 -14.51
N ALA B 361 13.24 -9.95 -13.86
CA ALA B 361 14.49 -9.53 -14.46
C ALA B 361 14.77 -10.33 -15.74
N VAL B 362 15.19 -9.62 -16.77
CA VAL B 362 15.46 -10.22 -18.07
C VAL B 362 16.95 -10.18 -18.38
N SER C 2 62.02 50.14 -47.37
CA SER C 2 60.69 50.60 -47.78
C SER C 2 59.68 50.36 -46.66
N THR C 3 60.17 50.28 -45.43
CA THR C 3 59.33 50.04 -44.27
C THR C 3 59.46 51.21 -43.30
N PRO C 4 58.36 51.70 -42.72
CA PRO C 4 58.47 52.77 -41.73
C PRO C 4 59.09 52.24 -40.46
N ASN C 5 60.16 52.89 -40.02
CA ASN C 5 60.93 52.41 -38.89
C ASN C 5 61.14 53.55 -37.91
N VAL C 6 61.22 53.21 -36.62
CA VAL C 6 61.48 54.10 -35.50
C VAL C 6 60.53 55.29 -35.49
N LEU C 7 59.32 55.10 -36.00
CA LEU C 7 58.31 56.16 -35.96
C LEU C 7 57.99 56.52 -34.51
N THR C 8 57.67 57.78 -34.29
CA THR C 8 57.62 58.34 -32.94
C THR C 8 56.57 57.65 -32.09
N ASN C 9 56.93 57.43 -30.82
CA ASN C 9 56.01 56.92 -29.81
C ASN C 9 55.95 57.94 -28.68
N VAL C 10 54.73 58.34 -28.31
CA VAL C 10 54.53 59.34 -27.28
C VAL C 10 54.45 58.73 -25.89
N ALA C 11 54.19 57.42 -25.79
CA ALA C 11 54.03 56.77 -24.49
C ALA C 11 55.35 56.34 -23.87
N VAL C 12 56.49 56.71 -24.47
CA VAL C 12 57.81 56.36 -23.96
C VAL C 12 58.33 57.54 -23.16
N SER C 13 59.13 57.25 -22.14
CA SER C 13 59.71 58.28 -21.29
C SER C 13 61.21 58.38 -21.56
N HIS C 14 61.65 59.55 -22.03
CA HIS C 14 63.06 59.74 -22.30
C HIS C 14 63.89 59.72 -21.02
N SER C 15 63.38 60.35 -19.96
CA SER C 15 64.13 60.45 -18.71
C SER C 15 64.33 59.08 -18.07
N GLY C 16 63.28 58.25 -18.07
CA GLY C 16 63.34 56.95 -17.43
C GLY C 16 62.87 56.93 -16.00
N GLU C 17 62.51 58.08 -15.43
CA GLU C 17 62.05 58.10 -14.05
C GLU C 17 60.71 57.39 -13.89
N VAL C 18 59.84 57.48 -14.90
CA VAL C 18 58.54 56.83 -14.89
C VAL C 18 58.48 55.82 -16.03
N ASP C 19 57.68 54.78 -15.86
CA ASP C 19 57.60 53.75 -16.89
C ASP C 19 56.82 54.24 -18.11
N SER C 20 55.68 54.89 -17.88
CA SER C 20 54.83 55.34 -18.97
C SER C 20 54.20 56.68 -18.63
N LEU C 21 53.85 57.44 -19.66
CA LEU C 21 53.25 58.75 -19.52
C LEU C 21 51.73 58.74 -19.56
N LEU C 22 51.11 57.57 -19.71
CA LEU C 22 49.67 57.47 -19.87
C LEU C 22 49.03 57.09 -18.54
N ILE C 23 48.05 57.87 -18.11
CA ILE C 23 47.40 57.71 -16.82
C ILE C 23 46.09 56.94 -17.02
N GLU C 24 45.76 56.09 -16.04
CA GLU C 24 44.56 55.27 -16.15
C GLU C 24 43.33 56.03 -15.68
N LYS C 25 42.20 55.72 -16.30
CA LYS C 25 40.93 56.29 -15.86
C LYS C 25 40.42 55.54 -14.62
N PHE C 26 39.75 56.27 -13.73
CA PHE C 26 39.25 55.65 -12.51
C PHE C 26 38.09 54.70 -12.80
N ASN C 27 37.26 55.04 -13.78
CA ASN C 27 36.09 54.28 -14.24
C ASN C 27 34.94 54.38 -13.25
N GLY C 28 35.14 54.94 -12.07
CA GLY C 28 34.02 55.27 -11.18
C GLY C 28 33.24 54.07 -10.67
N LYS C 29 33.92 53.03 -10.22
CA LYS C 29 33.28 51.88 -9.61
C LYS C 29 34.02 51.47 -8.34
N VAL C 30 33.29 51.33 -7.25
CA VAL C 30 33.83 50.90 -5.97
C VAL C 30 33.07 49.67 -5.52
N ARG C 31 33.80 48.63 -5.14
CA ARG C 31 33.21 47.36 -4.71
C ARG C 31 33.34 47.22 -3.21
N GLU C 32 32.38 46.54 -2.59
CA GLU C 32 32.39 46.30 -1.16
C GLU C 32 32.10 44.83 -0.87
N GLN C 33 32.02 44.52 0.42
CA GLN C 33 31.70 43.16 0.84
C GLN C 33 30.23 42.84 0.55
N TYR C 34 29.96 41.57 0.26
CA TYR C 34 28.60 41.07 0.08
C TYR C 34 27.96 40.56 1.36
N LEU C 35 28.51 40.86 2.53
CA LEU C 35 27.96 40.32 3.76
C LEU C 35 26.55 40.83 3.97
N LYS C 36 25.66 39.94 4.40
CA LYS C 36 24.26 40.26 4.60
C LYS C 36 23.80 39.79 5.98
N GLY C 37 22.75 40.42 6.48
CA GLY C 37 22.24 40.11 7.80
C GLY C 37 21.07 39.15 7.79
N GLU C 38 21.18 38.06 8.54
CA GLU C 38 20.10 37.09 8.60
C GLU C 38 18.95 37.58 9.47
N ASN C 39 19.22 38.54 10.36
CA ASN C 39 18.22 39.04 11.30
C ASN C 39 17.62 37.89 12.11
N LEU C 40 18.49 37.04 12.65
CA LEU C 40 18.06 35.84 13.33
C LEU C 40 17.50 36.12 14.71
N LEU C 41 17.72 37.32 15.25
CA LEU C 41 17.21 37.67 16.56
C LEU C 41 15.71 37.85 16.59
N SER C 42 15.04 37.84 15.44
CA SER C 42 13.60 38.07 15.39
C SER C 42 12.84 37.00 16.15
N HIS C 43 13.27 35.74 16.06
CA HIS C 43 12.53 34.64 16.67
C HIS C 43 12.42 34.81 18.18
N PHE C 44 13.55 35.06 18.84
CA PHE C 44 13.53 35.18 20.30
C PHE C 44 12.94 36.52 20.72
N GLN C 45 12.51 36.58 21.97
CA GLN C 45 11.98 37.79 22.57
C GLN C 45 13.08 38.45 23.38
N VAL C 46 13.53 39.61 22.94
CA VAL C 46 14.69 40.28 23.53
C VAL C 46 14.21 41.17 24.67
N GLU C 47 14.79 40.96 25.85
CA GLU C 47 14.35 41.66 27.05
C GLU C 47 15.24 42.86 27.31
N THR C 48 14.62 44.03 27.39
CA THR C 48 15.34 45.28 27.60
C THR C 48 15.53 45.50 29.10
N VAL C 49 16.79 45.61 29.51
CA VAL C 49 17.13 45.85 30.92
C VAL C 49 17.81 47.22 30.99
N THR C 50 17.18 48.15 31.71
CA THR C 50 17.66 49.51 31.79
C THR C 50 18.03 49.94 33.20
N GLY C 51 17.11 49.79 34.15
CA GLY C 51 17.41 50.21 35.51
C GLY C 51 18.50 49.38 36.16
N THR C 52 18.58 48.11 35.81
CA THR C 52 19.51 47.17 36.42
C THR C 52 20.32 46.48 35.34
N ASN C 53 21.02 45.43 35.73
CA ASN C 53 21.89 44.71 34.80
C ASN C 53 21.57 43.22 34.71
N THR C 54 20.52 42.73 35.37
CA THR C 54 20.23 41.31 35.40
C THR C 54 18.72 41.08 35.33
N VAL C 55 18.35 39.99 34.65
CA VAL C 55 16.98 39.49 34.66
C VAL C 55 17.02 37.99 34.92
N SER C 56 15.91 37.46 35.42
CA SER C 56 15.86 36.12 35.97
C SER C 56 14.54 35.43 35.67
N ASN C 57 14.57 34.10 35.79
CA ASN C 57 13.41 33.24 35.66
C ASN C 57 13.45 32.21 36.78
N LYS C 58 12.28 31.71 37.18
CA LYS C 58 12.17 30.71 38.23
C LYS C 58 11.46 29.47 37.73
N TYR C 59 11.80 28.33 38.32
CA TYR C 59 11.26 27.03 37.94
C TYR C 59 10.53 26.39 39.12
N LEU C 60 9.69 25.41 38.82
CA LEU C 60 8.97 24.63 39.82
C LEU C 60 9.23 23.15 39.59
N GLY C 61 9.24 22.37 40.67
CA GLY C 61 9.44 20.95 40.55
C GLY C 61 8.15 20.19 40.39
N GLU C 62 8.23 18.87 40.59
CA GLU C 62 7.07 18.00 40.50
C GLU C 62 6.74 17.43 41.86
N THR C 63 5.51 16.94 42.02
CA THR C 63 5.06 16.40 43.29
C THR C 63 5.04 14.88 43.26
N GLU C 64 5.56 14.26 44.31
CA GLU C 64 5.72 12.82 44.34
C GLU C 64 4.41 12.15 44.78
N ILE C 65 4.27 10.87 44.45
CA ILE C 65 3.08 10.08 44.74
C ILE C 65 3.47 8.93 45.66
N GLN C 66 2.70 8.75 46.73
CA GLN C 66 2.95 7.68 47.69
C GLN C 66 1.65 7.03 48.11
N VAL C 67 1.73 5.74 48.46
CA VAL C 67 0.57 4.99 48.90
C VAL C 67 0.34 5.22 50.38
N LEU C 68 -0.93 5.25 50.79
CA LEU C 68 -1.30 5.45 52.19
C LEU C 68 -1.99 4.20 52.72
N ALA C 69 -1.64 3.80 53.93
CA ALA C 69 -2.44 2.83 54.64
C ALA C 69 -3.64 3.53 55.28
N PRO C 70 -4.73 2.81 55.52
CA PRO C 70 -5.89 3.44 56.16
C PRO C 70 -5.51 4.00 57.53
N GLY C 71 -6.06 5.17 57.85
CA GLY C 71 -5.76 5.80 59.11
C GLY C 71 -4.33 6.26 59.28
N GLN C 72 -3.70 6.73 58.21
CA GLN C 72 -2.32 7.21 58.25
C GLN C 72 -2.26 8.59 57.60
N SER C 73 -1.43 9.47 58.17
CA SER C 73 -1.17 10.77 57.57
C SER C 73 0.22 10.77 56.99
N PRO C 74 0.39 10.64 55.68
CA PRO C 74 1.74 10.50 55.11
C PRO C 74 2.55 11.78 55.26
N ALA C 75 3.86 11.60 55.33
CA ALA C 75 4.76 12.76 55.34
C ALA C 75 4.81 13.39 53.97
N ALA C 76 4.70 14.71 53.94
CA ALA C 76 4.66 15.42 52.66
C ALA C 76 6.04 15.40 52.00
N THR C 77 6.04 15.59 50.68
CA THR C 77 7.27 15.66 49.91
C THR C 77 7.49 17.08 49.42
N PRO C 78 8.74 17.56 49.38
CA PRO C 78 8.98 18.95 48.97
C PRO C 78 8.96 19.11 47.46
N THR C 79 8.75 20.35 47.03
CA THR C 79 8.86 20.73 45.63
C THR C 79 9.94 21.81 45.51
N LYS C 80 11.09 21.45 44.96
CA LYS C 80 12.21 22.37 44.92
C LYS C 80 12.01 23.42 43.83
N ALA C 81 12.72 24.53 43.98
CA ALA C 81 12.68 25.62 43.03
C ALA C 81 14.09 26.14 42.79
N ASP C 82 14.29 26.77 41.63
CA ASP C 82 15.59 27.30 41.25
C ASP C 82 15.38 28.46 40.29
N LYS C 83 16.43 29.25 40.08
CA LYS C 83 16.34 30.41 39.20
C LYS C 83 17.54 30.45 38.27
N ASN C 84 17.33 31.08 37.12
CA ASN C 84 18.36 31.31 36.12
C ASN C 84 18.37 32.78 35.73
N GLN C 85 19.54 33.40 35.74
CA GLN C 85 19.65 34.83 35.49
C GLN C 85 20.75 35.10 34.48
N VAL C 86 20.63 36.23 33.78
CA VAL C 86 21.61 36.66 32.80
C VAL C 86 22.20 37.98 33.23
N VAL C 87 23.49 38.19 32.94
CA VAL C 87 24.21 39.39 33.32
C VAL C 87 24.74 40.06 32.06
N ILE C 88 24.47 41.36 31.92
CA ILE C 88 24.99 42.16 30.82
C ILE C 88 26.09 43.04 31.40
N ASP C 89 27.32 42.84 30.93
CA ASP C 89 28.47 43.55 31.48
C ASP C 89 29.48 44.02 30.44
N THR C 90 29.26 43.72 29.16
CA THR C 90 30.24 44.02 28.13
C THR C 90 29.62 44.87 27.03
N THR C 91 30.43 45.70 26.41
CA THR C 91 30.02 46.58 25.32
C THR C 91 31.02 46.45 24.18
N VAL C 92 30.52 46.33 22.96
CA VAL C 92 31.37 46.19 21.78
C VAL C 92 31.16 47.41 20.88
N ILE C 93 32.26 47.97 20.40
CA ILE C 93 32.25 49.17 19.57
C ILE C 93 33.19 48.94 18.38
N ALA C 94 32.84 49.50 17.24
CA ALA C 94 33.71 49.56 16.08
C ALA C 94 33.92 51.03 15.76
N ARG C 95 35.18 51.44 15.70
CA ARG C 95 35.54 52.85 15.56
C ARG C 95 36.60 53.03 14.49
N ASN C 96 36.47 54.08 13.69
CA ASN C 96 37.45 54.46 12.67
C ASN C 96 37.72 55.95 12.79
N THR C 97 38.95 56.34 12.49
CA THR C 97 39.35 57.74 12.44
C THR C 97 39.95 58.02 11.07
N VAL C 98 39.45 59.05 10.40
CA VAL C 98 40.01 59.49 9.13
C VAL C 98 40.48 60.93 9.27
N ALA C 99 41.74 61.17 8.95
CA ALA C 99 42.34 62.46 9.25
C ALA C 99 42.03 63.48 8.16
N MET C 100 42.18 64.76 8.51
CA MET C 100 42.09 65.80 7.50
C MET C 100 43.32 65.73 6.59
N LEU C 101 43.14 66.19 5.35
CA LEU C 101 44.17 66.18 4.31
C LEU C 101 44.36 64.75 3.79
N HIS C 102 43.69 63.80 4.43
CA HIS C 102 43.47 62.48 3.83
C HIS C 102 42.05 62.32 3.32
N ASP C 103 41.10 63.06 3.92
CA ASP C 103 39.75 63.11 3.38
C ASP C 103 39.68 64.01 2.15
N VAL C 104 40.40 65.14 2.18
CA VAL C 104 40.40 66.05 1.03
C VAL C 104 41.01 65.36 -0.18
N GLN C 105 42.13 64.67 0.02
CA GLN C 105 42.79 63.94 -1.06
C GLN C 105 42.31 62.49 -1.09
N GLY C 106 40.99 62.34 -1.20
CA GLY C 106 40.38 61.03 -1.21
C GLY C 106 39.76 60.67 -2.54
N ASP C 107 40.34 59.69 -3.23
CA ASP C 107 39.79 59.27 -4.51
C ASP C 107 38.40 58.68 -4.35
N ILE C 108 38.18 57.88 -3.31
CA ILE C 108 36.85 57.38 -3.02
C ILE C 108 35.95 58.53 -2.63
N ASP C 109 34.67 58.45 -2.97
CA ASP C 109 33.69 59.47 -2.62
C ASP C 109 32.71 58.94 -1.57
N SER C 110 32.32 59.83 -0.65
CA SER C 110 31.40 59.49 0.44
C SER C 110 31.88 58.27 1.21
N LEU C 111 33.16 58.29 1.61
CA LEU C 111 33.76 57.15 2.29
C LEU C 111 33.09 56.88 3.63
N LYS C 112 32.80 57.95 4.39
CA LYS C 112 32.29 57.79 5.74
C LYS C 112 30.93 57.08 5.80
N PRO C 113 29.93 57.42 4.98
CA PRO C 113 28.68 56.63 5.04
C PRO C 113 28.88 55.16 4.73
N LYS C 114 29.75 54.84 3.77
CA LYS C 114 30.01 53.43 3.46
C LYS C 114 30.64 52.72 4.65
N ILE C 115 31.62 53.35 5.31
CA ILE C 115 32.21 52.73 6.48
C ILE C 115 31.16 52.52 7.56
N ALA C 116 30.30 53.51 7.77
CA ALA C 116 29.29 53.39 8.83
C ALA C 116 28.33 52.25 8.55
N VAL C 117 27.81 52.16 7.33
CA VAL C 117 26.83 51.10 7.03
C VAL C 117 27.49 49.73 7.10
N ASN C 118 28.76 49.63 6.68
CA ASN C 118 29.41 48.33 6.72
C ASN C 118 29.73 47.93 8.16
N GLN C 119 30.01 48.91 9.03
CA GLN C 119 30.17 48.62 10.44
C GLN C 119 28.87 48.10 11.04
N ALA C 120 27.74 48.71 10.66
CA ALA C 120 26.45 48.21 11.14
C ALA C 120 26.22 46.78 10.69
N LYS C 121 26.57 46.47 9.44
CA LYS C 121 26.45 45.10 8.95
C LYS C 121 27.29 44.14 9.79
N GLN C 122 28.52 44.53 10.10
CA GLN C 122 29.38 43.66 10.90
C GLN C 122 28.79 43.43 12.29
N LEU C 123 28.24 44.47 12.90
CA LEU C 123 27.64 44.31 14.23
C LEU C 123 26.45 43.36 14.19
N LYS C 124 25.61 43.48 13.16
CA LYS C 124 24.49 42.55 13.04
C LYS C 124 24.98 41.11 12.86
N ARG C 125 26.03 40.93 12.06
CA ARG C 125 26.57 39.59 11.87
C ARG C 125 27.09 39.02 13.19
N LEU C 126 27.74 39.86 14.00
CA LEU C 126 28.21 39.40 15.31
C LEU C 126 27.05 39.00 16.20
N GLU C 127 25.97 39.79 16.20
CA GLU C 127 24.79 39.41 16.98
C GLU C 127 24.30 38.02 16.58
N ASP C 128 24.11 37.79 15.28
CA ASP C 128 23.58 36.51 14.84
C ASP C 128 24.50 35.36 15.20
N GLU C 129 25.81 35.54 15.00
CA GLU C 129 26.75 34.48 15.31
C GLU C 129 26.74 34.15 16.80
N MET C 130 26.67 35.18 17.65
CA MET C 130 26.64 34.94 19.09
C MET C 130 25.40 34.16 19.48
N VAL C 131 24.24 34.52 18.92
CA VAL C 131 23.01 33.81 19.28
C VAL C 131 23.09 32.35 18.86
N VAL C 132 23.57 32.09 17.64
CA VAL C 132 23.67 30.70 17.18
C VAL C 132 24.64 29.91 18.05
N GLN C 133 25.77 30.52 18.41
CA GLN C 133 26.73 29.83 19.26
C GLN C 133 26.12 29.50 20.63
N GLN C 134 25.34 30.42 21.18
CA GLN C 134 24.68 30.13 22.46
C GLN C 134 23.71 28.97 22.35
N LEU C 135 22.91 28.95 21.27
CA LEU C 135 22.00 27.82 21.08
C LEU C 135 22.78 26.51 20.98
N MET C 136 23.87 26.50 20.23
CA MET C 136 24.61 25.26 20.04
C MET C 136 25.27 24.79 21.33
N LEU C 137 25.80 25.73 22.12
CA LEU C 137 26.35 25.37 23.42
C LEU C 137 25.28 24.78 24.33
N GLY C 138 24.11 25.40 24.36
CA GLY C 138 23.02 24.85 25.16
C GLY C 138 22.62 23.47 24.71
N GLY C 139 22.70 23.22 23.40
CA GLY C 139 22.39 21.88 22.90
C GLY C 139 23.43 20.85 23.29
N ILE C 140 24.71 21.23 23.24
CA ILE C 140 25.78 20.26 23.46
C ILE C 140 25.96 19.97 24.94
N SER C 141 26.25 21.00 25.73
CA SER C 141 26.71 20.80 27.11
C SER C 141 25.59 20.50 28.09
N ASN C 142 24.37 20.22 27.61
CA ASN C 142 23.24 20.04 28.50
C ASN C 142 22.52 18.71 28.29
N THR C 143 23.19 17.70 27.76
CA THR C 143 22.54 16.42 27.55
C THR C 143 22.41 15.67 28.86
N LYS C 144 21.69 14.54 28.82
CA LYS C 144 21.50 13.74 30.02
C LYS C 144 22.80 13.12 30.48
N ALA C 145 23.67 12.74 29.55
CA ALA C 145 24.92 12.07 29.91
C ALA C 145 25.82 12.98 30.74
N GLN C 146 25.89 14.26 30.37
CA GLN C 146 26.80 15.18 31.05
C GLN C 146 26.20 15.72 32.34
N ARG C 147 25.02 16.33 32.24
CA ARG C 147 24.43 16.98 33.41
C ARG C 147 24.04 15.98 34.48
N THR C 148 23.50 14.84 34.07
CA THR C 148 23.10 13.64 34.82
C THR C 148 22.10 13.95 35.94
N ASN C 149 21.64 15.20 36.06
CA ASN C 149 20.62 15.54 37.05
C ASN C 149 19.90 16.80 36.56
N PRO C 150 18.58 16.83 36.62
CA PRO C 150 17.85 18.02 36.20
C PRO C 150 18.01 19.16 37.19
N ARG C 151 17.67 20.37 36.71
CA ARG C 151 17.77 21.55 37.56
C ARG C 151 16.81 21.45 38.74
N VAL C 152 15.56 21.10 38.46
CA VAL C 152 14.61 20.68 39.48
C VAL C 152 14.07 19.33 39.03
N PRO C 153 13.71 18.43 39.95
CA PRO C 153 13.52 17.02 39.59
C PRO C 153 12.57 16.77 38.42
N GLY C 154 11.53 17.60 38.28
CA GLY C 154 10.54 17.33 37.25
C GLY C 154 11.06 17.50 35.84
N HIS C 155 11.81 18.56 35.58
CA HIS C 155 12.14 18.95 34.22
C HIS C 155 13.11 17.98 33.58
N GLY C 156 13.06 17.89 32.24
CA GLY C 156 13.93 16.99 31.52
C GLY C 156 15.18 17.67 30.97
N PHE C 157 15.96 16.89 30.22
CA PHE C 157 17.23 17.36 29.70
C PHE C 157 17.12 17.72 28.22
N SER C 158 18.22 18.24 27.68
CA SER C 158 18.32 18.53 26.26
C SER C 158 18.64 17.26 25.48
N ILE C 159 18.63 17.38 24.15
CA ILE C 159 18.80 16.24 23.26
C ILE C 159 19.97 16.51 22.33
N ASN C 160 20.91 15.56 22.30
CA ASN C 160 22.05 15.61 21.40
C ASN C 160 22.08 14.32 20.59
N VAL C 161 22.02 14.43 19.27
CA VAL C 161 22.06 13.28 18.37
C VAL C 161 23.37 13.32 17.62
N ASN C 162 24.20 12.30 17.82
CA ASN C 162 25.52 12.23 17.24
C ASN C 162 25.52 11.20 16.11
N ILE C 163 26.00 11.60 14.93
CA ILE C 163 26.05 10.75 13.76
C ILE C 163 27.46 10.75 13.21
N THR C 164 27.74 9.75 12.38
CA THR C 164 29.04 9.68 11.71
C THR C 164 29.16 10.82 10.72
N ALA C 165 30.35 11.43 10.66
CA ALA C 165 30.57 12.54 9.74
C ALA C 165 30.37 12.10 8.30
N ASP C 166 30.93 10.95 7.94
CA ASP C 166 30.65 10.37 6.63
C ASP C 166 29.25 9.80 6.61
N THR C 167 28.74 9.53 5.40
CA THR C 167 27.39 8.99 5.18
C THR C 167 26.33 10.00 5.61
N ALA C 168 26.75 11.17 6.10
CA ALA C 168 25.80 12.22 6.44
C ALA C 168 25.47 13.06 5.23
N GLU C 169 26.37 13.08 4.24
CA GLU C 169 26.15 13.91 3.06
C GLU C 169 25.76 13.08 1.85
N THR C 170 26.18 11.82 1.80
CA THR C 170 25.92 11.01 0.60
C THR C 170 24.49 10.51 0.57
N SER C 171 23.87 10.30 1.73
CA SER C 171 22.54 9.73 1.78
C SER C 171 21.59 10.67 2.51
N PRO C 172 20.66 11.33 1.81
CA PRO C 172 19.69 12.18 2.51
C PRO C 172 18.79 11.42 3.46
N GLN C 173 18.56 10.12 3.21
CA GLN C 173 17.71 9.35 4.10
C GLN C 173 18.28 9.29 5.50
N TYR C 174 19.59 9.08 5.61
CA TYR C 174 20.26 9.05 6.91
C TYR C 174 20.09 10.38 7.63
N LEU C 175 20.28 11.49 6.91
CA LEU C 175 20.18 12.80 7.51
C LEU C 175 18.77 13.10 7.99
N ALA C 176 17.76 12.75 7.19
CA ALA C 176 16.38 12.97 7.60
C ALA C 176 16.01 12.07 8.78
N ALA C 177 16.55 10.85 8.80
CA ALA C 177 16.30 9.96 9.93
C ALA C 177 16.87 10.52 11.22
N ALA C 178 18.05 11.15 11.15
CA ALA C 178 18.61 11.76 12.36
C ALA C 178 17.69 12.87 12.90
N ILE C 179 17.19 13.72 12.02
CA ILE C 179 16.31 14.81 12.46
C ILE C 179 15.02 14.25 13.04
N GLU C 180 14.43 13.24 12.39
CA GLU C 180 13.22 12.64 12.92
C GLU C 180 13.49 11.96 14.26
N TYR C 181 14.70 11.44 14.45
CA TYR C 181 15.05 10.81 15.72
C TYR C 181 15.11 11.85 16.84
N ALA C 182 15.74 13.00 16.56
CA ALA C 182 15.75 14.06 17.56
C ALA C 182 14.34 14.53 17.88
N LEU C 183 13.51 14.71 16.86
CA LEU C 183 12.14 15.14 17.10
C LEU C 183 11.35 14.11 17.90
N GLU C 184 11.54 12.82 17.60
CA GLU C 184 10.86 11.77 18.33
C GLU C 184 11.28 11.75 19.79
N GLN C 185 12.58 11.91 20.06
CA GLN C 185 13.03 11.97 21.44
C GLN C 185 12.42 13.14 22.17
N GLN C 186 12.39 14.31 21.53
CA GLN C 186 11.76 15.47 22.14
C GLN C 186 10.29 15.21 22.45
N LEU C 187 9.56 14.65 21.49
CA LEU C 187 8.12 14.49 21.69
C LEU C 187 7.84 13.41 22.72
N GLU C 188 8.71 12.40 22.81
CA GLU C 188 8.64 11.43 23.90
C GLU C 188 8.93 12.08 25.24
N GLN C 189 9.69 13.17 25.26
CA GLN C 189 9.91 13.94 26.47
C GLN C 189 8.76 14.94 26.72
N GLU C 190 7.58 14.64 26.18
CA GLU C 190 6.32 15.38 26.31
C GLU C 190 6.46 16.88 26.10
N VAL C 191 7.25 17.33 25.14
CA VAL C 191 7.24 18.71 24.70
C VAL C 191 6.48 18.78 23.38
N ASP C 192 5.57 19.74 23.27
CA ASP C 192 4.83 19.87 22.03
C ASP C 192 5.73 20.35 20.90
N ILE C 193 5.44 19.87 19.69
CA ILE C 193 6.21 20.24 18.52
C ILE C 193 5.40 21.15 17.59
N SER C 194 4.40 21.85 18.13
CA SER C 194 3.60 22.74 17.30
C SER C 194 4.45 23.88 16.75
N ASP C 195 5.30 24.46 17.59
CA ASP C 195 6.15 25.58 17.20
C ASP C 195 7.62 25.26 17.45
N LEU C 196 8.32 24.87 16.39
CA LEU C 196 9.75 24.63 16.45
C LEU C 196 10.37 25.19 15.19
N VAL C 197 11.65 25.52 15.27
CA VAL C 197 12.41 26.02 14.12
C VAL C 197 13.68 25.21 14.00
N ILE C 198 13.99 24.80 12.77
CA ILE C 198 15.17 24.01 12.46
C ILE C 198 16.12 24.87 11.65
N LEU C 199 17.37 24.94 12.08
CA LEU C 199 18.41 25.67 11.37
C LEU C 199 19.49 24.70 10.92
N MET C 200 19.87 24.80 9.65
CA MET C 200 20.86 23.95 9.01
C MET C 200 21.78 24.82 8.17
N PRO C 201 23.04 24.42 8.01
CA PRO C 201 23.92 25.12 7.08
C PRO C 201 23.62 24.68 5.66
N TRP C 202 24.17 25.44 4.70
CA TRP C 202 23.85 25.18 3.31
C TRP C 202 24.30 23.79 2.88
N LYS C 203 25.46 23.35 3.38
CA LYS C 203 26.02 22.07 2.95
C LYS C 203 25.09 20.91 3.28
N PHE C 204 24.50 20.91 4.48
CA PHE C 204 23.61 19.84 4.85
C PHE C 204 22.17 20.14 4.46
N PHE C 205 21.82 21.42 4.32
CA PHE C 205 20.49 21.76 3.85
C PHE C 205 20.25 21.24 2.44
N ASN C 206 21.24 21.39 1.56
CA ASN C 206 21.08 20.88 0.20
C ASN C 206 21.01 19.35 0.20
N ALA C 207 21.74 18.70 1.11
CA ALA C 207 21.64 17.26 1.22
C ALA C 207 20.24 16.83 1.62
N LEU C 208 19.65 17.51 2.61
CA LEU C 208 18.30 17.17 3.04
C LEU C 208 17.28 17.46 1.95
N ARG C 209 17.47 18.53 1.18
CA ARG C 209 16.49 18.91 0.18
C ARG C 209 16.32 17.86 -0.91
N ASP C 210 17.39 17.23 -1.37
CA ASP C 210 17.34 16.35 -2.52
C ASP C 210 16.88 14.93 -2.18
N MET C 211 16.22 14.75 -1.04
CA MET C 211 15.70 13.44 -0.69
C MET C 211 14.60 13.04 -1.67
N ASP C 212 14.49 11.73 -1.92
CA ASP C 212 13.60 11.25 -2.98
C ASP C 212 12.15 11.62 -2.71
N ARG C 213 11.68 11.45 -1.47
CA ARG C 213 10.27 11.66 -1.18
C ARG C 213 9.87 13.11 -1.36
N ILE C 214 10.74 14.04 -0.99
CA ILE C 214 10.40 15.47 -1.07
C ILE C 214 10.25 15.90 -2.52
N VAL C 215 11.15 15.45 -3.39
CA VAL C 215 11.15 15.91 -4.78
C VAL C 215 9.88 15.47 -5.50
N ASP C 216 9.48 14.20 -5.31
CA ASP C 216 8.34 13.65 -6.03
C ASP C 216 7.06 14.40 -5.68
N ARG C 217 6.24 14.66 -6.71
CA ARG C 217 4.91 15.20 -6.47
C ARG C 217 3.95 14.10 -6.03
N SER C 218 4.23 12.85 -6.40
CA SER C 218 3.36 11.74 -6.01
C SER C 218 3.34 11.55 -4.51
N TYR C 219 4.50 11.60 -3.86
CA TYR C 219 4.56 11.35 -2.43
C TYR C 219 3.88 12.47 -1.66
N THR C 220 3.34 12.11 -0.50
CA THR C 220 2.61 13.08 0.32
C THR C 220 3.51 14.19 0.83
N LEU C 221 4.78 13.89 1.07
CA LEU C 221 5.72 14.84 1.64
C LEU C 221 6.24 15.86 0.64
N ALA C 222 5.56 16.03 -0.49
CA ALA C 222 6.05 16.93 -1.53
C ALA C 222 6.02 18.38 -1.08
N ASP C 223 6.99 19.15 -1.58
CA ASP C 223 7.07 20.59 -1.34
C ASP C 223 7.46 21.30 -2.63
N GLU C 224 7.22 22.60 -2.66
CA GLU C 224 7.46 23.41 -3.85
C GLU C 224 8.56 24.43 -3.59
N SER C 225 9.30 24.77 -4.66
CA SER C 225 10.35 25.78 -4.62
C SER C 225 11.50 25.34 -3.72
N THR C 226 11.27 25.41 -2.41
CA THR C 226 12.20 24.91 -1.39
C THR C 226 13.58 25.52 -1.48
N VAL C 227 13.72 26.74 -2.00
CA VAL C 227 15.03 27.35 -2.11
C VAL C 227 15.24 28.35 -0.98
N GLN C 228 14.18 29.07 -0.59
CA GLN C 228 14.28 29.96 0.55
C GLN C 228 14.14 29.19 1.86
N GLY C 229 13.30 28.18 1.88
CA GLY C 229 13.05 27.38 3.07
C GLY C 229 11.83 26.54 2.84
N PHE C 230 11.69 25.48 3.64
CA PHE C 230 10.59 24.56 3.39
C PHE C 230 10.18 23.84 4.66
N ALA C 231 8.93 23.39 4.69
CA ALA C 231 8.33 22.78 5.86
C ALA C 231 8.49 21.26 5.77
N LEU C 232 9.08 20.66 6.79
CA LEU C 232 9.16 19.21 6.85
C LEU C 232 7.75 18.65 7.02
N LYS C 233 7.43 17.60 6.28
CA LYS C 233 6.03 17.16 6.21
C LYS C 233 5.75 16.02 7.18
N SER C 234 6.78 15.26 7.56
CA SER C 234 6.58 14.21 8.55
C SER C 234 6.12 14.80 9.88
N PHE C 235 6.75 15.89 10.31
CA PHE C 235 6.31 16.70 11.44
C PHE C 235 6.28 18.15 10.99
N ASN C 236 5.17 18.84 11.26
CA ASN C 236 4.97 20.19 10.73
C ASN C 236 5.89 21.17 11.46
N VAL C 237 7.14 21.21 11.00
CA VAL C 237 8.15 22.15 11.49
C VAL C 237 8.82 22.80 10.28
N PRO C 238 9.03 24.11 10.30
CA PRO C 238 9.76 24.75 9.19
C PRO C 238 11.24 24.42 9.26
N VAL C 239 11.90 24.58 8.11
CA VAL C 239 13.34 24.43 8.00
C VAL C 239 13.84 25.64 7.21
N VAL C 240 14.75 26.39 7.83
CA VAL C 240 15.30 27.63 7.28
C VAL C 240 16.82 27.50 7.26
N PRO C 241 17.47 27.79 6.14
CA PRO C 241 18.93 27.68 6.09
C PRO C 241 19.65 28.96 6.50
N SER C 242 20.77 28.82 7.19
CA SER C 242 21.59 29.95 7.57
C SER C 242 23.05 29.50 7.65
N ASN C 243 23.94 30.37 7.20
CA ASN C 243 25.37 30.09 7.21
C ASN C 243 26.10 30.69 8.39
N ARG C 244 25.37 31.21 9.39
CA ARG C 244 25.99 31.79 10.58
C ARG C 244 26.18 30.70 11.64
N PHE C 245 27.04 29.74 11.32
CA PHE C 245 27.37 28.71 12.29
C PHE C 245 28.82 28.82 12.73
N PRO C 246 29.13 28.39 13.95
CA PRO C 246 30.50 28.56 14.47
C PRO C 246 31.50 27.72 13.71
N LYS C 247 32.73 28.22 13.63
CA LYS C 247 33.84 27.51 13.01
C LYS C 247 34.99 27.44 13.99
N PHE C 248 35.55 26.25 14.16
CA PHE C 248 36.54 25.98 15.19
C PHE C 248 37.95 26.06 14.62
N SER C 249 38.91 26.40 15.48
CA SER C 249 40.32 26.47 15.11
C SER C 249 41.15 25.94 16.27
N GLN C 250 42.42 25.63 15.96
CA GLN C 250 43.33 25.11 16.99
C GLN C 250 43.47 26.08 18.15
N GLY C 251 43.78 27.34 17.85
CA GLY C 251 43.96 28.33 18.89
C GLY C 251 43.65 29.73 18.41
N ALA C 252 42.80 30.44 19.13
CA ALA C 252 42.45 31.80 18.79
C ALA C 252 42.06 32.54 20.05
N ALA C 253 42.06 33.87 19.96
CA ALA C 253 41.68 34.69 21.11
C ALA C 253 40.20 34.47 21.43
N HIS C 254 39.86 34.67 22.70
CA HIS C 254 38.48 34.48 23.14
C HIS C 254 37.58 35.50 22.46
N HIS C 255 36.31 35.14 22.37
CA HIS C 255 35.31 36.02 21.79
C HIS C 255 35.24 37.33 22.58
N LYS C 256 34.84 38.40 21.89
CA LYS C 256 34.86 39.72 22.51
C LYS C 256 33.96 39.78 23.73
N LEU C 257 32.77 39.18 23.65
CA LEU C 257 31.84 39.24 24.76
C LEU C 257 32.25 38.30 25.89
N SER C 258 33.18 37.38 25.62
CA SER C 258 33.61 36.43 26.63
C SER C 258 34.35 37.15 27.75
N ASN C 259 34.21 36.61 28.96
CA ASN C 259 34.87 37.17 30.14
C ASN C 259 35.19 36.05 31.12
N ALA C 260 36.11 36.33 32.04
CA ALA C 260 36.52 35.32 33.00
C ALA C 260 35.41 35.02 34.00
N ASP C 261 34.45 35.93 34.16
CA ASP C 261 33.37 35.71 35.12
C ASP C 261 32.45 34.58 34.67
N ASN C 262 32.00 34.62 33.42
CA ASN C 262 31.01 33.68 32.91
C ASN C 262 31.63 32.46 32.25
N GLY C 263 32.83 32.07 32.67
CA GLY C 263 33.41 30.81 32.24
C GLY C 263 33.71 30.70 30.76
N PHE C 264 33.94 31.82 30.09
CA PHE C 264 34.32 31.83 28.68
C PHE C 264 33.29 31.10 27.83
N ARG C 265 32.00 31.31 28.15
CA ARG C 265 30.96 30.51 27.51
C ARG C 265 30.78 30.88 26.04
N TYR C 266 31.04 32.14 25.68
CA TYR C 266 30.86 32.56 24.29
C TYR C 266 31.90 31.92 23.37
N ASP C 267 33.04 31.52 23.92
CA ASP C 267 34.11 30.97 23.11
C ASP C 267 33.69 29.61 22.57
N THR C 268 34.02 29.36 21.30
CA THR C 268 33.61 28.13 20.64
C THR C 268 34.44 26.94 21.10
N THR C 269 33.88 25.75 20.97
CA THR C 269 34.54 24.52 21.34
C THR C 269 34.50 23.53 20.19
N ALA C 270 35.42 22.57 20.24
CA ALA C 270 35.61 21.65 19.12
C ALA C 270 34.39 20.82 18.74
N PRO C 271 33.61 20.23 19.67
CA PRO C 271 32.56 19.29 19.24
C PRO C 271 31.51 19.89 18.32
N MET C 272 31.37 21.21 18.26
CA MET C 272 30.38 21.82 17.38
C MET C 272 31.01 22.47 16.15
N ALA C 273 32.14 21.97 15.67
CA ALA C 273 32.75 22.53 14.47
C ALA C 273 31.89 22.27 13.24
N GLY C 274 31.34 21.06 13.13
CA GLY C 274 30.57 20.69 11.96
C GLY C 274 29.15 20.24 12.26
N ALA C 275 28.49 20.95 13.16
CA ALA C 275 27.13 20.58 13.57
C ALA C 275 26.19 20.61 12.39
N VAL C 276 25.29 19.62 12.32
CA VAL C 276 24.40 19.50 11.17
C VAL C 276 23.17 20.39 11.35
N ALA C 277 22.50 20.27 12.49
CA ALA C 277 21.24 21.00 12.63
C ALA C 277 21.00 21.37 14.08
N VAL C 278 20.23 22.44 14.28
CA VAL C 278 19.81 22.85 15.61
C VAL C 278 18.31 23.12 15.59
N ILE C 279 17.59 22.55 16.55
CA ILE C 279 16.14 22.69 16.67
C ILE C 279 15.86 23.46 17.93
N PHE C 280 15.24 24.64 17.79
CA PHE C 280 15.03 25.49 18.96
C PHE C 280 13.62 26.05 18.95
N SER C 281 13.05 26.16 20.15
CA SER C 281 11.76 26.79 20.34
C SER C 281 11.95 28.28 20.60
N MET C 282 10.88 28.95 21.02
CA MET C 282 10.95 30.38 21.26
C MET C 282 11.79 30.70 22.49
N ASP C 283 11.68 29.89 23.55
CA ASP C 283 12.30 30.18 24.83
C ASP C 283 13.58 29.39 25.07
N ALA C 284 14.23 28.92 24.01
CA ALA C 284 15.48 28.16 24.20
C ALA C 284 16.60 29.07 24.69
N LEU C 285 16.42 30.38 24.59
CA LEU C 285 17.42 31.34 25.01
C LEU C 285 16.79 32.45 25.84
N LEU C 286 17.60 33.03 26.73
CA LEU C 286 17.27 34.25 27.45
C LEU C 286 18.28 35.30 27.03
N VAL C 287 17.81 36.39 26.43
CA VAL C 287 18.67 37.40 25.84
C VAL C 287 18.33 38.76 26.46
N GLY C 288 19.35 39.57 26.68
CA GLY C 288 19.17 40.90 27.19
C GLY C 288 20.00 41.92 26.46
N ARG C 289 19.43 43.10 26.18
CA ARG C 289 20.13 44.19 25.50
C ARG C 289 19.98 45.43 26.34
N THR C 290 21.09 46.11 26.63
CA THR C 290 21.04 47.34 27.41
C THR C 290 21.05 48.56 26.52
N ILE C 291 21.99 48.62 25.57
CA ILE C 291 22.10 49.72 24.63
C ILE C 291 21.81 49.18 23.24
N GLU C 292 20.82 49.77 22.57
CA GLU C 292 20.53 49.39 21.20
C GLU C 292 21.68 49.80 20.29
N LEU C 293 21.77 49.13 19.14
CA LEU C 293 22.82 49.44 18.18
C LEU C 293 22.74 50.90 17.78
N THR C 294 23.72 51.69 18.22
CA THR C 294 23.71 53.12 17.95
C THR C 294 25.09 53.57 17.50
N GLY C 295 25.11 54.46 16.51
CA GLY C 295 26.36 54.95 15.99
C GLY C 295 26.29 56.42 15.60
N ASP C 296 27.45 57.07 15.54
CA ASP C 296 27.48 58.49 15.23
C ASP C 296 28.81 58.86 14.57
N ILE C 297 28.79 60.00 13.88
CA ILE C 297 29.94 60.57 13.21
C ILE C 297 30.16 61.98 13.77
N PHE C 298 31.39 62.29 14.15
CA PHE C 298 31.67 63.63 14.65
C PHE C 298 33.08 64.07 14.26
N TRP C 299 33.22 65.36 13.99
CA TRP C 299 34.47 65.96 13.54
C TRP C 299 35.16 66.58 14.74
N GLU C 300 36.23 65.93 15.20
CA GLU C 300 36.96 66.42 16.36
C GLU C 300 37.66 67.73 16.03
N LYS C 301 37.64 68.66 16.98
CA LYS C 301 38.21 69.99 16.72
C LYS C 301 39.68 70.05 17.13
N LYS C 302 40.02 69.46 18.28
CA LYS C 302 41.40 69.52 18.75
C LYS C 302 42.35 68.80 17.80
N GLU C 303 42.02 67.57 17.43
CA GLU C 303 42.75 66.84 16.41
C GLU C 303 41.91 66.85 15.13
N LYS C 304 42.54 67.25 14.02
CA LYS C 304 41.82 67.42 12.76
C LYS C 304 41.48 66.05 12.18
N THR C 305 40.48 65.41 12.79
CA THR C 305 40.07 64.06 12.39
C THR C 305 38.56 63.95 12.44
N PHE C 306 38.05 62.97 11.71
CA PHE C 306 36.66 62.55 11.78
C PHE C 306 36.62 61.20 12.48
N TYR C 307 35.78 61.08 13.49
CA TYR C 307 35.55 59.83 14.20
C TYR C 307 34.21 59.27 13.73
N ILE C 308 34.20 57.99 13.38
CA ILE C 308 32.98 57.29 12.99
C ILE C 308 32.93 55.97 13.74
N ASP C 309 31.92 55.79 14.59
CA ASP C 309 31.88 54.59 15.41
C ASP C 309 30.44 54.20 15.73
N THR C 310 30.24 52.89 15.88
CA THR C 310 28.96 52.32 16.26
C THR C 310 29.17 51.27 17.34
N TYR C 311 28.24 51.22 18.31
CA TYR C 311 28.41 50.34 19.45
C TYR C 311 27.08 49.75 19.88
N LEU C 312 27.17 48.66 20.65
CA LEU C 312 26.02 48.04 21.28
C LEU C 312 26.50 47.14 22.42
N ALA C 313 25.54 46.61 23.18
CA ALA C 313 25.82 45.70 24.28
C ALA C 313 24.69 44.68 24.40
N GLU C 314 25.05 43.41 24.52
CA GLU C 314 24.06 42.33 24.58
C GLU C 314 24.60 41.17 25.38
N GLY C 315 23.71 40.27 25.76
CA GLY C 315 24.09 39.04 26.43
C GLY C 315 23.04 37.98 26.22
N ALA C 316 23.45 36.72 26.30
CA ALA C 316 22.55 35.60 26.06
C ALA C 316 22.93 34.42 26.95
N ILE C 317 21.97 33.55 27.20
CA ILE C 317 22.21 32.36 28.03
C ILE C 317 21.13 31.33 27.76
N PRO C 318 21.51 30.06 27.66
CA PRO C 318 20.50 29.01 27.50
C PRO C 318 19.61 28.91 28.73
N ASP C 319 18.30 29.00 28.52
CA ASP C 319 17.36 29.16 29.61
C ASP C 319 16.43 27.97 29.81
N ARG C 320 15.63 27.60 28.80
CA ARG C 320 14.62 26.57 29.01
C ARG C 320 15.26 25.19 29.17
N TRP C 321 16.38 24.97 28.51
CA TRP C 321 17.30 23.89 28.81
C TRP C 321 16.79 22.55 28.29
N GLU C 322 15.56 22.52 27.77
CA GLU C 322 15.01 21.32 27.17
C GLU C 322 14.24 21.60 25.89
N ALA C 323 14.25 22.83 25.40
CA ALA C 323 13.61 23.16 24.14
C ALA C 323 14.59 23.27 22.99
N VAL C 324 15.84 22.86 23.19
CA VAL C 324 16.87 22.90 22.16
C VAL C 324 17.42 21.50 21.98
N SER C 325 17.55 21.07 20.73
CA SER C 325 18.08 19.75 20.41
C SER C 325 18.98 19.86 19.20
N VAL C 326 20.19 19.31 19.31
CA VAL C 326 21.21 19.51 18.30
C VAL C 326 21.61 18.18 17.69
N VAL C 327 21.70 18.15 16.36
CA VAL C 327 22.21 17.00 15.63
C VAL C 327 23.59 17.39 15.12
N THR C 328 24.61 16.71 15.63
CA THR C 328 26.00 17.05 15.37
C THR C 328 26.78 15.81 14.97
N THR C 329 27.80 15.99 14.13
CA THR C 329 28.66 14.88 13.74
C THR C 329 29.79 14.71 14.73
N ALA C 330 30.21 13.46 14.91
CA ALA C 330 31.32 13.16 15.82
C ALA C 330 32.62 13.75 15.28
N ARG C 331 33.33 14.47 16.13
CA ARG C 331 34.58 15.12 15.74
C ARG C 331 35.61 14.91 16.83
N ASN C 332 36.87 14.82 16.42
CA ASN C 332 37.95 14.60 17.38
C ASN C 332 38.10 15.82 18.28
N ALA C 333 38.44 15.57 19.55
CA ALA C 333 38.39 16.62 20.55
C ALA C 333 39.44 17.70 20.31
N THR C 334 40.64 17.30 19.91
CA THR C 334 41.76 18.25 19.90
C THR C 334 41.71 19.17 18.69
N THR C 335 41.11 18.72 17.59
CA THR C 335 41.13 19.50 16.35
C THR C 335 39.76 19.82 15.77
N GLY C 336 38.83 18.87 15.79
CA GLY C 336 37.56 19.07 15.12
C GLY C 336 37.47 18.46 13.74
N ASP C 337 38.51 17.76 13.28
CA ASP C 337 38.44 17.06 12.02
C ASP C 337 37.52 15.85 12.12
N PRO C 338 36.90 15.44 11.02
CA PRO C 338 36.03 14.25 11.07
C PRO C 338 36.85 13.00 11.41
N ASP C 339 36.27 12.13 12.23
CA ASP C 339 36.93 10.88 12.60
C ASP C 339 35.91 9.93 13.21
N GLY C 340 36.22 8.65 13.13
CA GLY C 340 35.45 7.64 13.85
C GLY C 340 34.00 7.60 13.44
N THR C 341 33.15 7.17 14.37
CA THR C 341 31.72 7.08 14.15
C THR C 341 30.99 7.69 15.33
N GLY C 342 29.79 8.18 15.07
CA GLY C 342 28.99 8.77 16.13
C GLY C 342 28.53 7.74 17.13
N ALA C 343 28.16 8.22 18.32
CA ALA C 343 27.68 7.32 19.36
C ALA C 343 26.40 6.63 18.95
N ASP C 344 25.49 7.37 18.30
CA ASP C 344 24.20 6.83 17.89
C ASP C 344 24.13 6.54 16.40
N ASP C 345 25.21 6.03 15.81
CA ASP C 345 25.23 5.83 14.37
C ASP C 345 24.33 4.68 13.94
N THR C 346 24.39 3.55 14.66
CA THR C 346 23.67 2.35 14.22
C THR C 346 22.17 2.56 14.22
N VAL C 347 21.66 3.25 15.25
CA VAL C 347 20.21 3.49 15.32
C VAL C 347 19.76 4.35 14.14
N VAL C 348 20.54 5.39 13.81
CA VAL C 348 20.17 6.25 12.70
C VAL C 348 20.27 5.51 11.37
N THR C 349 21.25 4.60 11.25
CA THR C 349 21.32 3.80 10.03
C THR C 349 20.08 2.93 9.89
N LYS C 350 19.62 2.32 10.98
CA LYS C 350 18.37 1.56 10.92
C LYS C 350 17.21 2.45 10.54
N ARG C 351 17.14 3.65 11.14
CA ARG C 351 16.05 4.56 10.81
C ARG C 351 16.11 4.99 9.35
N ALA C 352 17.30 4.99 8.76
CA ALA C 352 17.42 5.24 7.33
C ALA C 352 16.95 4.06 6.50
N ASN C 353 17.29 2.84 6.91
CA ASN C 353 16.85 1.65 6.18
C ASN C 353 15.33 1.44 6.30
N ARG C 354 14.68 2.16 7.20
CA ARG C 354 13.22 2.17 7.29
C ARG C 354 12.54 2.62 6.02
N LYS C 355 12.94 3.75 5.46
CA LYS C 355 12.22 4.36 4.34
C LYS C 355 12.78 3.84 3.02
N VAL C 356 12.11 2.85 2.44
CA VAL C 356 12.61 2.11 1.28
C VAL C 356 11.43 1.75 0.39
N ILE C 357 11.66 1.62 -0.92
CA ILE C 357 10.71 1.04 -1.85
C ILE C 357 11.07 -0.43 -2.05
N LEU C 358 10.18 -1.33 -1.66
CA LEU C 358 10.45 -2.76 -1.79
C LEU C 358 10.27 -3.21 -3.23
N THR C 359 11.10 -4.16 -3.66
CA THR C 359 10.97 -4.81 -4.95
C THR C 359 11.24 -6.29 -4.78
N LYS C 360 10.64 -7.12 -5.62
CA LYS C 360 10.81 -8.55 -5.59
C LYS C 360 11.09 -9.09 -6.98
N ALA C 361 12.00 -10.04 -7.08
CA ALA C 361 12.38 -10.64 -8.34
C ALA C 361 11.89 -12.08 -8.43
N VAL C 362 11.28 -12.41 -9.55
CA VAL C 362 10.77 -13.76 -9.76
C VAL C 362 11.70 -14.54 -10.69
N SER D 2 14.40 -0.32 -89.73
CA SER D 2 14.84 -1.58 -89.15
C SER D 2 16.29 -1.49 -88.66
N THR D 3 16.44 -1.29 -87.35
CA THR D 3 17.75 -1.22 -86.70
C THR D 3 18.63 -0.13 -87.30
N PRO D 4 18.32 1.15 -87.05
CA PRO D 4 19.16 2.23 -87.56
C PRO D 4 20.57 2.14 -86.98
N ASN D 5 21.56 2.44 -87.81
CA ASN D 5 22.95 2.36 -87.40
C ASN D 5 23.69 3.61 -87.85
N VAL D 6 24.84 3.85 -87.22
CA VAL D 6 25.74 4.98 -87.46
C VAL D 6 24.95 6.29 -87.42
N LEU D 7 23.95 6.33 -86.54
CA LEU D 7 23.16 7.53 -86.38
C LEU D 7 24.03 8.70 -85.94
N THR D 8 23.73 9.89 -86.47
CA THR D 8 24.57 11.05 -86.20
C THR D 8 24.45 11.47 -84.75
N ASN D 9 25.59 11.59 -84.07
CA ASN D 9 25.66 12.04 -82.70
C ASN D 9 26.52 13.29 -82.65
N VAL D 10 25.94 14.39 -82.16
CA VAL D 10 26.63 15.68 -82.14
C VAL D 10 27.62 15.79 -81.00
N ALA D 11 27.38 15.11 -79.88
CA ALA D 11 28.19 15.25 -78.69
C ALA D 11 29.51 14.47 -78.76
N VAL D 12 29.95 14.04 -79.93
CA VAL D 12 31.21 13.33 -80.09
C VAL D 12 32.06 14.07 -81.10
N SER D 13 33.35 14.23 -80.79
CA SER D 13 34.25 14.93 -81.68
C SER D 13 34.88 13.99 -82.68
N HIS D 14 35.04 14.47 -83.92
CA HIS D 14 35.67 13.66 -84.96
C HIS D 14 37.13 13.36 -84.62
N SER D 15 37.87 14.38 -84.16
CA SER D 15 39.29 14.20 -83.91
C SER D 15 39.54 13.24 -82.75
N GLY D 16 38.69 13.30 -81.72
CA GLY D 16 38.89 12.48 -80.54
C GLY D 16 39.80 13.06 -79.49
N GLU D 17 40.36 14.25 -79.73
CA GLU D 17 41.23 14.87 -78.73
C GLU D 17 40.44 15.31 -77.51
N VAL D 18 39.33 16.00 -77.72
CA VAL D 18 38.52 16.49 -76.61
C VAL D 18 37.54 15.41 -76.18
N ASP D 19 37.16 15.45 -74.91
CA ASP D 19 36.29 14.41 -74.36
C ASP D 19 34.88 14.51 -74.94
N SER D 20 34.31 15.72 -74.93
CA SER D 20 32.94 15.92 -75.39
C SER D 20 32.74 17.36 -75.80
N LEU D 21 31.86 17.58 -76.78
CA LEU D 21 31.61 18.94 -77.24
C LEU D 21 30.77 19.72 -76.24
N LEU D 22 29.81 19.06 -75.60
CA LEU D 22 28.88 19.74 -74.71
C LEU D 22 29.61 20.38 -73.54
N ILE D 23 29.23 21.62 -73.23
CA ILE D 23 29.81 22.38 -72.13
C ILE D 23 28.78 22.50 -71.01
N GLU D 24 29.24 22.65 -69.77
CA GLU D 24 28.32 22.73 -68.64
C GLU D 24 28.13 24.09 -67.95
N LYS D 25 26.86 24.46 -67.86
CA LYS D 25 26.34 25.65 -67.23
C LYS D 25 26.64 25.65 -65.74
N PHE D 26 26.40 26.78 -65.10
CA PHE D 26 26.61 26.91 -63.66
C PHE D 26 25.34 27.46 -63.02
N ASN D 27 24.89 26.79 -61.95
CA ASN D 27 23.57 27.04 -61.39
C ASN D 27 23.43 28.45 -60.84
N GLY D 28 24.54 29.09 -60.49
CA GLY D 28 24.48 30.29 -59.69
C GLY D 28 24.55 30.04 -58.19
N LYS D 29 24.58 28.79 -57.78
CA LYS D 29 24.65 28.47 -56.36
C LYS D 29 26.10 28.29 -55.93
N VAL D 30 26.49 29.05 -54.90
CA VAL D 30 27.76 28.88 -54.24
C VAL D 30 27.48 28.72 -52.75
N ARG D 31 28.20 27.80 -52.12
CA ARG D 31 28.01 27.50 -50.71
C ARG D 31 29.13 28.09 -49.88
N GLU D 32 28.75 28.77 -48.81
CA GLU D 32 29.68 29.40 -47.90
C GLU D 32 29.59 28.67 -46.57
N GLN D 33 30.64 28.71 -45.79
CA GLN D 33 30.68 28.01 -44.51
C GLN D 33 29.63 28.47 -43.49
N TYR D 34 29.03 27.49 -42.81
CA TYR D 34 28.04 27.74 -41.77
C TYR D 34 28.77 28.33 -40.57
N LEU D 35 28.52 29.60 -40.30
CA LEU D 35 29.10 30.28 -39.13
C LEU D 35 27.98 30.85 -38.29
N LYS D 36 28.02 30.55 -36.99
CA LYS D 36 27.01 30.98 -36.05
C LYS D 36 27.63 31.92 -35.02
N GLY D 37 27.04 33.09 -34.86
CA GLY D 37 27.55 34.05 -33.90
C GLY D 37 26.87 33.94 -32.56
N GLU D 38 27.60 33.47 -31.55
CA GLU D 38 27.02 33.36 -30.21
C GLU D 38 26.71 34.74 -29.64
N ASN D 39 27.48 35.75 -30.04
CA ASN D 39 27.36 37.10 -29.49
C ASN D 39 27.44 37.06 -27.96
N LEU D 40 28.42 36.31 -27.46
CA LEU D 40 28.51 36.02 -26.03
C LEU D 40 28.97 37.22 -25.24
N LEU D 41 29.69 38.14 -25.87
CA LEU D 41 30.20 39.32 -25.16
C LEU D 41 29.10 40.31 -24.81
N SER D 42 27.88 40.13 -25.32
CA SER D 42 26.81 41.09 -25.06
C SER D 42 26.44 41.14 -23.59
N HIS D 43 26.73 40.08 -22.82
CA HIS D 43 26.37 40.08 -21.40
C HIS D 43 27.12 41.17 -20.65
N PHE D 44 28.44 41.22 -20.78
CA PHE D 44 29.23 42.20 -20.07
C PHE D 44 29.13 43.57 -20.73
N GLN D 45 29.59 44.59 -20.00
CA GLN D 45 29.66 45.95 -20.52
C GLN D 45 31.10 46.27 -20.87
N VAL D 46 31.31 47.01 -21.95
CA VAL D 46 32.63 47.31 -22.47
C VAL D 46 32.85 48.81 -22.34
N GLU D 47 33.96 49.19 -21.70
CA GLU D 47 34.30 50.60 -21.60
C GLU D 47 35.34 50.95 -22.65
N THR D 48 35.02 51.95 -23.48
CA THR D 48 35.96 52.39 -24.50
C THR D 48 37.20 53.01 -23.86
N VAL D 49 38.36 52.71 -24.42
CA VAL D 49 39.64 53.17 -23.89
C VAL D 49 40.33 53.93 -25.00
N THR D 50 40.10 55.24 -25.05
CA THR D 50 40.74 56.12 -26.02
C THR D 50 41.37 57.28 -25.27
N GLY D 51 42.58 57.67 -25.69
CA GLY D 51 43.32 58.70 -24.99
C GLY D 51 44.04 58.23 -23.75
N THR D 52 44.00 56.92 -23.45
CA THR D 52 44.71 56.37 -22.31
C THR D 52 45.01 54.92 -22.60
N ASN D 53 45.91 54.34 -21.79
CA ASN D 53 46.38 52.99 -22.08
C ASN D 53 45.57 51.94 -21.33
N THR D 54 45.28 52.19 -20.06
CA THR D 54 44.67 51.19 -19.19
C THR D 54 43.39 51.73 -18.60
N VAL D 55 42.62 50.84 -17.98
CA VAL D 55 41.45 51.24 -17.19
C VAL D 55 41.38 50.38 -15.94
N SER D 56 40.93 50.98 -14.84
CA SER D 56 41.06 50.37 -13.53
C SER D 56 39.82 50.59 -12.69
N ASN D 57 39.81 49.95 -11.52
CA ASN D 57 38.77 50.12 -10.51
C ASN D 57 39.35 49.78 -9.15
N LYS D 58 38.60 50.11 -8.09
CA LYS D 58 39.11 49.96 -6.73
C LYS D 58 38.18 49.11 -5.87
N TYR D 59 38.80 48.37 -4.95
CA TYR D 59 38.13 47.52 -3.98
C TYR D 59 38.41 48.04 -2.57
N LEU D 60 37.41 47.85 -1.69
CA LEU D 60 37.46 48.32 -0.32
C LEU D 60 37.30 47.13 0.62
N GLY D 61 37.80 47.29 1.84
CA GLY D 61 37.72 46.24 2.86
C GLY D 61 36.97 46.70 4.08
N GLU D 62 36.80 45.84 5.08
CA GLU D 62 36.02 46.23 6.24
C GLU D 62 36.80 46.09 7.55
N THR D 63 36.46 46.94 8.51
CA THR D 63 37.11 47.00 9.80
C THR D 63 36.70 45.82 10.69
N GLU D 64 37.37 45.72 11.83
CA GLU D 64 37.10 44.68 12.81
C GLU D 64 36.32 45.25 13.99
N ILE D 65 36.16 44.42 15.02
CA ILE D 65 35.37 44.74 16.20
C ILE D 65 36.26 44.63 17.43
N GLN D 66 36.09 45.55 18.38
CA GLN D 66 36.87 45.55 19.62
C GLN D 66 35.98 45.92 20.79
N VAL D 67 36.40 45.51 21.98
CA VAL D 67 35.60 45.74 23.18
C VAL D 67 35.84 47.13 23.73
N LEU D 68 34.87 47.66 24.47
CA LEU D 68 34.93 49.01 25.02
C LEU D 68 34.76 48.94 26.53
N ALA D 69 35.71 49.53 27.24
CA ALA D 69 35.58 49.72 28.68
C ALA D 69 35.01 51.10 28.98
N PRO D 70 34.36 51.26 30.13
CA PRO D 70 33.79 52.58 30.47
C PRO D 70 34.88 53.63 30.59
N GLY D 71 34.82 54.63 29.70
CA GLY D 71 35.82 55.67 29.67
C GLY D 71 37.13 55.29 29.02
N GLN D 72 37.16 54.20 28.25
CA GLN D 72 38.41 53.74 27.67
C GLN D 72 38.85 54.61 26.50
N SER D 73 37.92 54.99 25.63
CA SER D 73 38.20 55.66 24.38
C SER D 73 39.16 54.83 23.53
N PRO D 74 38.70 53.71 22.98
CA PRO D 74 39.62 52.76 22.34
C PRO D 74 40.20 53.32 21.05
N ALA D 75 41.37 52.81 20.68
CA ALA D 75 42.02 53.22 19.44
C ALA D 75 41.29 52.63 18.23
N ALA D 76 41.44 53.29 17.09
CA ALA D 76 40.76 52.84 15.88
C ALA D 76 41.55 51.72 15.20
N THR D 77 40.96 51.17 14.14
CA THR D 77 41.55 50.11 13.36
C THR D 77 41.62 50.52 11.90
N PRO D 78 42.62 50.07 11.15
CA PRO D 78 42.79 50.54 9.77
C PRO D 78 41.80 49.90 8.82
N THR D 79 41.67 50.52 7.65
CA THR D 79 40.88 49.99 6.53
C THR D 79 41.79 49.87 5.31
N LYS D 80 41.69 48.74 4.61
CA LYS D 80 42.57 48.45 3.50
C LYS D 80 41.81 48.59 2.19
N ALA D 81 42.52 49.06 1.16
CA ALA D 81 41.96 49.23 -0.17
C ALA D 81 42.96 48.73 -1.20
N ASP D 82 42.44 48.36 -2.37
CA ASP D 82 43.29 47.90 -3.46
C ASP D 82 42.65 48.27 -4.79
N LYS D 83 43.28 47.88 -5.88
CA LYS D 83 42.79 48.23 -7.21
C LYS D 83 43.17 47.17 -8.23
N ASN D 84 42.42 47.16 -9.34
CA ASN D 84 42.65 46.26 -10.46
C ASN D 84 42.72 47.06 -11.74
N GLN D 85 43.61 46.64 -12.65
CA GLN D 85 43.83 47.32 -13.92
C GLN D 85 43.71 46.33 -15.06
N VAL D 86 43.42 46.86 -16.26
CA VAL D 86 43.52 46.11 -17.49
C VAL D 86 44.18 46.99 -18.54
N VAL D 87 45.07 46.39 -19.33
CA VAL D 87 45.84 47.08 -20.35
C VAL D 87 45.55 46.42 -21.69
N ILE D 88 45.44 47.22 -22.74
CA ILE D 88 45.18 46.74 -24.09
C ILE D 88 46.22 47.38 -25.01
N ASP D 89 47.02 46.55 -25.67
CA ASP D 89 48.14 47.04 -26.46
C ASP D 89 48.35 46.29 -27.77
N THR D 90 47.37 45.51 -28.22
CA THR D 90 47.54 44.67 -29.40
C THR D 90 46.28 44.65 -30.23
N THR D 91 46.43 44.33 -31.51
CA THR D 91 45.34 44.30 -32.46
C THR D 91 45.42 43.04 -33.31
N VAL D 92 44.29 42.66 -33.89
CA VAL D 92 44.18 41.51 -34.78
C VAL D 92 43.54 41.96 -36.08
N ILE D 93 44.05 41.41 -37.20
CA ILE D 93 43.62 41.79 -38.53
C ILE D 93 43.47 40.54 -39.39
N ALA D 94 42.54 40.60 -40.34
CA ALA D 94 42.36 39.58 -41.37
C ALA D 94 42.46 40.27 -42.71
N ARG D 95 43.31 39.75 -43.59
CA ARG D 95 43.62 40.41 -44.85
C ARG D 95 43.62 39.41 -45.99
N ASN D 96 43.08 39.82 -47.14
CA ASN D 96 43.10 39.02 -48.36
C ASN D 96 43.46 39.92 -49.54
N THR D 97 44.31 39.40 -50.43
CA THR D 97 44.71 40.12 -51.63
C THR D 97 44.22 39.36 -52.85
N VAL D 98 43.45 40.01 -53.70
CA VAL D 98 42.98 39.41 -54.95
C VAL D 98 43.58 40.18 -56.12
N ALA D 99 44.27 39.46 -57.00
CA ALA D 99 45.10 40.10 -58.00
C ALA D 99 44.27 40.60 -59.18
N MET D 100 44.84 41.55 -59.91
CA MET D 100 44.26 41.94 -61.19
C MET D 100 44.43 40.82 -62.19
N LEU D 101 43.51 40.74 -63.15
CA LEU D 101 43.45 39.69 -64.17
C LEU D 101 42.99 38.38 -63.56
N HIS D 102 42.85 38.35 -62.23
CA HIS D 102 42.13 37.25 -61.59
C HIS D 102 40.73 37.71 -61.20
N ASP D 103 40.57 39.01 -60.96
CA ASP D 103 39.24 39.56 -60.72
C ASP D 103 38.45 39.66 -62.02
N VAL D 104 39.11 40.05 -63.11
CA VAL D 104 38.44 40.12 -64.41
C VAL D 104 38.01 38.73 -64.84
N GLN D 105 38.90 37.75 -64.72
CA GLN D 105 38.57 36.36 -65.06
C GLN D 105 38.04 35.63 -63.83
N GLY D 106 37.05 36.23 -63.19
CA GLY D 106 36.44 35.64 -62.02
C GLY D 106 35.00 35.24 -62.28
N ASP D 107 34.75 33.92 -62.36
CA ASP D 107 33.40 33.46 -62.63
C ASP D 107 32.49 33.65 -61.43
N ILE D 108 33.05 33.59 -60.22
CA ILE D 108 32.27 33.92 -59.03
C ILE D 108 31.96 35.40 -59.01
N ASP D 109 30.74 35.76 -58.63
CA ASP D 109 30.29 37.14 -58.63
C ASP D 109 30.30 37.71 -57.23
N SER D 110 30.70 38.98 -57.12
CA SER D 110 30.74 39.70 -55.85
C SER D 110 31.58 38.94 -54.82
N LEU D 111 32.80 38.56 -55.23
CA LEU D 111 33.68 37.81 -54.35
C LEU D 111 34.13 38.63 -53.16
N LYS D 112 34.43 39.91 -53.37
CA LYS D 112 34.93 40.76 -52.29
C LYS D 112 33.92 40.95 -51.17
N PRO D 113 32.65 41.24 -51.43
CA PRO D 113 31.69 41.29 -50.30
C PRO D 113 31.60 39.99 -49.53
N LYS D 114 31.69 38.84 -50.23
CA LYS D 114 31.67 37.56 -49.53
C LYS D 114 32.88 37.41 -48.63
N ILE D 115 34.06 37.81 -49.10
CA ILE D 115 35.25 37.73 -48.26
C ILE D 115 35.11 38.63 -47.04
N ALA D 116 34.61 39.85 -47.22
CA ALA D 116 34.44 40.74 -46.09
C ALA D 116 33.45 40.18 -45.07
N VAL D 117 32.35 39.61 -45.56
CA VAL D 117 31.36 39.00 -44.66
C VAL D 117 31.99 37.86 -43.87
N ASN D 118 32.78 37.02 -44.54
CA ASN D 118 33.40 35.90 -43.84
C ASN D 118 34.40 36.40 -42.79
N GLN D 119 35.15 37.45 -43.13
CA GLN D 119 36.14 37.99 -42.20
C GLN D 119 35.47 38.52 -40.93
N ALA D 120 34.34 39.21 -41.08
CA ALA D 120 33.65 39.73 -39.91
C ALA D 120 33.28 38.60 -38.95
N LYS D 121 32.74 37.50 -39.49
CA LYS D 121 32.35 36.38 -38.64
C LYS D 121 33.57 35.72 -38.01
N GLN D 122 34.68 35.65 -38.74
CA GLN D 122 35.89 35.10 -38.14
C GLN D 122 36.34 35.90 -36.93
N LEU D 123 36.33 37.22 -37.04
CA LEU D 123 36.77 38.04 -35.90
C LEU D 123 35.76 37.96 -34.75
N LYS D 124 34.47 37.83 -35.09
CA LYS D 124 33.46 37.60 -34.05
C LYS D 124 33.75 36.33 -33.27
N ARG D 125 34.06 35.25 -34.00
CA ARG D 125 34.45 34.00 -33.34
C ARG D 125 35.66 34.21 -32.45
N LEU D 126 36.65 34.97 -32.93
CA LEU D 126 37.86 35.17 -32.15
C LEU D 126 37.54 35.84 -30.81
N GLU D 127 36.77 36.94 -30.84
CA GLU D 127 36.50 37.65 -29.59
C GLU D 127 35.62 36.80 -28.66
N ASP D 128 34.66 36.08 -29.21
CA ASP D 128 33.80 35.24 -28.37
C ASP D 128 34.62 34.13 -27.69
N GLU D 129 35.54 33.52 -28.41
CA GLU D 129 36.40 32.50 -27.79
C GLU D 129 37.31 33.11 -26.74
N MET D 130 37.83 34.30 -27.01
CA MET D 130 38.72 34.97 -26.06
C MET D 130 38.01 35.24 -24.74
N VAL D 131 36.75 35.68 -24.80
CA VAL D 131 36.01 35.97 -23.57
C VAL D 131 35.89 34.72 -22.70
N VAL D 132 35.52 33.59 -23.31
CA VAL D 132 35.33 32.37 -22.55
C VAL D 132 36.66 31.89 -21.98
N GLN D 133 37.75 32.01 -22.76
CA GLN D 133 39.04 31.61 -22.25
C GLN D 133 39.44 32.44 -21.03
N GLN D 134 39.17 33.75 -21.08
CA GLN D 134 39.46 34.60 -19.93
C GLN D 134 38.62 34.21 -18.72
N LEU D 135 37.34 33.92 -18.93
CA LEU D 135 36.51 33.40 -17.84
C LEU D 135 37.13 32.16 -17.23
N MET D 136 37.58 31.22 -18.06
CA MET D 136 38.12 29.97 -17.55
C MET D 136 39.39 30.20 -16.75
N LEU D 137 40.30 31.04 -17.26
CA LEU D 137 41.54 31.30 -16.55
C LEU D 137 41.28 32.02 -15.23
N GLY D 138 40.36 32.98 -15.23
CA GLY D 138 40.03 33.66 -14.00
C GLY D 138 39.44 32.72 -12.97
N GLY D 139 38.63 31.76 -13.41
CA GLY D 139 38.08 30.78 -12.50
C GLY D 139 39.16 29.86 -11.92
N ILE D 140 40.08 29.43 -12.77
CA ILE D 140 41.11 28.50 -12.30
C ILE D 140 42.09 29.18 -11.35
N SER D 141 42.53 30.40 -11.69
CA SER D 141 43.67 31.00 -11.00
C SER D 141 43.35 31.32 -9.54
N ASN D 142 42.19 31.91 -9.29
CA ASN D 142 41.85 32.39 -7.95
C ASN D 142 41.03 31.36 -7.19
N THR D 143 41.66 30.23 -6.89
CA THR D 143 40.95 29.04 -6.46
C THR D 143 41.15 28.68 -4.99
N LYS D 144 41.55 29.63 -4.14
CA LYS D 144 41.79 29.47 -2.70
C LYS D 144 43.06 28.67 -2.43
N ALA D 145 43.68 28.09 -3.45
CA ALA D 145 44.95 27.39 -3.30
C ALA D 145 46.11 28.17 -3.91
N GLN D 146 45.93 28.68 -5.13
CA GLN D 146 46.97 29.51 -5.74
C GLN D 146 47.16 30.80 -4.95
N ARG D 147 46.07 31.42 -4.54
CA ARG D 147 46.10 32.67 -3.77
C ARG D 147 45.65 32.36 -2.35
N THR D 148 46.44 32.80 -1.37
CA THR D 148 46.17 32.43 0.02
C THR D 148 45.28 33.46 0.70
N ASN D 149 45.40 34.72 0.33
CA ASN D 149 44.63 35.80 0.94
C ASN D 149 43.98 36.64 -0.14
N PRO D 150 42.80 37.21 0.14
CA PRO D 150 42.12 38.02 -0.86
C PRO D 150 42.81 39.37 -1.05
N ARG D 151 42.31 40.13 -2.01
CA ARG D 151 42.84 41.47 -2.24
C ARG D 151 42.65 42.37 -1.04
N VAL D 152 41.47 42.33 -0.44
CA VAL D 152 41.21 43.01 0.83
C VAL D 152 40.51 42.00 1.73
N PRO D 153 40.66 42.15 3.05
CA PRO D 153 40.25 41.04 3.95
C PRO D 153 38.79 40.64 3.82
N GLY D 154 37.90 41.55 3.43
CA GLY D 154 36.49 41.22 3.40
C GLY D 154 36.11 40.21 2.33
N HIS D 155 36.72 40.32 1.15
CA HIS D 155 36.24 39.60 -0.01
C HIS D 155 36.60 38.12 0.05
N GLY D 156 36.17 37.40 -0.99
CA GLY D 156 36.39 35.96 -1.06
C GLY D 156 36.93 35.55 -2.42
N PHE D 157 37.25 34.27 -2.54
CA PHE D 157 37.87 33.74 -3.73
C PHE D 157 36.86 33.06 -4.64
N SER D 158 37.36 32.67 -5.81
CA SER D 158 36.62 31.90 -6.81
C SER D 158 36.65 30.42 -6.41
N ILE D 159 35.75 29.62 -6.98
CA ILE D 159 35.66 28.21 -6.68
C ILE D 159 35.92 27.42 -7.95
N ASN D 160 36.84 26.46 -7.87
CA ASN D 160 37.12 25.54 -8.96
C ASN D 160 36.85 24.12 -8.47
N VAL D 161 35.92 23.44 -9.12
CA VAL D 161 35.54 22.07 -8.76
C VAL D 161 36.14 21.14 -9.80
N ASN D 162 37.02 20.26 -9.36
CA ASN D 162 37.73 19.34 -10.25
C ASN D 162 37.07 17.98 -10.17
N ILE D 163 36.65 17.45 -11.32
CA ILE D 163 35.98 16.17 -11.40
C ILE D 163 36.72 15.27 -12.37
N THR D 164 36.79 13.98 -12.06
CA THR D 164 37.48 13.05 -12.94
C THR D 164 36.72 12.87 -14.24
N ALA D 165 37.45 12.68 -15.33
CA ALA D 165 36.82 12.40 -16.61
C ALA D 165 36.47 10.92 -16.71
N ASP D 166 35.85 10.57 -17.83
CA ASP D 166 35.50 9.19 -18.20
C ASP D 166 34.35 8.68 -17.32
N THR D 167 33.98 9.46 -16.29
CA THR D 167 32.77 9.15 -15.55
C THR D 167 31.76 10.27 -15.70
N ALA D 168 32.20 11.43 -16.19
CA ALA D 168 31.28 12.54 -16.43
C ALA D 168 30.28 12.19 -17.53
N GLU D 169 30.76 11.66 -18.65
CA GLU D 169 29.86 11.34 -19.76
C GLU D 169 29.04 10.10 -19.45
N THR D 170 29.48 9.29 -18.49
CA THR D 170 28.75 8.06 -18.18
C THR D 170 27.44 8.35 -17.45
N SER D 171 27.47 9.24 -16.46
CA SER D 171 26.31 9.48 -15.62
C SER D 171 26.00 10.96 -15.54
N PRO D 172 24.77 11.39 -15.86
CA PRO D 172 24.43 12.81 -15.74
C PRO D 172 24.38 13.30 -14.30
N GLN D 173 24.03 12.43 -13.36
CA GLN D 173 23.93 12.85 -11.97
C GLN D 173 25.26 13.36 -11.45
N TYR D 174 26.37 12.84 -11.98
CA TYR D 174 27.68 13.33 -11.60
C TYR D 174 27.84 14.80 -11.98
N LEU D 175 27.42 15.14 -13.21
CA LEU D 175 27.44 16.54 -13.64
C LEU D 175 26.52 17.40 -12.79
N ALA D 176 25.32 16.90 -12.50
CA ALA D 176 24.38 17.69 -11.70
C ALA D 176 24.97 17.95 -10.32
N ALA D 177 25.59 16.94 -9.71
CA ALA D 177 26.20 17.13 -8.40
C ALA D 177 27.35 18.12 -8.46
N ALA D 178 28.17 18.05 -9.51
CA ALA D 178 29.29 19.00 -9.63
C ALA D 178 28.77 20.42 -9.77
N ILE D 179 27.75 20.63 -10.60
CA ILE D 179 27.22 21.97 -10.81
C ILE D 179 26.59 22.51 -9.53
N GLU D 180 25.79 21.68 -8.84
CA GLU D 180 25.17 22.16 -7.62
C GLU D 180 26.21 22.39 -6.54
N TYR D 181 27.31 21.62 -6.56
CA TYR D 181 28.39 21.84 -5.60
C TYR D 181 29.04 23.19 -5.83
N ALA D 182 29.35 23.52 -7.09
CA ALA D 182 29.94 24.81 -7.39
C ALA D 182 29.00 25.95 -7.00
N LEU D 183 27.72 25.83 -7.35
CA LEU D 183 26.77 26.88 -7.00
C LEU D 183 26.61 27.02 -5.49
N GLU D 184 26.58 25.88 -4.78
CA GLU D 184 26.42 25.89 -3.34
C GLU D 184 27.61 26.52 -2.64
N GLN D 185 28.82 26.24 -3.13
CA GLN D 185 30.00 26.81 -2.52
C GLN D 185 30.13 28.29 -2.87
N GLN D 186 29.59 28.70 -4.02
CA GLN D 186 29.41 30.14 -4.26
C GLN D 186 28.44 30.75 -3.26
N LEU D 187 27.33 30.08 -3.00
CA LEU D 187 26.32 30.61 -2.11
C LEU D 187 26.78 30.65 -0.67
N GLU D 188 27.74 29.80 -0.31
CA GLU D 188 28.22 29.75 1.07
C GLU D 188 28.87 31.07 1.48
N GLN D 189 29.67 31.66 0.59
CA GLN D 189 30.33 32.91 0.94
C GLN D 189 29.46 34.12 0.62
N GLU D 190 28.19 34.06 1.03
CA GLU D 190 27.31 35.23 1.08
C GLU D 190 27.21 35.94 -0.26
N VAL D 191 27.08 35.17 -1.33
CA VAL D 191 26.98 35.70 -2.69
C VAL D 191 25.59 35.36 -3.23
N ASP D 192 24.89 36.37 -3.74
CA ASP D 192 23.59 36.15 -4.35
C ASP D 192 23.76 35.38 -5.66
N ILE D 193 22.85 34.45 -5.92
CA ILE D 193 22.88 33.62 -7.11
C ILE D 193 21.66 33.82 -7.99
N SER D 194 21.06 35.02 -7.96
CA SER D 194 19.89 35.27 -8.80
C SER D 194 20.27 35.44 -10.26
N ASP D 195 21.40 36.09 -10.53
CA ASP D 195 21.78 36.47 -11.89
C ASP D 195 22.86 35.58 -12.50
N LEU D 196 23.32 34.56 -11.79
CA LEU D 196 24.37 33.71 -12.33
C LEU D 196 23.88 32.98 -13.57
N VAL D 197 24.77 32.79 -14.54
CA VAL D 197 24.46 32.09 -15.78
C VAL D 197 25.46 30.97 -15.96
N ILE D 198 24.99 29.82 -16.44
CA ILE D 198 25.83 28.65 -16.66
C ILE D 198 26.00 28.46 -18.16
N LEU D 199 27.24 28.21 -18.58
CA LEU D 199 27.54 27.89 -19.98
C LEU D 199 28.12 26.50 -20.04
N MET D 200 27.62 25.70 -20.98
CA MET D 200 28.11 24.34 -21.17
C MET D 200 28.34 24.05 -22.64
N PRO D 201 29.24 23.12 -22.96
CA PRO D 201 29.39 22.70 -24.36
C PRO D 201 28.34 21.65 -24.71
N TRP D 202 28.15 21.45 -26.01
CA TRP D 202 27.06 20.60 -26.48
C TRP D 202 27.23 19.17 -25.97
N LYS D 203 28.45 18.64 -26.02
CA LYS D 203 28.68 17.26 -25.63
C LYS D 203 28.25 17.00 -24.20
N PHE D 204 28.51 17.96 -23.31
CA PHE D 204 28.16 17.77 -21.90
C PHE D 204 26.79 18.35 -21.58
N PHE D 205 26.31 19.29 -22.40
CA PHE D 205 24.94 19.78 -22.23
C PHE D 205 23.94 18.67 -22.49
N ASN D 206 24.15 17.89 -23.56
CA ASN D 206 23.25 16.76 -23.83
C ASN D 206 23.34 15.71 -22.73
N ALA D 207 24.50 15.62 -22.08
CA ALA D 207 24.63 14.70 -20.95
C ALA D 207 23.82 15.18 -19.76
N LEU D 208 23.95 16.45 -19.39
CA LEU D 208 23.24 16.98 -18.24
C LEU D 208 21.73 16.92 -18.45
N ARG D 209 21.27 17.26 -19.66
CA ARG D 209 19.84 17.28 -19.91
C ARG D 209 19.21 15.91 -19.77
N ASP D 210 19.99 14.85 -19.98
CA ASP D 210 19.42 13.53 -20.21
C ASP D 210 18.88 12.90 -18.93
N MET D 211 19.28 13.39 -17.76
CA MET D 211 18.94 12.72 -16.51
C MET D 211 17.43 12.64 -16.32
N ASP D 212 16.99 11.62 -15.58
CA ASP D 212 15.57 11.38 -15.40
C ASP D 212 14.90 12.46 -14.55
N ARG D 213 15.65 13.10 -13.66
CA ARG D 213 15.08 14.16 -12.83
C ARG D 213 14.53 15.29 -13.70
N ILE D 214 15.31 15.72 -14.69
CA ILE D 214 14.86 16.79 -15.57
C ILE D 214 13.73 16.31 -16.48
N VAL D 215 13.89 15.11 -17.05
CA VAL D 215 12.98 14.64 -18.08
C VAL D 215 11.60 14.33 -17.50
N ASP D 216 11.55 13.60 -16.39
CA ASP D 216 10.27 13.14 -15.87
C ASP D 216 9.47 14.31 -15.30
N ARG D 217 8.20 14.39 -15.69
CA ARG D 217 7.35 15.51 -15.26
C ARG D 217 6.95 15.38 -13.80
N SER D 218 6.90 14.16 -13.27
CA SER D 218 6.43 13.95 -11.91
C SER D 218 7.34 14.64 -10.90
N TYR D 219 8.66 14.57 -11.10
CA TYR D 219 9.59 15.26 -10.22
C TYR D 219 9.36 16.75 -10.26
N THR D 220 9.52 17.41 -9.11
CA THR D 220 9.21 18.83 -9.02
C THR D 220 10.16 19.67 -9.86
N LEU D 221 11.38 19.17 -10.11
CA LEU D 221 12.35 19.88 -10.92
C LEU D 221 12.36 19.32 -12.35
N ALA D 222 11.33 19.71 -13.09
CA ALA D 222 11.12 19.25 -14.46
C ALA D 222 10.88 20.45 -15.36
N ASP D 223 11.47 20.42 -16.55
CA ASP D 223 11.34 21.49 -17.53
C ASP D 223 11.05 20.91 -18.90
N GLU D 224 10.08 21.48 -19.60
CA GLU D 224 9.74 21.05 -20.95
C GLU D 224 10.43 21.94 -21.98
N SER D 225 10.43 21.46 -23.23
CA SER D 225 11.01 22.19 -24.35
C SER D 225 12.47 22.55 -24.07
N THR D 226 13.21 21.59 -23.53
CA THR D 226 14.61 21.81 -23.13
C THR D 226 15.55 21.50 -24.30
N VAL D 227 15.54 22.41 -25.27
CA VAL D 227 16.43 22.29 -26.42
C VAL D 227 17.37 23.48 -26.56
N GLN D 228 16.96 24.67 -26.10
CA GLN D 228 17.74 25.89 -26.26
C GLN D 228 18.29 26.40 -24.93
N GLY D 229 18.53 25.52 -23.98
CA GLY D 229 18.94 25.92 -22.66
C GLY D 229 17.75 25.97 -21.72
N PHE D 230 17.98 25.61 -20.47
CA PHE D 230 16.89 25.40 -19.54
C PHE D 230 17.22 25.96 -18.16
N ALA D 231 16.21 26.02 -17.31
CA ALA D 231 16.34 26.55 -15.96
C ALA D 231 16.56 25.39 -14.99
N LEU D 232 17.76 25.33 -14.42
CA LEU D 232 18.02 24.39 -13.34
C LEU D 232 17.23 24.80 -12.10
N LYS D 233 16.30 23.94 -11.69
CA LYS D 233 15.33 24.28 -10.66
C LYS D 233 15.83 24.02 -9.25
N SER D 234 16.96 23.34 -9.09
CA SER D 234 17.50 23.14 -7.75
C SER D 234 17.85 24.47 -7.11
N PHE D 235 18.41 25.39 -7.90
CA PHE D 235 18.68 26.75 -7.46
C PHE D 235 18.04 27.77 -8.40
N ASN D 236 17.37 27.30 -9.46
CA ASN D 236 16.67 28.16 -10.41
C ASN D 236 17.63 29.14 -11.08
N VAL D 237 18.58 28.62 -11.86
CA VAL D 237 19.51 29.43 -12.62
C VAL D 237 19.49 28.96 -14.07
N PRO D 238 19.69 29.83 -15.05
CA PRO D 238 19.67 29.38 -16.45
C PRO D 238 21.00 28.76 -16.87
N VAL D 239 20.90 27.67 -17.61
CA VAL D 239 22.05 27.02 -18.22
C VAL D 239 21.84 27.00 -19.73
N VAL D 240 22.89 27.38 -20.46
CA VAL D 240 22.82 27.61 -21.90
C VAL D 240 23.96 26.83 -22.54
N PRO D 241 23.72 26.14 -23.65
CA PRO D 241 24.83 25.49 -24.36
C PRO D 241 25.59 26.49 -25.20
N SER D 242 26.92 26.38 -25.16
CA SER D 242 27.81 27.20 -25.96
C SER D 242 28.74 26.30 -26.74
N ASN D 243 28.85 26.55 -28.04
CA ASN D 243 29.62 25.66 -28.90
C ASN D 243 31.12 25.82 -28.67
N ARG D 244 31.57 27.04 -28.38
CA ARG D 244 32.99 27.38 -28.47
C ARG D 244 33.64 27.48 -27.10
N PHE D 245 34.49 26.51 -26.78
CA PHE D 245 35.39 26.50 -25.65
C PHE D 245 36.81 26.27 -26.16
N PRO D 246 37.82 26.65 -25.38
CA PRO D 246 39.20 26.45 -25.82
C PRO D 246 39.51 24.97 -26.00
N LYS D 247 40.39 24.69 -26.98
CA LYS D 247 40.83 23.33 -27.27
C LYS D 247 42.35 23.29 -27.24
N PHE D 248 42.89 22.38 -26.42
CA PHE D 248 44.34 22.26 -26.30
C PHE D 248 44.93 21.68 -27.58
N SER D 249 45.98 22.30 -28.09
CA SER D 249 46.50 21.97 -29.41
C SER D 249 47.88 21.32 -29.38
N GLN D 250 48.35 20.87 -28.22
CA GLN D 250 49.60 20.13 -28.08
C GLN D 250 50.79 20.92 -28.61
N GLY D 251 51.08 22.01 -27.92
CA GLY D 251 52.31 22.74 -28.17
C GLY D 251 52.34 23.58 -29.43
N ALA D 252 51.18 24.00 -29.93
CA ALA D 252 51.17 24.92 -31.05
C ALA D 252 51.64 26.31 -30.59
N ALA D 253 51.66 27.25 -31.53
CA ALA D 253 52.09 28.60 -31.23
C ALA D 253 51.13 29.25 -30.23
N HIS D 254 51.63 30.28 -29.55
CA HIS D 254 50.80 30.99 -28.58
C HIS D 254 49.60 31.62 -29.27
N HIS D 255 48.48 31.64 -28.56
CA HIS D 255 47.26 32.23 -29.09
C HIS D 255 47.50 33.70 -29.43
N LYS D 256 46.83 34.18 -30.47
CA LYS D 256 46.98 35.56 -30.90
C LYS D 256 46.68 36.52 -29.77
N LEU D 257 47.14 37.77 -29.94
CA LEU D 257 47.02 38.87 -28.99
C LEU D 257 47.54 38.50 -27.60
N SER D 258 48.46 37.53 -27.50
CA SER D 258 49.10 37.19 -26.24
C SER D 258 50.56 37.63 -26.29
N ASN D 259 50.98 38.37 -25.27
CA ASN D 259 52.32 38.93 -25.19
C ASN D 259 52.97 38.51 -23.88
N ALA D 260 54.29 38.44 -23.88
CA ALA D 260 55.01 38.04 -22.68
C ALA D 260 54.85 39.05 -21.55
N ASP D 261 54.46 40.28 -21.89
CA ASP D 261 54.31 41.31 -20.86
C ASP D 261 53.17 41.00 -19.91
N ASN D 262 51.99 40.69 -20.44
CA ASN D 262 50.81 40.48 -19.61
C ASN D 262 50.70 39.02 -19.17
N GLY D 263 51.77 38.49 -18.59
CA GLY D 263 51.80 37.06 -18.34
C GLY D 263 51.66 36.30 -19.63
N PHE D 264 51.02 35.14 -19.57
CA PHE D 264 50.67 34.37 -20.75
C PHE D 264 49.15 34.16 -20.79
N ARG D 265 48.41 35.22 -20.53
CA ARG D 265 46.96 35.17 -20.62
C ARG D 265 46.53 34.92 -22.06
N TYR D 266 45.23 34.70 -22.23
CA TYR D 266 44.62 34.37 -23.51
C TYR D 266 45.17 33.09 -24.12
N ASP D 267 45.90 32.29 -23.34
CA ASP D 267 46.52 31.08 -23.82
C ASP D 267 45.86 29.87 -23.17
N THR D 268 45.70 28.80 -23.94
CA THR D 268 44.97 27.61 -23.49
C THR D 268 45.95 26.64 -22.85
N THR D 269 46.14 26.76 -21.55
CA THR D 269 47.00 25.83 -20.82
C THR D 269 46.24 24.51 -20.60
N ALA D 270 47.00 23.45 -20.31
CA ALA D 270 46.44 22.11 -20.27
C ALA D 270 45.25 21.92 -19.35
N PRO D 271 45.25 22.38 -18.08
CA PRO D 271 44.14 22.02 -17.18
C PRO D 271 42.76 22.45 -17.65
N MET D 272 42.65 23.50 -18.45
CA MET D 272 41.35 23.95 -18.93
C MET D 272 41.01 23.40 -20.32
N ALA D 273 41.57 22.25 -20.69
CA ALA D 273 41.28 21.70 -22.01
C ALA D 273 39.83 21.24 -22.12
N GLY D 274 39.31 20.56 -21.11
CA GLY D 274 38.02 19.91 -21.22
C GLY D 274 36.98 20.30 -20.19
N ALA D 275 36.89 21.59 -19.85
CA ALA D 275 35.97 22.03 -18.82
C ALA D 275 34.53 21.71 -19.20
N VAL D 276 33.74 21.27 -18.21
CA VAL D 276 32.37 20.84 -18.48
C VAL D 276 31.41 22.01 -18.43
N ALA D 277 31.74 23.05 -17.67
CA ALA D 277 30.83 24.17 -17.52
C ALA D 277 31.58 25.35 -16.90
N VAL D 278 30.99 26.54 -17.09
CA VAL D 278 31.49 27.75 -16.45
C VAL D 278 30.30 28.56 -15.95
N ILE D 279 30.35 28.98 -14.69
CA ILE D 279 29.31 29.80 -14.08
C ILE D 279 29.85 31.20 -13.92
N PHE D 280 29.15 32.18 -14.50
CA PHE D 280 29.64 33.55 -14.43
C PHE D 280 28.50 34.51 -14.13
N SER D 281 28.87 35.64 -13.54
CA SER D 281 27.95 36.74 -13.32
C SER D 281 28.21 37.85 -14.34
N MET D 282 27.54 38.99 -14.13
CA MET D 282 27.63 40.08 -15.10
C MET D 282 28.97 40.79 -15.04
N ASP D 283 29.63 40.77 -13.88
CA ASP D 283 30.84 41.55 -13.67
C ASP D 283 32.08 40.71 -13.38
N ALA D 284 32.18 39.51 -13.97
CA ALA D 284 33.38 38.70 -13.77
C ALA D 284 34.55 39.25 -14.58
N LEU D 285 34.27 39.92 -15.70
CA LEU D 285 35.33 40.43 -16.55
C LEU D 285 35.39 41.95 -16.51
N LEU D 286 36.51 42.48 -17.02
CA LEU D 286 36.70 43.91 -17.22
C LEU D 286 37.18 44.12 -18.66
N VAL D 287 36.23 44.28 -19.58
CA VAL D 287 36.54 44.23 -21.00
C VAL D 287 36.66 45.64 -21.56
N GLY D 288 37.69 45.87 -22.37
CA GLY D 288 37.87 47.15 -23.03
C GLY D 288 38.26 47.01 -24.47
N ARG D 289 37.81 47.94 -25.32
CA ARG D 289 38.12 47.94 -26.74
C ARG D 289 38.61 49.32 -27.13
N THR D 290 39.67 49.38 -27.95
CA THR D 290 40.15 50.66 -28.45
C THR D 290 39.55 50.97 -29.82
N ILE D 291 39.75 50.09 -30.78
CA ILE D 291 39.27 50.27 -32.14
C ILE D 291 38.20 49.21 -32.40
N GLU D 292 36.99 49.66 -32.72
CA GLU D 292 35.93 48.73 -33.06
C GLU D 292 36.23 48.08 -34.41
N LEU D 293 35.57 46.95 -34.66
CA LEU D 293 35.83 46.18 -35.87
C LEU D 293 35.58 47.03 -37.11
N THR D 294 36.66 47.34 -37.83
CA THR D 294 36.55 48.16 -39.03
C THR D 294 37.23 47.44 -40.19
N GLY D 295 36.60 47.53 -41.34
CA GLY D 295 37.11 46.90 -42.54
C GLY D 295 37.05 47.83 -43.74
N ASP D 296 37.91 47.56 -44.72
CA ASP D 296 37.95 48.36 -45.93
C ASP D 296 38.56 47.56 -47.08
N ILE D 297 38.18 47.95 -48.30
CA ILE D 297 38.69 47.37 -49.52
C ILE D 297 39.27 48.49 -50.37
N PHE D 298 40.53 48.33 -50.78
CA PHE D 298 41.18 49.40 -51.53
C PHE D 298 42.07 48.84 -52.63
N TRP D 299 42.58 49.76 -53.44
CA TRP D 299 43.31 49.47 -54.67
C TRP D 299 44.77 49.87 -54.48
N GLU D 300 45.68 48.92 -54.69
CA GLU D 300 47.08 49.13 -54.33
C GLU D 300 47.80 50.03 -55.34
N LYS D 301 47.48 49.88 -56.63
CA LYS D 301 47.99 50.73 -57.71
C LYS D 301 49.45 50.42 -58.02
N LYS D 302 50.07 49.54 -57.23
CA LYS D 302 51.37 48.96 -57.55
C LYS D 302 51.28 47.46 -57.39
N GLU D 303 51.70 46.72 -58.42
CA GLU D 303 51.38 45.30 -58.52
C GLU D 303 49.87 45.12 -58.28
N LYS D 304 49.10 45.67 -59.23
CA LYS D 304 47.69 45.96 -59.01
C LYS D 304 46.94 44.80 -58.40
N THR D 305 46.49 44.99 -57.16
CA THR D 305 45.71 44.00 -56.43
C THR D 305 44.72 44.74 -55.54
N PHE D 306 43.55 44.15 -55.35
CA PHE D 306 42.61 44.62 -54.36
C PHE D 306 43.01 44.06 -53.01
N TYR D 307 43.10 44.93 -52.01
CA TYR D 307 43.34 44.54 -50.63
C TYR D 307 42.02 44.61 -49.87
N ILE D 308 41.71 43.58 -49.10
CA ILE D 308 40.56 43.55 -48.20
C ILE D 308 41.11 43.37 -46.80
N ASP D 309 40.79 44.31 -45.92
CA ASP D 309 41.31 44.33 -44.55
C ASP D 309 40.15 44.43 -43.58
N THR D 310 40.28 43.78 -42.43
CA THR D 310 39.31 43.92 -41.35
C THR D 310 40.01 43.67 -40.01
N TYR D 311 39.99 44.66 -39.12
CA TYR D 311 40.80 44.63 -37.92
C TYR D 311 40.05 45.20 -36.73
N LEU D 312 40.48 44.79 -35.52
CA LEU D 312 40.02 45.37 -34.28
C LEU D 312 41.02 45.08 -33.17
N ALA D 313 40.77 45.65 -31.99
CA ALA D 313 41.62 45.47 -30.83
C ALA D 313 40.76 45.43 -29.57
N GLU D 314 40.89 44.36 -28.79
CA GLU D 314 40.13 44.20 -27.56
C GLU D 314 40.99 43.54 -26.51
N GLY D 315 40.57 43.66 -25.25
CA GLY D 315 41.26 42.99 -24.16
C GLY D 315 40.42 42.84 -22.91
N ALA D 316 40.57 41.70 -22.22
CA ALA D 316 39.75 41.39 -21.06
C ALA D 316 40.62 40.82 -19.95
N ILE D 317 40.32 41.20 -18.71
CA ILE D 317 41.00 40.65 -17.54
C ILE D 317 39.94 40.25 -16.52
N PRO D 318 40.14 39.17 -15.76
CA PRO D 318 39.16 38.81 -14.74
C PRO D 318 39.27 39.71 -13.51
N ASP D 319 38.13 39.98 -12.90
CA ASP D 319 38.08 40.70 -11.64
C ASP D 319 36.89 40.18 -10.85
N ARG D 320 36.76 40.67 -9.61
CA ARG D 320 35.69 40.23 -8.73
C ARG D 320 35.72 38.71 -8.60
N TRP D 321 36.79 38.19 -8.01
CA TRP D 321 37.11 36.76 -8.03
C TRP D 321 35.88 35.90 -7.76
N GLU D 322 35.07 36.28 -6.78
CA GLU D 322 34.00 35.40 -6.31
C GLU D 322 32.87 35.27 -7.32
N ALA D 323 32.89 36.06 -8.39
CA ALA D 323 31.82 35.97 -9.39
C ALA D 323 31.92 34.69 -10.21
N VAL D 324 33.13 34.32 -10.63
CA VAL D 324 33.34 33.27 -11.62
C VAL D 324 33.57 31.94 -10.91
N SER D 325 33.16 30.84 -11.54
CA SER D 325 33.40 29.49 -11.04
C SER D 325 33.54 28.54 -12.22
N VAL D 326 34.46 27.59 -12.09
CA VAL D 326 34.76 26.64 -13.15
C VAL D 326 34.68 25.23 -12.59
N VAL D 327 34.18 24.29 -13.41
CA VAL D 327 33.99 22.92 -12.99
C VAL D 327 34.89 22.07 -13.90
N THR D 328 36.07 22.59 -14.21
CA THR D 328 36.98 21.93 -15.14
C THR D 328 37.37 20.55 -14.64
N THR D 329 37.70 19.66 -15.59
CA THR D 329 38.07 18.29 -15.26
C THR D 329 39.58 18.14 -15.13
N ALA D 330 39.99 16.97 -14.63
CA ALA D 330 41.41 16.66 -14.53
C ALA D 330 41.96 16.27 -15.90
N ARG D 331 43.14 16.81 -16.22
CA ARG D 331 43.79 16.56 -17.50
C ARG D 331 45.27 16.33 -17.26
N ASN D 332 45.89 15.58 -18.16
CA ASN D 332 47.33 15.37 -18.09
C ASN D 332 48.05 16.66 -18.46
N ALA D 333 49.15 16.94 -17.76
CA ALA D 333 49.84 18.22 -17.95
C ALA D 333 50.45 18.31 -19.35
N THR D 334 51.10 17.25 -19.81
CA THR D 334 51.84 17.32 -21.07
C THR D 334 50.89 17.23 -22.28
N THR D 335 49.78 16.52 -22.13
CA THR D 335 48.88 16.27 -23.24
C THR D 335 47.43 16.43 -22.77
N GLY D 336 46.62 17.06 -23.61
CA GLY D 336 45.22 17.26 -23.29
C GLY D 336 44.37 16.02 -23.48
N ASP D 337 44.59 15.01 -22.64
CA ASP D 337 43.81 13.79 -22.69
C ASP D 337 43.33 13.43 -21.30
N PRO D 338 42.20 12.73 -21.19
CA PRO D 338 41.67 12.40 -19.86
C PRO D 338 42.61 11.46 -19.10
N ASP D 339 42.99 11.88 -17.90
CA ASP D 339 43.89 11.09 -17.07
C ASP D 339 43.72 11.56 -15.64
N GLY D 340 44.11 10.70 -14.70
CA GLY D 340 44.03 11.02 -13.29
C GLY D 340 42.64 10.76 -12.72
N THR D 341 42.60 10.72 -11.38
CA THR D 341 41.36 10.49 -10.65
C THR D 341 40.66 11.76 -10.22
N GLY D 342 41.24 12.92 -10.49
CA GLY D 342 40.58 14.16 -10.11
C GLY D 342 40.90 14.58 -8.68
N ALA D 343 40.89 15.89 -8.46
CA ALA D 343 41.23 16.41 -7.14
C ALA D 343 40.08 16.20 -6.16
N ASP D 344 38.85 16.40 -6.61
CA ASP D 344 37.67 16.33 -5.74
C ASP D 344 36.70 15.25 -6.20
N ASP D 345 37.22 14.07 -6.58
CA ASP D 345 36.33 13.01 -7.03
C ASP D 345 35.49 12.46 -5.90
N THR D 346 36.07 12.29 -4.71
CA THR D 346 35.36 11.64 -3.61
C THR D 346 34.14 12.44 -3.18
N VAL D 347 34.33 13.73 -2.94
CA VAL D 347 33.22 14.57 -2.47
C VAL D 347 32.14 14.65 -3.53
N VAL D 348 32.54 14.84 -4.79
CA VAL D 348 31.57 14.98 -5.87
C VAL D 348 30.78 13.69 -6.07
N THR D 349 31.44 12.53 -5.98
CA THR D 349 30.71 11.28 -6.19
C THR D 349 29.81 10.96 -5.00
N LYS D 350 30.24 11.30 -3.77
CA LYS D 350 29.36 11.12 -2.64
C LYS D 350 28.15 12.03 -2.74
N ARG D 351 28.33 13.24 -3.28
CA ARG D 351 27.18 14.12 -3.48
C ARG D 351 26.29 13.60 -4.61
N ALA D 352 26.88 12.99 -5.64
CA ALA D 352 26.08 12.45 -6.73
C ALA D 352 25.28 11.24 -6.29
N ASN D 353 25.74 10.53 -5.28
CA ASN D 353 24.99 9.37 -4.79
C ASN D 353 23.70 9.78 -4.09
N ARG D 354 23.50 11.07 -3.78
CA ARG D 354 22.24 11.51 -3.21
C ARG D 354 21.10 11.36 -4.22
N LYS D 355 21.31 11.80 -5.45
CA LYS D 355 20.26 11.83 -6.47
C LYS D 355 19.96 10.42 -6.98
N VAL D 356 19.20 9.68 -6.17
CA VAL D 356 18.96 8.26 -6.44
C VAL D 356 17.66 7.84 -5.77
N ILE D 357 16.97 6.89 -6.39
CA ILE D 357 15.88 6.18 -5.72
C ILE D 357 16.49 5.05 -4.90
N LEU D 358 15.93 4.82 -3.71
CA LEU D 358 16.50 3.84 -2.78
C LEU D 358 15.52 2.67 -2.65
N THR D 359 16.01 1.46 -2.90
CA THR D 359 15.15 0.28 -2.96
C THR D 359 15.81 -0.90 -2.28
N LYS D 360 14.99 -1.88 -1.91
CA LYS D 360 15.45 -3.11 -1.26
C LYS D 360 14.86 -4.30 -2.00
N ALA D 361 15.65 -5.36 -2.14
CA ALA D 361 15.24 -6.57 -2.84
C ALA D 361 15.04 -7.68 -1.83
N VAL D 362 13.91 -8.37 -1.93
CA VAL D 362 13.60 -9.48 -1.05
C VAL D 362 13.82 -10.80 -1.77
N SER E 2 -41.12 -45.56 -53.21
CA SER E 2 -40.39 -44.72 -52.27
C SER E 2 -38.89 -44.75 -52.56
N THR E 3 -38.19 -43.70 -52.13
CA THR E 3 -36.75 -43.54 -52.35
C THR E 3 -36.41 -43.74 -53.82
N PRO E 4 -36.75 -42.79 -54.69
CA PRO E 4 -36.53 -42.98 -56.13
C PRO E 4 -35.05 -42.96 -56.46
N ASN E 5 -34.47 -44.12 -56.71
CA ASN E 5 -33.03 -44.19 -56.96
C ASN E 5 -32.68 -43.49 -58.27
N VAL E 6 -33.50 -43.67 -59.29
CA VAL E 6 -33.27 -43.00 -60.57
C VAL E 6 -33.76 -41.56 -60.46
N LEU E 7 -32.87 -40.61 -60.70
CA LEU E 7 -33.18 -39.19 -60.60
C LEU E 7 -32.75 -38.50 -61.88
N THR E 8 -33.59 -37.60 -62.38
CA THR E 8 -33.19 -36.76 -63.49
C THR E 8 -32.18 -35.75 -63.00
N ASN E 9 -31.06 -35.64 -63.69
CA ASN E 9 -29.97 -34.75 -63.29
C ASN E 9 -29.40 -34.09 -64.52
N VAL E 10 -29.52 -32.77 -64.61
CA VAL E 10 -29.03 -32.03 -65.76
C VAL E 10 -27.61 -31.53 -65.58
N ALA E 11 -26.98 -31.83 -64.44
CA ALA E 11 -25.62 -31.42 -64.17
C ALA E 11 -24.58 -32.48 -64.50
N VAL E 12 -25.01 -33.63 -65.03
CA VAL E 12 -24.10 -34.71 -65.38
C VAL E 12 -24.18 -34.93 -66.88
N SER E 13 -23.02 -35.10 -67.51
CA SER E 13 -22.98 -35.33 -68.95
C SER E 13 -23.24 -36.80 -69.25
N HIS E 14 -23.98 -37.08 -70.32
CA HIS E 14 -24.24 -38.46 -70.69
C HIS E 14 -22.92 -39.14 -71.03
N SER E 15 -22.09 -38.44 -71.79
CA SER E 15 -20.76 -38.92 -72.17
C SER E 15 -19.77 -38.62 -71.06
N GLY E 16 -18.63 -39.30 -71.04
CA GLY E 16 -17.65 -39.04 -70.00
C GLY E 16 -16.58 -38.02 -70.35
N GLU E 17 -16.68 -37.37 -71.51
CA GLU E 17 -15.63 -36.45 -71.94
C GLU E 17 -15.52 -35.25 -71.01
N VAL E 18 -16.63 -34.60 -70.71
CA VAL E 18 -16.65 -33.37 -69.92
C VAL E 18 -17.06 -33.72 -68.50
N ASP E 19 -16.44 -33.05 -67.52
CA ASP E 19 -16.75 -33.33 -66.12
C ASP E 19 -18.18 -32.95 -65.77
N SER E 20 -18.62 -31.76 -66.20
CA SER E 20 -19.95 -31.29 -65.88
C SER E 20 -20.39 -30.25 -66.90
N LEU E 21 -21.68 -29.96 -66.91
CA LEU E 21 -22.24 -29.02 -67.89
C LEU E 21 -22.42 -27.62 -67.33
N LEU E 22 -21.93 -27.35 -66.13
CA LEU E 22 -22.13 -26.03 -65.53
C LEU E 22 -21.10 -25.03 -66.06
N ILE E 23 -21.44 -23.75 -65.97
CA ILE E 23 -20.76 -22.72 -66.76
C ILE E 23 -19.69 -21.96 -65.98
N GLU E 24 -19.65 -22.07 -64.65
CA GLU E 24 -18.63 -21.42 -63.83
C GLU E 24 -18.67 -19.89 -64.01
N LYS E 25 -19.75 -19.30 -63.50
CA LYS E 25 -19.94 -17.86 -63.61
C LYS E 25 -18.80 -17.09 -62.97
N PHE E 26 -18.59 -15.87 -63.43
CA PHE E 26 -17.51 -15.00 -63.00
C PHE E 26 -18.09 -13.80 -62.26
N ASN E 27 -17.50 -13.47 -61.10
CA ASN E 27 -18.01 -12.37 -60.28
C ASN E 27 -17.41 -11.01 -60.66
N GLY E 28 -16.56 -10.96 -61.67
CA GLY E 28 -16.03 -9.68 -62.14
C GLY E 28 -15.12 -8.96 -61.17
N LYS E 29 -14.19 -9.68 -60.56
CA LYS E 29 -13.20 -9.08 -59.66
C LYS E 29 -11.81 -9.31 -60.22
N VAL E 30 -11.05 -8.24 -60.39
CA VAL E 30 -9.68 -8.29 -60.88
C VAL E 30 -8.79 -7.60 -59.85
N ARG E 31 -7.69 -8.24 -59.48
CA ARG E 31 -6.83 -7.78 -58.40
C ARG E 31 -5.40 -7.57 -58.91
N GLU E 32 -4.76 -6.52 -58.41
CA GLU E 32 -3.38 -6.20 -58.76
C GLU E 32 -2.59 -5.94 -57.48
N GLN E 33 -1.28 -5.79 -57.65
CA GLN E 33 -0.41 -5.46 -56.52
C GLN E 33 -0.64 -4.02 -56.09
N TYR E 34 -0.28 -3.72 -54.84
CA TYR E 34 -0.60 -2.41 -54.27
C TYR E 34 0.43 -1.35 -54.68
N LEU E 35 1.69 -1.53 -54.26
CA LEU E 35 2.77 -0.60 -54.61
C LEU E 35 2.47 0.82 -54.13
N LYS E 36 2.44 1.00 -52.81
CA LYS E 36 2.34 2.34 -52.25
C LYS E 36 3.47 3.22 -52.75
N GLY E 37 3.14 4.46 -53.08
CA GLY E 37 4.12 5.41 -53.57
C GLY E 37 4.67 6.31 -52.48
N GLU E 38 5.93 6.12 -52.12
CA GLU E 38 6.50 6.87 -50.99
C GLU E 38 6.83 8.30 -51.39
N ASN E 39 7.25 8.52 -52.64
CA ASN E 39 7.50 9.85 -53.17
C ASN E 39 8.58 10.58 -52.38
N LEU E 40 9.81 10.05 -52.42
CA LEU E 40 10.92 10.72 -51.74
C LEU E 40 11.29 12.03 -52.40
N LEU E 41 11.14 12.11 -53.73
CA LEU E 41 11.74 13.20 -54.50
C LEU E 41 11.12 14.55 -54.20
N SER E 42 10.00 14.61 -53.49
CA SER E 42 9.35 15.88 -53.21
C SER E 42 10.25 16.81 -52.40
N HIS E 43 10.99 16.25 -51.44
CA HIS E 43 11.81 17.08 -50.56
C HIS E 43 12.89 17.82 -51.35
N PHE E 44 13.54 17.14 -52.28
CA PHE E 44 14.66 17.74 -53.00
C PHE E 44 14.15 18.64 -54.11
N GLN E 45 15.09 19.36 -54.73
CA GLN E 45 14.79 20.27 -55.83
C GLN E 45 15.45 19.73 -57.09
N VAL E 46 14.62 19.31 -58.06
CA VAL E 46 15.13 18.78 -59.31
C VAL E 46 15.56 19.93 -60.21
N GLU E 47 16.61 19.71 -60.99
CA GLU E 47 17.16 20.72 -61.88
C GLU E 47 17.16 20.18 -63.31
N THR E 48 16.43 20.84 -64.20
CA THR E 48 16.29 20.35 -65.55
C THR E 48 17.61 20.46 -66.31
N VAL E 49 17.86 19.51 -67.19
CA VAL E 49 19.10 19.44 -67.97
C VAL E 49 18.70 19.21 -69.42
N THR E 50 18.78 20.26 -70.23
CA THR E 50 18.46 20.17 -71.66
C THR E 50 19.67 20.68 -72.44
N GLY E 51 20.34 19.78 -73.16
CA GLY E 51 21.48 20.11 -73.98
C GLY E 51 22.79 20.29 -73.22
N THR E 52 22.71 20.70 -71.95
CA THR E 52 23.93 20.97 -71.20
C THR E 52 24.61 19.66 -70.79
N ASN E 53 23.83 18.63 -70.50
CA ASN E 53 24.21 17.26 -70.20
C ASN E 53 24.79 17.08 -68.80
N THR E 54 25.10 18.15 -68.06
CA THR E 54 25.60 18.02 -66.70
C THR E 54 25.15 19.23 -65.89
N VAL E 55 25.47 19.21 -64.60
CA VAL E 55 25.21 20.33 -63.68
C VAL E 55 26.40 20.46 -62.74
N SER E 56 26.69 21.69 -62.30
CA SER E 56 27.83 21.92 -61.43
C SER E 56 27.61 23.13 -60.52
N ASN E 57 28.37 23.16 -59.42
CA ASN E 57 28.36 24.27 -58.48
C ASN E 57 29.70 24.31 -57.75
N LYS E 58 29.93 25.36 -56.94
CA LYS E 58 31.22 25.60 -56.32
C LYS E 58 31.13 25.87 -54.82
N TYR E 59 32.23 25.59 -54.12
CA TYR E 59 32.38 25.85 -52.69
C TYR E 59 33.66 26.65 -52.45
N LEU E 60 33.69 27.44 -51.37
CA LEU E 60 34.85 28.20 -50.93
C LEU E 60 34.75 28.50 -49.45
N GLY E 61 35.89 28.83 -48.82
CA GLY E 61 35.89 29.17 -47.40
C GLY E 61 37.26 29.48 -46.84
N GLU E 62 37.29 29.79 -45.53
CA GLU E 62 38.52 30.07 -44.80
C GLU E 62 39.41 31.21 -45.27
N THR E 63 38.95 32.45 -45.12
CA THR E 63 39.84 33.58 -44.93
C THR E 63 40.36 33.49 -43.48
N GLU E 64 41.62 33.84 -43.28
CA GLU E 64 42.23 33.63 -41.97
C GLU E 64 42.47 34.95 -41.24
N ILE E 65 42.96 34.83 -40.01
CA ILE E 65 43.27 35.98 -39.17
C ILE E 65 44.68 35.83 -38.62
N GLN E 66 45.35 36.96 -38.40
CA GLN E 66 46.72 36.99 -37.90
C GLN E 66 46.98 38.26 -37.10
N VAL E 67 48.02 38.24 -36.27
CA VAL E 67 48.34 39.40 -35.43
C VAL E 67 48.97 40.49 -36.29
N LEU E 68 48.81 41.74 -35.86
CA LEU E 68 49.36 42.90 -36.56
C LEU E 68 50.20 43.72 -35.59
N ALA E 69 51.50 43.75 -35.83
CA ALA E 69 52.38 44.66 -35.13
C ALA E 69 52.29 46.04 -35.77
N PRO E 70 52.57 47.10 -35.02
CA PRO E 70 52.51 48.44 -35.61
C PRO E 70 53.47 48.58 -36.79
N GLY E 71 52.91 48.80 -37.98
CA GLY E 71 53.72 48.87 -39.18
C GLY E 71 54.22 47.54 -39.68
N GLN E 72 53.55 46.44 -39.33
CA GLN E 72 54.02 45.13 -39.75
C GLN E 72 53.74 44.87 -41.23
N SER E 73 52.57 45.28 -41.71
CA SER E 73 52.21 45.05 -43.11
C SER E 73 52.28 43.56 -43.48
N PRO E 74 51.63 42.70 -42.67
CA PRO E 74 51.58 41.24 -42.77
C PRO E 74 50.95 40.69 -44.05
N ALA E 75 51.50 39.58 -44.54
CA ALA E 75 51.05 38.90 -45.75
C ALA E 75 49.68 38.23 -45.62
N ALA E 76 48.94 38.22 -46.73
CA ALA E 76 47.60 37.62 -46.80
C ALA E 76 47.55 36.08 -46.81
N THR E 77 46.40 35.54 -46.44
CA THR E 77 46.15 34.09 -46.40
C THR E 77 45.15 33.75 -47.51
N PRO E 78 45.41 32.67 -48.26
CA PRO E 78 44.56 32.34 -49.41
C PRO E 78 43.24 31.71 -49.01
N THR E 79 42.32 31.67 -49.97
CA THR E 79 41.04 30.97 -49.82
C THR E 79 40.86 30.04 -51.02
N LYS E 80 40.85 28.74 -50.76
CA LYS E 80 40.69 27.76 -51.82
C LYS E 80 39.25 27.73 -52.33
N ALA E 81 39.04 27.00 -53.42
CA ALA E 81 37.72 26.80 -53.98
C ALA E 81 37.68 25.46 -54.70
N ASP E 82 36.48 24.91 -54.85
CA ASP E 82 36.31 23.63 -55.53
C ASP E 82 34.93 23.57 -56.16
N LYS E 83 34.68 22.52 -56.94
CA LYS E 83 33.42 22.36 -57.63
C LYS E 83 32.93 20.92 -57.55
N ASN E 84 31.62 20.76 -57.70
CA ASN E 84 30.96 19.47 -57.72
C ASN E 84 29.98 19.43 -58.89
N GLN E 85 29.97 18.31 -59.62
CA GLN E 85 29.15 18.19 -60.83
C GLN E 85 28.52 16.81 -60.91
N VAL E 86 27.40 16.75 -61.64
CA VAL E 86 26.63 15.53 -61.85
C VAL E 86 26.33 15.39 -63.33
N VAL E 87 26.22 14.15 -63.81
CA VAL E 87 26.05 13.83 -65.21
C VAL E 87 24.76 13.03 -65.38
N ILE E 88 24.17 13.09 -66.58
CA ILE E 88 22.95 12.36 -66.91
C ILE E 88 23.18 11.66 -68.24
N ASP E 89 23.19 10.33 -68.25
CA ASP E 89 23.51 9.58 -69.45
C ASP E 89 22.71 8.30 -69.66
N THR E 90 21.73 8.01 -68.80
CA THR E 90 21.05 6.71 -68.86
C THR E 90 19.54 6.90 -68.78
N THR E 91 18.81 6.03 -69.48
CA THR E 91 17.35 6.06 -69.50
C THR E 91 16.80 4.66 -69.29
N VAL E 92 15.54 4.57 -68.86
CA VAL E 92 14.89 3.33 -68.51
C VAL E 92 13.52 3.28 -69.17
N ILE E 93 13.14 2.12 -69.69
CA ILE E 93 11.89 1.95 -70.44
C ILE E 93 11.22 0.64 -70.04
N ALA E 94 9.89 0.60 -70.16
CA ALA E 94 9.10 -0.62 -70.02
C ALA E 94 8.21 -0.76 -71.26
N ARG E 95 8.47 -1.81 -72.05
CA ARG E 95 7.79 -1.93 -73.35
C ARG E 95 6.43 -2.61 -73.22
N ASN E 96 6.42 -3.90 -72.88
CA ASN E 96 5.19 -4.65 -72.62
C ASN E 96 4.19 -4.59 -73.78
N THR E 97 4.55 -5.22 -74.90
CA THR E 97 3.65 -5.27 -76.05
C THR E 97 2.45 -6.17 -75.78
N VAL E 98 1.40 -5.99 -76.59
CA VAL E 98 0.18 -6.77 -76.52
C VAL E 98 -0.24 -7.16 -77.93
N ALA E 99 -0.63 -8.41 -78.12
CA ALA E 99 -1.04 -8.89 -79.43
C ALA E 99 -2.41 -8.34 -79.81
N MET E 100 -2.83 -8.59 -81.05
CA MET E 100 -4.12 -8.08 -81.51
C MET E 100 -5.22 -9.09 -81.28
N LEU E 101 -5.02 -10.34 -81.72
CA LEU E 101 -6.07 -11.35 -81.55
C LEU E 101 -6.34 -11.61 -80.08
N HIS E 102 -5.29 -11.65 -79.26
CA HIS E 102 -5.48 -11.86 -77.82
C HIS E 102 -6.21 -10.68 -77.18
N ASP E 103 -6.23 -9.52 -77.85
CA ASP E 103 -6.95 -8.38 -77.30
C ASP E 103 -8.45 -8.54 -77.45
N VAL E 104 -8.90 -9.06 -78.61
CA VAL E 104 -10.33 -9.24 -78.83
C VAL E 104 -10.88 -10.32 -77.90
N GLN E 105 -10.12 -11.38 -77.68
CA GLN E 105 -10.54 -12.49 -76.84
C GLN E 105 -10.11 -12.31 -75.39
N GLY E 106 -9.49 -11.19 -75.03
CA GLY E 106 -9.07 -10.94 -73.67
C GLY E 106 -10.21 -10.86 -72.68
N ASP E 107 -10.11 -11.61 -71.59
CA ASP E 107 -11.17 -11.59 -70.58
C ASP E 107 -11.16 -10.29 -69.78
N ILE E 108 -9.97 -9.78 -69.45
CA ILE E 108 -9.86 -8.66 -68.54
C ILE E 108 -10.36 -7.39 -69.20
N ASP E 109 -11.17 -6.63 -68.47
CA ASP E 109 -11.67 -5.35 -68.97
C ASP E 109 -10.55 -4.33 -69.06
N SER E 110 -10.63 -3.45 -70.06
CA SER E 110 -9.70 -2.35 -70.24
C SER E 110 -8.28 -2.83 -70.46
N LEU E 111 -7.70 -3.48 -69.44
CA LEU E 111 -6.38 -4.08 -69.53
C LEU E 111 -5.28 -3.05 -69.76
N LYS E 112 -5.31 -2.36 -70.90
CA LYS E 112 -4.22 -1.47 -71.26
C LYS E 112 -4.01 -0.33 -70.27
N PRO E 113 -5.04 0.41 -69.82
CA PRO E 113 -4.79 1.42 -68.78
C PRO E 113 -4.24 0.83 -67.49
N LYS E 114 -4.66 -0.38 -67.12
CA LYS E 114 -4.08 -1.04 -65.96
C LYS E 114 -2.59 -1.27 -66.15
N ILE E 115 -2.19 -1.72 -67.33
CA ILE E 115 -0.78 -1.91 -67.62
C ILE E 115 -0.03 -0.59 -67.54
N ALA E 116 -0.63 0.48 -68.06
CA ALA E 116 0.03 1.78 -68.04
C ALA E 116 0.29 2.25 -66.62
N VAL E 117 -0.73 2.19 -65.76
CA VAL E 117 -0.55 2.67 -64.38
C VAL E 117 0.41 1.75 -63.63
N ASN E 118 0.35 0.45 -63.89
CA ASN E 118 1.27 -0.48 -63.25
C ASN E 118 2.70 -0.18 -63.64
N GLN E 119 2.92 0.23 -64.90
CA GLN E 119 4.27 0.61 -65.32
C GLN E 119 4.71 1.89 -64.63
N ALA E 120 3.82 2.87 -64.53
CA ALA E 120 4.19 4.13 -63.90
C ALA E 120 4.61 3.93 -62.45
N LYS E 121 3.89 3.05 -61.74
CA LYS E 121 4.25 2.79 -60.34
C LYS E 121 5.65 2.20 -60.22
N GLN E 122 6.03 1.32 -61.15
CA GLN E 122 7.37 0.73 -61.12
C GLN E 122 8.44 1.80 -61.25
N LEU E 123 8.26 2.74 -62.17
CA LEU E 123 9.26 3.78 -62.37
C LEU E 123 9.36 4.69 -61.16
N LYS E 124 8.21 5.03 -60.55
CA LYS E 124 8.26 5.82 -59.32
C LYS E 124 9.03 5.08 -58.23
N ARG E 125 8.80 3.77 -58.10
CA ARG E 125 9.51 2.98 -57.11
C ARG E 125 11.01 2.99 -57.35
N LEU E 126 11.42 2.82 -58.61
CA LEU E 126 12.85 2.82 -58.91
C LEU E 126 13.48 4.18 -58.59
N GLU E 127 12.79 5.27 -58.95
CA GLU E 127 13.35 6.59 -58.67
C GLU E 127 13.53 6.81 -57.18
N ASP E 128 12.54 6.42 -56.37
CA ASP E 128 12.68 6.58 -54.93
C ASP E 128 13.83 5.74 -54.37
N GLU E 129 13.95 4.49 -54.84
CA GLU E 129 15.05 3.64 -54.37
C GLU E 129 16.39 4.25 -54.74
N MET E 130 16.51 4.80 -55.95
CA MET E 130 17.75 5.43 -56.35
C MET E 130 18.09 6.62 -55.46
N VAL E 131 17.10 7.43 -55.12
CA VAL E 131 17.35 8.59 -54.26
C VAL E 131 17.87 8.13 -52.90
N VAL E 132 17.21 7.13 -52.31
CA VAL E 132 17.65 6.65 -51.00
C VAL E 132 19.06 6.06 -51.07
N GLN E 133 19.33 5.30 -52.14
CA GLN E 133 20.66 4.73 -52.31
C GLN E 133 21.74 5.80 -52.41
N GLN E 134 21.47 6.88 -53.15
CA GLN E 134 22.45 7.94 -53.28
C GLN E 134 22.69 8.65 -51.96
N LEU E 135 21.61 8.92 -51.20
CA LEU E 135 21.81 9.47 -49.86
C LEU E 135 22.69 8.56 -49.02
N MET E 136 22.43 7.26 -49.08
CA MET E 136 23.16 6.31 -48.25
C MET E 136 24.65 6.31 -48.59
N LEU E 137 24.96 6.23 -49.89
CA LEU E 137 26.36 6.21 -50.31
C LEU E 137 27.05 7.51 -49.99
N GLY E 138 26.38 8.65 -50.18
CA GLY E 138 26.97 9.91 -49.83
C GLY E 138 27.28 10.01 -48.35
N GLY E 139 26.42 9.43 -47.52
CA GLY E 139 26.72 9.40 -46.09
C GLY E 139 27.92 8.54 -45.77
N ILE E 140 28.00 7.35 -46.37
CA ILE E 140 29.06 6.42 -46.01
C ILE E 140 30.41 6.90 -46.51
N SER E 141 30.48 7.37 -47.75
CA SER E 141 31.77 7.57 -48.41
C SER E 141 32.49 8.81 -47.86
N ASN E 142 31.76 9.91 -47.65
CA ASN E 142 32.39 11.19 -47.34
C ASN E 142 32.42 11.42 -45.83
N THR E 143 33.27 10.64 -45.16
CA THR E 143 33.44 10.75 -43.73
C THR E 143 34.87 11.15 -43.41
N LYS E 144 35.12 11.42 -42.12
CA LYS E 144 36.44 11.85 -41.69
C LYS E 144 37.48 10.78 -41.93
N ALA E 145 37.16 9.52 -41.63
CA ALA E 145 38.12 8.45 -41.81
C ALA E 145 38.47 8.27 -43.29
N GLN E 146 37.47 8.33 -44.17
CA GLN E 146 37.72 8.12 -45.59
C GLN E 146 38.44 9.30 -46.22
N ARG E 147 37.99 10.51 -45.92
CA ARG E 147 38.57 11.74 -46.49
C ARG E 147 39.29 12.50 -45.38
N THR E 148 40.60 12.65 -45.53
CA THR E 148 41.39 13.30 -44.49
C THR E 148 41.03 14.77 -44.37
N ASN E 149 40.81 15.44 -45.49
CA ASN E 149 40.52 16.87 -45.52
C ASN E 149 39.24 17.11 -46.32
N PRO E 150 38.54 18.21 -46.05
CA PRO E 150 37.29 18.47 -46.76
C PRO E 150 37.53 18.88 -48.21
N ARG E 151 36.42 19.06 -48.93
CA ARG E 151 36.51 19.54 -50.30
C ARG E 151 37.12 20.93 -50.34
N VAL E 152 36.66 21.82 -49.48
CA VAL E 152 37.26 23.13 -49.29
C VAL E 152 37.47 23.27 -47.79
N PRO E 153 38.57 23.88 -47.33
CA PRO E 153 38.81 23.96 -45.89
C PRO E 153 37.65 24.61 -45.16
N GLY E 154 37.35 24.09 -43.97
CA GLY E 154 36.27 24.60 -43.16
C GLY E 154 34.90 24.02 -43.41
N HIS E 155 34.78 22.98 -44.21
CA HIS E 155 33.52 22.29 -44.42
C HIS E 155 33.55 20.96 -43.70
N GLY E 156 32.50 20.68 -42.93
CA GLY E 156 32.48 19.47 -42.13
C GLY E 156 32.24 18.24 -42.99
N PHE E 157 32.76 17.11 -42.53
CA PHE E 157 32.59 15.85 -43.22
C PHE E 157 31.25 15.24 -42.80
N SER E 158 30.68 14.39 -43.65
CA SER E 158 29.42 13.72 -43.31
C SER E 158 29.73 12.73 -42.19
N ILE E 159 28.78 12.55 -41.27
CA ILE E 159 29.02 11.67 -40.14
C ILE E 159 28.41 10.29 -40.24
N ASN E 160 29.24 9.26 -40.06
CA ASN E 160 28.79 7.89 -40.09
C ASN E 160 28.99 7.28 -38.70
N VAL E 161 27.92 6.71 -38.15
CA VAL E 161 27.95 6.09 -36.83
C VAL E 161 27.68 4.60 -37.00
N ASN E 162 28.60 3.77 -36.52
CA ASN E 162 28.50 2.33 -36.66
C ASN E 162 27.87 1.72 -35.41
N ILE E 163 27.04 0.71 -35.62
CA ILE E 163 26.38 -0.01 -34.54
C ILE E 163 26.80 -1.47 -34.60
N THR E 164 26.57 -2.18 -33.48
CA THR E 164 26.96 -3.59 -33.41
C THR E 164 26.04 -4.47 -34.24
N ALA E 165 24.80 -4.02 -34.48
CA ALA E 165 23.74 -4.77 -35.16
C ALA E 165 23.24 -5.90 -34.27
N ASP E 166 23.90 -6.10 -33.13
CA ASP E 166 23.40 -6.93 -32.06
C ASP E 166 23.21 -5.99 -30.87
N THR E 167 22.15 -6.24 -30.09
CA THR E 167 21.68 -5.34 -29.04
C THR E 167 21.12 -4.05 -29.64
N ALA E 168 21.23 -3.92 -30.97
CA ALA E 168 20.53 -2.83 -31.65
C ALA E 168 19.05 -3.14 -31.79
N GLU E 169 18.72 -4.40 -32.04
CA GLU E 169 17.32 -4.80 -32.14
C GLU E 169 16.69 -4.96 -30.76
N THR E 170 17.48 -5.40 -29.77
CA THR E 170 16.93 -5.75 -28.48
C THR E 170 16.55 -4.51 -27.68
N SER E 171 17.38 -3.48 -27.69
CA SER E 171 17.18 -2.31 -26.85
C SER E 171 16.98 -1.06 -27.69
N PRO E 172 15.79 -0.44 -27.67
CA PRO E 172 15.61 0.81 -28.42
C PRO E 172 16.40 1.98 -27.87
N GLN E 173 16.70 2.00 -26.57
CA GLN E 173 17.48 3.10 -26.02
C GLN E 173 18.81 3.23 -26.73
N TYR E 174 19.37 2.11 -27.16
CA TYR E 174 20.67 2.12 -27.83
C TYR E 174 20.57 2.75 -29.22
N LEU E 175 19.51 2.43 -29.96
CA LEU E 175 19.28 3.09 -31.24
C LEU E 175 19.07 4.59 -31.06
N ALA E 176 18.27 4.97 -30.06
CA ALA E 176 18.05 6.39 -29.82
C ALA E 176 19.33 7.09 -29.42
N ALA E 177 20.20 6.41 -28.67
CA ALA E 177 21.50 6.99 -28.34
C ALA E 177 22.33 7.21 -29.59
N ALA E 178 22.28 6.25 -30.53
CA ALA E 178 22.99 6.45 -31.80
C ALA E 178 22.45 7.66 -32.55
N ILE E 179 21.13 7.81 -32.60
CA ILE E 179 20.53 8.94 -33.30
C ILE E 179 20.92 10.26 -32.63
N GLU E 180 20.84 10.30 -31.30
CA GLU E 180 21.22 11.50 -30.57
C GLU E 180 22.68 11.84 -30.79
N TYR E 181 23.54 10.82 -30.83
CA TYR E 181 24.95 11.05 -31.12
C TYR E 181 25.13 11.66 -32.50
N ALA E 182 24.41 11.13 -33.49
CA ALA E 182 24.54 11.66 -34.84
C ALA E 182 24.12 13.12 -34.91
N LEU E 183 22.98 13.46 -34.30
CA LEU E 183 22.51 14.84 -34.32
C LEU E 183 23.43 15.76 -33.52
N GLU E 184 23.94 15.28 -32.38
CA GLU E 184 24.84 16.09 -31.58
C GLU E 184 26.12 16.41 -32.33
N GLN E 185 26.70 15.40 -32.99
CA GLN E 185 27.93 15.62 -33.73
C GLN E 185 27.68 16.45 -34.98
N GLN E 186 26.46 16.39 -35.51
CA GLN E 186 26.05 17.37 -36.52
C GLN E 186 26.07 18.78 -35.95
N LEU E 187 25.57 18.96 -34.73
CA LEU E 187 25.50 20.28 -34.14
C LEU E 187 26.89 20.86 -33.86
N GLU E 188 27.90 20.00 -33.75
CA GLU E 188 29.25 20.50 -33.54
C GLU E 188 29.76 21.30 -34.74
N GLN E 189 29.28 20.97 -35.94
CA GLN E 189 29.61 21.73 -37.13
C GLN E 189 28.61 22.85 -37.40
N GLU E 190 27.93 23.33 -36.34
CA GLU E 190 26.98 24.45 -36.39
C GLU E 190 26.12 24.42 -37.65
N VAL E 191 25.49 23.26 -37.91
CA VAL E 191 24.60 23.12 -39.04
C VAL E 191 23.21 23.66 -38.73
N ASP E 192 22.91 23.94 -37.46
CA ASP E 192 21.63 24.50 -37.05
C ASP E 192 20.47 23.58 -37.42
N ILE E 193 20.40 22.43 -36.74
CA ILE E 193 19.40 21.42 -37.04
C ILE E 193 18.01 22.00 -36.74
N SER E 194 17.25 22.27 -37.80
CA SER E 194 15.88 22.74 -37.65
C SER E 194 14.95 22.02 -38.63
N ASP E 195 15.49 21.55 -39.75
CA ASP E 195 14.68 21.01 -40.83
C ASP E 195 15.16 19.65 -41.31
N LEU E 196 16.19 19.07 -40.71
CA LEU E 196 16.65 17.75 -41.12
C LEU E 196 15.54 16.72 -40.90
N VAL E 197 15.48 15.75 -41.80
CA VAL E 197 14.48 14.69 -41.76
C VAL E 197 15.20 13.36 -41.60
N ILE E 198 14.68 12.52 -40.71
CA ILE E 198 15.20 11.19 -40.46
C ILE E 198 14.29 10.18 -41.13
N LEU E 199 14.88 9.25 -41.88
CA LEU E 199 14.15 8.15 -42.49
C LEU E 199 14.55 6.85 -41.82
N MET E 200 13.56 6.03 -41.50
CA MET E 200 13.81 4.76 -40.85
C MET E 200 13.11 3.63 -41.60
N PRO E 201 13.76 2.48 -41.75
CA PRO E 201 13.06 1.29 -42.23
C PRO E 201 12.05 0.83 -41.21
N TRP E 202 11.06 0.07 -41.68
CA TRP E 202 9.89 -0.24 -40.86
C TRP E 202 10.28 -1.03 -39.61
N LYS E 203 11.19 -1.99 -39.76
CA LYS E 203 11.61 -2.79 -38.61
C LYS E 203 12.23 -1.92 -37.51
N PHE E 204 13.21 -1.10 -37.88
CA PHE E 204 13.90 -0.30 -36.87
C PHE E 204 13.05 0.86 -36.40
N PHE E 205 12.14 1.35 -37.25
CA PHE E 205 11.19 2.35 -36.79
C PHE E 205 10.27 1.78 -35.71
N ASN E 206 9.78 0.55 -35.92
CA ASN E 206 8.99 -0.10 -34.87
C ASN E 206 9.84 -0.34 -33.63
N ALA E 207 11.12 -0.64 -33.82
CA ALA E 207 12.02 -0.78 -32.68
C ALA E 207 12.10 0.51 -31.87
N LEU E 208 12.25 1.64 -32.55
CA LEU E 208 12.38 2.92 -31.85
C LEU E 208 11.06 3.33 -31.19
N ARG E 209 9.93 2.97 -31.79
CA ARG E 209 8.65 3.40 -31.24
C ARG E 209 8.37 2.80 -29.86
N ASP E 210 9.06 1.73 -29.49
CA ASP E 210 8.69 0.98 -28.29
C ASP E 210 9.40 1.44 -27.04
N MET E 211 10.18 2.51 -27.09
CA MET E 211 10.89 3.00 -25.90
C MET E 211 9.90 3.39 -24.81
N ASP E 212 10.30 3.16 -23.56
CA ASP E 212 9.46 3.55 -22.43
C ASP E 212 9.24 5.06 -22.40
N ARG E 213 10.30 5.85 -22.61
CA ARG E 213 10.17 7.29 -22.54
C ARG E 213 9.22 7.81 -23.61
N ILE E 214 9.29 7.24 -24.82
CA ILE E 214 8.36 7.63 -25.87
C ILE E 214 6.94 7.22 -25.52
N VAL E 215 6.79 6.00 -24.98
CA VAL E 215 5.46 5.49 -24.65
C VAL E 215 4.90 6.15 -23.40
N ASP E 216 5.70 6.23 -22.34
CA ASP E 216 5.18 6.68 -21.05
C ASP E 216 4.67 8.12 -21.12
N ARG E 217 3.43 8.31 -20.66
CA ARG E 217 2.82 9.63 -20.72
C ARG E 217 3.50 10.58 -19.73
N SER E 218 4.00 10.05 -18.62
CA SER E 218 4.56 10.91 -17.58
C SER E 218 5.79 11.67 -18.07
N TYR E 219 6.65 11.01 -18.83
CA TYR E 219 7.86 11.66 -19.31
C TYR E 219 7.51 12.76 -20.30
N THR E 220 8.22 13.89 -20.21
CA THR E 220 7.92 15.03 -21.06
C THR E 220 8.20 14.72 -22.53
N LEU E 221 9.27 13.99 -22.80
CA LEU E 221 9.65 13.70 -24.19
C LEU E 221 8.89 12.47 -24.71
N ALA E 222 7.56 12.56 -24.65
CA ALA E 222 6.66 11.51 -25.11
C ALA E 222 5.68 12.11 -26.11
N ASP E 223 5.31 11.33 -27.12
CA ASP E 223 4.45 11.81 -28.20
C ASP E 223 3.36 10.77 -28.41
N GLU E 224 2.18 11.23 -28.83
CA GLU E 224 1.03 10.36 -29.00
C GLU E 224 0.86 9.96 -30.47
N SER E 225 0.23 8.80 -30.67
CA SER E 225 0.00 8.25 -32.01
C SER E 225 1.31 8.11 -32.78
N THR E 226 2.22 7.30 -32.24
CA THR E 226 3.54 7.17 -32.83
C THR E 226 3.49 6.55 -34.22
N VAL E 227 2.43 5.80 -34.53
CA VAL E 227 2.31 5.23 -35.87
C VAL E 227 2.13 6.36 -36.88
N GLN E 228 2.43 6.07 -38.15
CA GLN E 228 2.32 7.00 -39.26
C GLN E 228 3.32 8.16 -39.12
N GLY E 229 4.31 8.00 -38.27
CA GLY E 229 5.32 9.03 -38.09
C GLY E 229 5.11 9.81 -36.81
N PHE E 230 6.23 10.15 -36.17
CA PHE E 230 6.19 10.86 -34.90
C PHE E 230 7.41 11.77 -34.82
N ALA E 231 7.33 12.74 -33.91
CA ALA E 231 8.36 13.76 -33.74
C ALA E 231 9.25 13.39 -32.57
N LEU E 232 10.56 13.31 -32.82
CA LEU E 232 11.51 13.08 -31.75
C LEU E 232 11.55 14.31 -30.84
N LYS E 233 11.02 14.15 -29.62
CA LYS E 233 10.77 15.31 -28.77
C LYS E 233 12.06 16.04 -28.42
N SER E 234 13.13 15.29 -28.15
CA SER E 234 14.45 15.89 -27.94
C SER E 234 15.05 16.21 -29.30
N PHE E 235 15.48 17.47 -29.46
CA PHE E 235 16.00 18.10 -30.67
C PHE E 235 14.90 18.43 -31.67
N ASN E 236 13.66 17.98 -31.43
CA ASN E 236 12.50 18.33 -32.25
C ASN E 236 12.78 18.12 -33.75
N VAL E 237 13.01 16.87 -34.13
CA VAL E 237 13.28 16.49 -35.51
C VAL E 237 12.28 15.42 -35.91
N PRO E 238 11.54 15.60 -37.00
CA PRO E 238 10.57 14.58 -37.43
C PRO E 238 11.26 13.29 -37.84
N VAL E 239 10.55 12.18 -37.63
CA VAL E 239 11.02 10.85 -38.03
C VAL E 239 9.95 10.24 -38.92
N VAL E 240 10.34 9.73 -40.08
CA VAL E 240 9.42 9.20 -41.07
C VAL E 240 9.83 7.76 -41.37
N PRO E 241 8.90 6.81 -41.36
CA PRO E 241 9.23 5.44 -41.76
C PRO E 241 9.12 5.28 -43.27
N SER E 242 10.15 4.71 -43.88
CA SER E 242 10.18 4.45 -45.31
C SER E 242 10.32 2.96 -45.55
N ASN E 243 9.45 2.41 -46.40
CA ASN E 243 9.46 0.99 -46.68
C ASN E 243 10.74 0.59 -47.43
N ARG E 244 11.17 1.40 -48.38
CA ARG E 244 12.16 1.00 -49.37
C ARG E 244 13.56 1.41 -48.94
N PHE E 245 14.44 0.43 -48.79
CA PHE E 245 15.85 0.60 -48.47
C PHE E 245 16.64 -0.42 -49.27
N PRO E 246 17.93 -0.19 -49.49
CA PRO E 246 18.74 -1.18 -50.20
C PRO E 246 18.78 -2.51 -49.47
N LYS E 247 18.83 -3.60 -50.24
CA LYS E 247 18.76 -4.94 -49.68
C LYS E 247 20.07 -5.71 -49.77
N PHE E 248 20.88 -5.49 -50.80
CA PHE E 248 22.15 -6.19 -50.99
C PHE E 248 21.95 -7.71 -51.05
N SER E 249 21.29 -8.17 -52.11
CA SER E 249 21.33 -9.59 -52.43
C SER E 249 22.66 -9.93 -53.08
N GLN E 250 23.38 -10.87 -52.49
CA GLN E 250 24.75 -11.15 -52.91
C GLN E 250 24.77 -11.70 -54.33
N GLY E 251 25.68 -11.18 -55.15
CA GLY E 251 25.84 -11.66 -56.50
C GLY E 251 24.76 -11.25 -57.47
N ALA E 252 23.99 -10.21 -57.14
CA ALA E 252 22.95 -9.74 -58.05
C ALA E 252 23.54 -8.95 -59.21
N ALA E 253 22.68 -8.64 -60.18
CA ALA E 253 23.12 -7.85 -61.32
C ALA E 253 23.20 -6.38 -60.93
N HIS E 254 23.61 -5.55 -61.90
CA HIS E 254 23.77 -4.14 -61.66
C HIS E 254 22.41 -3.45 -61.55
N HIS E 255 22.45 -2.17 -61.17
CA HIS E 255 21.23 -1.42 -60.91
C HIS E 255 20.60 -0.86 -62.17
N LYS E 256 21.21 -1.08 -63.34
CA LYS E 256 20.77 -0.64 -64.67
C LYS E 256 21.06 0.84 -64.89
N LEU E 257 21.64 1.54 -63.91
CA LEU E 257 22.01 2.94 -64.06
C LEU E 257 23.49 3.17 -63.83
N SER E 258 24.31 2.11 -63.84
CA SER E 258 25.73 2.21 -63.59
C SER E 258 26.50 1.66 -64.79
N ASN E 259 27.56 2.36 -65.18
CA ASN E 259 28.40 1.97 -66.29
C ASN E 259 29.84 1.89 -65.80
N ALA E 260 30.75 1.59 -66.72
CA ALA E 260 32.18 1.64 -66.39
C ALA E 260 32.58 3.05 -65.98
N ASP E 261 32.07 4.05 -66.68
CA ASP E 261 32.24 5.43 -66.26
C ASP E 261 31.45 5.67 -64.98
N ASN E 262 31.78 6.76 -64.29
CA ASN E 262 31.17 7.21 -63.03
C ASN E 262 31.20 6.15 -61.94
N GLY E 263 32.02 5.11 -62.09
CA GLY E 263 32.08 4.08 -61.07
C GLY E 263 30.79 3.29 -61.02
N PHE E 264 30.60 2.54 -59.93
CA PHE E 264 29.37 1.81 -59.68
C PHE E 264 28.73 2.43 -58.44
N ARG E 265 27.99 3.52 -58.64
CA ARG E 265 27.43 4.23 -57.49
C ARG E 265 26.15 3.58 -56.99
N TYR E 266 25.33 3.03 -57.88
CA TYR E 266 24.06 2.44 -57.50
C TYR E 266 24.17 0.94 -57.25
N ASP E 267 25.37 0.43 -57.02
CA ASP E 267 25.60 -1.01 -56.97
C ASP E 267 25.18 -1.66 -55.66
N THR E 268 24.76 -0.87 -54.66
CA THR E 268 24.30 -1.37 -53.37
C THR E 268 25.36 -2.26 -52.71
N THR E 269 26.48 -1.63 -52.39
CA THR E 269 27.61 -2.34 -51.80
C THR E 269 27.28 -2.88 -50.42
N ALA E 270 28.17 -3.73 -49.92
CA ALA E 270 27.86 -4.52 -48.72
C ALA E 270 27.63 -3.73 -47.45
N PRO E 271 28.47 -2.74 -47.06
CA PRO E 271 28.35 -2.19 -45.70
C PRO E 271 26.99 -1.61 -45.37
N MET E 272 26.24 -1.16 -46.37
CA MET E 272 24.91 -0.59 -46.16
C MET E 272 23.79 -1.57 -46.47
N ALA E 273 23.98 -2.86 -46.18
CA ALA E 273 22.91 -3.82 -46.38
C ALA E 273 21.74 -3.56 -45.42
N GLY E 274 22.04 -3.28 -44.15
CA GLY E 274 21.00 -3.08 -43.17
C GLY E 274 21.10 -1.76 -42.41
N ALA E 275 21.46 -0.68 -43.10
CA ALA E 275 21.66 0.59 -42.45
C ALA E 275 20.36 1.11 -41.84
N VAL E 276 20.49 2.07 -40.92
CA VAL E 276 19.40 2.54 -40.08
C VAL E 276 19.32 4.05 -40.16
N ALA E 277 18.11 4.56 -40.41
CA ALA E 277 17.76 5.95 -40.10
C ALA E 277 18.69 6.95 -40.79
N VAL E 278 18.62 7.00 -42.12
CA VAL E 278 19.39 8.00 -42.83
C VAL E 278 18.84 9.39 -42.55
N ILE E 279 19.72 10.30 -42.16
CA ILE E 279 19.36 11.67 -41.80
C ILE E 279 19.83 12.60 -42.91
N PHE E 280 18.93 13.39 -43.46
CA PHE E 280 19.30 14.23 -44.59
C PHE E 280 18.62 15.59 -44.52
N SER E 281 19.30 16.59 -45.07
CA SER E 281 18.72 17.92 -45.23
C SER E 281 18.18 18.09 -46.64
N MET E 282 17.80 19.32 -46.97
CA MET E 282 17.19 19.58 -48.27
C MET E 282 18.22 19.47 -49.39
N ASP E 283 19.43 19.96 -49.20
CA ASP E 283 20.43 20.04 -50.25
C ASP E 283 21.46 18.91 -50.17
N ALA E 284 21.03 17.70 -49.80
CA ALA E 284 21.98 16.60 -49.67
C ALA E 284 22.41 16.05 -51.02
N LEU E 285 21.51 16.09 -52.01
CA LEU E 285 21.78 15.52 -53.32
C LEU E 285 21.60 16.57 -54.41
N LEU E 286 22.39 16.45 -55.48
CA LEU E 286 22.26 17.31 -56.66
C LEU E 286 21.51 16.54 -57.75
N VAL E 287 20.20 16.46 -57.58
CA VAL E 287 19.38 15.67 -58.49
C VAL E 287 19.06 16.47 -59.75
N GLY E 288 19.18 15.82 -60.91
CA GLY E 288 18.82 16.44 -62.17
C GLY E 288 18.10 15.48 -63.10
N ARG E 289 17.14 15.97 -63.87
CA ARG E 289 16.37 15.14 -64.79
C ARG E 289 16.40 15.77 -66.17
N THR E 290 16.45 14.94 -67.21
CA THR E 290 16.49 15.46 -68.57
C THR E 290 15.18 15.19 -69.32
N ILE E 291 14.57 14.04 -69.06
CA ILE E 291 13.30 13.67 -69.68
C ILE E 291 12.29 13.37 -68.60
N GLU E 292 11.14 14.04 -68.65
CA GLU E 292 10.06 13.73 -67.73
C GLU E 292 9.43 12.40 -68.09
N LEU E 293 8.82 11.76 -67.10
CA LEU E 293 8.14 10.49 -67.33
C LEU E 293 6.99 10.69 -68.31
N THR E 294 6.96 9.86 -69.36
CA THR E 294 5.94 9.97 -70.38
C THR E 294 5.60 8.59 -70.92
N GLY E 295 4.39 8.45 -71.43
CA GLY E 295 3.92 7.18 -71.96
C GLY E 295 3.04 7.39 -73.17
N ASP E 296 2.93 6.34 -73.99
CA ASP E 296 2.15 6.41 -75.21
C ASP E 296 1.73 5.01 -75.63
N ILE E 297 0.71 4.95 -76.48
CA ILE E 297 0.22 3.71 -77.05
C ILE E 297 0.04 3.92 -78.55
N PHE E 298 0.64 3.04 -79.35
CA PHE E 298 0.52 3.11 -80.80
C PHE E 298 0.27 1.71 -81.34
N TRP E 299 -0.37 1.63 -82.51
CA TRP E 299 -0.82 0.34 -83.01
C TRP E 299 0.30 -0.45 -83.67
N GLU E 300 1.23 0.23 -84.32
CA GLU E 300 2.30 -0.42 -85.07
C GLU E 300 1.71 -1.38 -86.12
N LYS E 301 1.07 -0.75 -87.10
CA LYS E 301 0.14 -1.45 -87.98
C LYS E 301 0.80 -2.61 -88.73
N LYS E 302 2.12 -2.58 -88.89
CA LYS E 302 2.79 -3.61 -89.67
C LYS E 302 2.70 -4.98 -89.03
N GLU E 303 3.04 -5.08 -87.74
CA GLU E 303 2.95 -6.34 -87.02
C GLU E 303 1.60 -6.53 -86.33
N LYS E 304 0.76 -5.50 -86.29
CA LYS E 304 -0.56 -5.57 -85.68
C LYS E 304 -0.50 -5.95 -84.20
N THR E 305 0.36 -5.29 -83.44
CA THR E 305 0.48 -5.51 -82.00
C THR E 305 0.59 -4.18 -81.28
N PHE E 306 -0.22 -4.01 -80.23
CA PHE E 306 -0.18 -2.78 -79.45
C PHE E 306 1.14 -2.67 -78.68
N TYR E 307 1.51 -1.43 -78.36
CA TYR E 307 2.72 -1.15 -77.60
C TYR E 307 2.37 -0.16 -76.49
N ILE E 308 2.86 -0.42 -75.28
CA ILE E 308 2.47 0.38 -74.12
C ILE E 308 3.71 0.87 -73.37
N ASP E 309 4.79 1.14 -74.11
CA ASP E 309 6.05 1.48 -73.46
C ASP E 309 5.98 2.81 -72.72
N THR E 310 6.84 2.97 -71.71
CA THR E 310 6.95 4.19 -70.92
C THR E 310 8.38 4.31 -70.42
N TYR E 311 8.96 5.51 -70.50
CA TYR E 311 10.40 5.69 -70.29
C TYR E 311 10.68 7.00 -69.54
N LEU E 312 11.85 7.05 -68.91
CA LEU E 312 12.33 8.28 -68.28
C LEU E 312 13.85 8.24 -68.16
N ALA E 313 14.42 9.30 -67.60
CA ALA E 313 15.86 9.40 -67.34
C ALA E 313 16.10 10.22 -66.09
N GLU E 314 17.04 9.78 -65.26
CA GLU E 314 17.32 10.43 -63.98
C GLU E 314 18.79 10.24 -63.61
N GLY E 315 19.25 11.03 -62.65
CA GLY E 315 20.58 10.87 -62.09
C GLY E 315 20.72 11.69 -60.84
N ALA E 316 21.71 11.35 -60.03
CA ALA E 316 21.92 12.04 -58.76
C ALA E 316 23.36 11.87 -58.30
N ILE E 317 23.77 12.74 -57.38
CA ILE E 317 25.09 12.70 -56.77
C ILE E 317 25.03 13.42 -55.44
N PRO E 318 25.82 13.03 -54.44
CA PRO E 318 25.82 13.78 -53.18
C PRO E 318 26.45 15.16 -53.32
N ASP E 319 25.66 16.21 -53.11
CA ASP E 319 26.16 17.56 -53.32
C ASP E 319 26.95 18.06 -52.11
N ARG E 320 26.24 18.32 -51.04
CA ARG E 320 26.86 18.95 -49.89
C ARG E 320 27.24 18.05 -48.73
N TRP E 321 28.50 18.13 -48.39
CA TRP E 321 29.02 17.41 -47.25
C TRP E 321 28.41 18.14 -46.06
N GLU E 322 27.97 17.40 -45.05
CA GLU E 322 27.33 18.03 -43.92
C GLU E 322 25.82 17.84 -43.90
N ALA E 323 25.20 17.42 -45.01
CA ALA E 323 23.77 17.16 -44.95
C ALA E 323 23.47 15.74 -44.51
N VAL E 324 24.14 14.75 -45.10
CA VAL E 324 23.82 13.36 -44.83
C VAL E 324 24.51 12.90 -43.56
N SER E 325 23.74 12.25 -42.68
CA SER E 325 24.28 11.72 -41.45
C SER E 325 23.77 10.30 -41.27
N VAL E 326 24.23 9.42 -42.13
CA VAL E 326 23.82 8.02 -42.12
C VAL E 326 24.25 7.34 -40.82
N VAL E 327 23.50 6.32 -40.43
CA VAL E 327 23.86 5.43 -39.33
C VAL E 327 23.88 4.00 -39.87
N THR E 328 24.96 3.27 -39.61
CA THR E 328 25.20 1.96 -40.20
C THR E 328 25.42 0.93 -39.10
N THR E 329 25.18 -0.35 -39.43
CA THR E 329 25.20 -1.42 -38.45
C THR E 329 26.39 -2.37 -38.61
N ALA E 330 27.46 -1.92 -39.26
CA ALA E 330 28.70 -2.70 -39.36
C ALA E 330 28.45 -4.09 -39.96
N ARG E 331 28.04 -4.10 -41.22
CA ARG E 331 27.76 -5.35 -41.92
C ARG E 331 29.06 -6.01 -42.35
N ASN E 332 28.97 -7.30 -42.69
CA ASN E 332 30.15 -8.05 -43.11
C ASN E 332 30.67 -7.53 -44.44
N ALA E 333 31.93 -7.86 -44.74
CA ALA E 333 32.58 -7.34 -45.94
C ALA E 333 31.95 -7.90 -47.20
N THR E 334 31.65 -9.19 -47.23
CA THR E 334 31.22 -9.83 -48.48
C THR E 334 29.92 -10.62 -48.36
N THR E 335 29.67 -11.28 -47.22
CA THR E 335 28.51 -12.17 -47.15
C THR E 335 27.23 -11.39 -46.86
N GLY E 336 27.35 -10.18 -46.32
CA GLY E 336 26.18 -9.38 -46.00
C GLY E 336 25.47 -9.76 -44.73
N ASP E 337 26.11 -10.53 -43.85
CA ASP E 337 25.50 -10.91 -42.58
C ASP E 337 26.11 -10.10 -41.45
N PRO E 338 25.41 -9.95 -40.32
CA PRO E 338 25.97 -9.20 -39.19
C PRO E 338 27.12 -9.97 -38.56
N ASP E 339 28.22 -9.27 -38.29
CA ASP E 339 29.39 -9.87 -37.69
C ASP E 339 30.16 -8.83 -36.88
N GLY E 340 30.94 -9.31 -35.91
CA GLY E 340 31.79 -8.42 -35.15
C GLY E 340 31.00 -7.38 -34.39
N THR E 341 31.62 -6.22 -34.16
CA THR E 341 30.98 -5.12 -33.47
C THR E 341 31.36 -3.81 -34.17
N GLY E 342 30.51 -2.81 -33.98
CA GLY E 342 30.76 -1.53 -34.61
C GLY E 342 31.99 -0.85 -34.04
N ALA E 343 32.64 -0.03 -34.88
CA ALA E 343 33.82 0.70 -34.44
C ALA E 343 33.49 1.68 -33.32
N ASP E 344 32.33 2.34 -33.42
CA ASP E 344 31.90 3.31 -32.43
C ASP E 344 30.92 2.73 -31.42
N ASP E 345 31.12 1.47 -31.03
CA ASP E 345 30.15 0.81 -30.15
C ASP E 345 30.20 1.35 -28.73
N THR E 346 31.41 1.57 -28.20
CA THR E 346 31.55 1.90 -26.78
C THR E 346 30.87 3.22 -26.44
N VAL E 347 31.06 4.24 -27.28
CA VAL E 347 30.47 5.53 -27.02
C VAL E 347 28.95 5.44 -27.03
N VAL E 348 28.39 4.72 -27.99
CA VAL E 348 26.94 4.57 -28.06
C VAL E 348 26.43 3.79 -26.87
N THR E 349 27.17 2.79 -26.41
CA THR E 349 26.75 2.05 -25.22
C THR E 349 26.70 2.97 -24.00
N LYS E 350 27.71 3.83 -23.85
CA LYS E 350 27.69 4.77 -22.72
C LYS E 350 26.51 5.72 -22.82
N ARG E 351 26.28 6.29 -24.00
CA ARG E 351 25.19 7.24 -24.16
C ARG E 351 23.84 6.58 -23.96
N ALA E 352 23.73 5.28 -24.29
CA ALA E 352 22.50 4.55 -24.02
C ALA E 352 22.34 4.30 -22.54
N ASN E 353 23.42 3.94 -21.85
CA ASN E 353 23.37 3.74 -20.41
C ASN E 353 23.13 5.04 -19.65
N ARG E 354 23.23 6.19 -20.30
CA ARG E 354 22.80 7.43 -19.66
C ARG E 354 21.32 7.38 -19.30
N LYS E 355 20.48 6.87 -20.21
CA LYS E 355 19.03 6.90 -20.03
C LYS E 355 18.59 5.73 -19.15
N VAL E 356 18.55 5.99 -17.85
CA VAL E 356 18.23 4.95 -16.86
C VAL E 356 17.89 5.62 -15.53
N ILE E 357 17.15 4.89 -14.70
CA ILE E 357 16.92 5.31 -13.32
C ILE E 357 17.93 4.59 -12.43
N LEU E 358 18.35 5.27 -11.35
CA LEU E 358 19.53 4.80 -10.62
C LEU E 358 19.20 3.68 -9.64
N THR E 359 18.17 3.86 -8.82
CA THR E 359 17.64 2.81 -7.95
C THR E 359 18.74 2.12 -7.13
N LYS E 360 19.35 2.87 -6.22
CA LYS E 360 20.33 2.30 -5.31
C LYS E 360 19.70 1.19 -4.47
N ALA E 361 20.46 0.12 -4.27
CA ALA E 361 20.00 -1.03 -3.51
C ALA E 361 20.62 -1.01 -2.11
N VAL E 362 19.81 -1.33 -1.12
CA VAL E 362 20.28 -1.38 0.27
C VAL E 362 21.23 -2.56 0.45
N SER F 2 -46.60 -42.27 26.95
CA SER F 2 -45.42 -41.43 26.83
C SER F 2 -45.19 -41.02 25.38
N THR F 3 -45.08 -42.01 24.50
CA THR F 3 -44.88 -41.76 23.08
C THR F 3 -46.03 -42.39 22.29
N PRO F 4 -46.43 -41.80 21.17
CA PRO F 4 -47.51 -42.43 20.38
C PRO F 4 -47.14 -43.79 19.83
N ASN F 5 -46.04 -43.87 19.08
CA ASN F 5 -45.46 -45.09 18.52
C ASN F 5 -46.32 -45.74 17.46
N VAL F 6 -47.54 -45.25 17.22
CA VAL F 6 -48.33 -45.67 16.08
C VAL F 6 -48.82 -44.45 15.32
N LEU F 7 -48.02 -44.00 14.35
CA LEU F 7 -48.32 -42.74 13.68
C LEU F 7 -49.30 -42.96 12.54
N THR F 8 -50.22 -42.02 12.37
CA THR F 8 -51.21 -42.07 11.30
C THR F 8 -50.61 -41.46 10.01
N ASN F 9 -49.44 -41.95 9.67
CA ASN F 9 -48.76 -41.50 8.46
C ASN F 9 -49.60 -41.84 7.23
N VAL F 10 -49.81 -40.84 6.37
CA VAL F 10 -50.66 -40.99 5.19
C VAL F 10 -49.84 -41.27 3.94
N ALA F 11 -48.54 -41.03 3.97
CA ALA F 11 -47.70 -41.19 2.79
C ALA F 11 -47.27 -42.63 2.56
N VAL F 12 -47.68 -43.56 3.41
CA VAL F 12 -47.30 -44.96 3.29
C VAL F 12 -48.50 -45.75 2.77
N SER F 13 -48.27 -46.53 1.72
CA SER F 13 -49.35 -47.32 1.14
C SER F 13 -49.60 -48.57 1.98
N HIS F 14 -50.89 -48.86 2.21
CA HIS F 14 -51.23 -50.03 3.01
C HIS F 14 -50.83 -51.33 2.31
N SER F 15 -51.05 -51.41 1.00
CA SER F 15 -50.72 -52.63 0.27
C SER F 15 -49.23 -52.87 0.22
N GLY F 16 -48.44 -51.82 0.04
CA GLY F 16 -47.01 -51.93 -0.08
C GLY F 16 -46.49 -52.06 -1.49
N GLU F 17 -47.35 -51.92 -2.50
CA GLU F 17 -46.88 -52.01 -3.88
C GLU F 17 -46.02 -50.82 -4.26
N VAL F 18 -46.45 -49.61 -3.91
CA VAL F 18 -45.74 -48.39 -4.24
C VAL F 18 -45.01 -47.88 -3.00
N ASP F 19 -43.82 -47.31 -3.21
CA ASP F 19 -43.04 -46.84 -2.08
C ASP F 19 -43.69 -45.66 -1.36
N SER F 20 -44.28 -44.74 -2.11
CA SER F 20 -44.87 -43.55 -1.53
C SER F 20 -46.04 -43.09 -2.38
N LEU F 21 -47.00 -42.43 -1.73
CA LEU F 21 -48.19 -41.96 -2.43
C LEU F 21 -48.03 -40.52 -2.90
N LEU F 22 -46.88 -39.91 -2.61
CA LEU F 22 -46.68 -38.51 -2.96
C LEU F 22 -46.51 -38.34 -4.47
N ILE F 23 -46.77 -37.11 -4.95
CA ILE F 23 -46.93 -36.88 -6.38
C ILE F 23 -45.71 -36.22 -7.03
N GLU F 24 -44.73 -35.78 -6.25
CA GLU F 24 -43.48 -35.23 -6.78
C GLU F 24 -43.75 -34.03 -7.70
N LYS F 25 -44.16 -32.92 -7.08
CA LYS F 25 -44.51 -31.73 -7.84
C LYS F 25 -43.34 -31.22 -8.66
N PHE F 26 -43.66 -30.57 -9.78
CA PHE F 26 -42.65 -30.08 -10.71
C PHE F 26 -42.65 -28.55 -10.71
N ASN F 27 -41.45 -27.96 -10.60
CA ASN F 27 -41.37 -26.51 -10.40
C ASN F 27 -41.49 -25.71 -11.69
N GLY F 28 -41.39 -26.34 -12.85
CA GLY F 28 -41.60 -25.62 -14.10
C GLY F 28 -40.35 -25.05 -14.75
N LYS F 29 -39.21 -25.71 -14.61
CA LYS F 29 -37.96 -25.26 -15.22
C LYS F 29 -37.35 -26.38 -16.04
N VAL F 30 -36.93 -26.04 -17.26
CA VAL F 30 -36.26 -26.97 -18.16
C VAL F 30 -35.00 -26.28 -18.70
N ARG F 31 -33.90 -27.03 -18.77
CA ARG F 31 -32.59 -26.47 -19.08
C ARG F 31 -32.06 -27.04 -20.39
N GLU F 32 -31.51 -26.16 -21.23
CA GLU F 32 -30.73 -26.54 -22.41
C GLU F 32 -29.30 -26.05 -22.22
N GLN F 33 -28.47 -26.23 -23.24
CA GLN F 33 -27.13 -25.66 -23.15
C GLN F 33 -27.16 -24.14 -23.26
N TYR F 34 -25.97 -23.56 -23.16
CA TYR F 34 -25.78 -22.12 -23.13
C TYR F 34 -25.13 -21.61 -24.41
N LEU F 35 -24.98 -22.44 -25.44
CA LEU F 35 -24.21 -22.03 -26.61
C LEU F 35 -24.89 -20.86 -27.31
N LYS F 36 -24.07 -19.96 -27.84
CA LYS F 36 -24.53 -18.72 -28.43
C LYS F 36 -23.89 -18.53 -29.80
N GLY F 37 -24.62 -17.90 -30.71
CA GLY F 37 -24.13 -17.72 -32.06
C GLY F 37 -23.06 -16.64 -32.11
N GLU F 38 -21.91 -16.97 -32.70
CA GLU F 38 -20.84 -15.98 -32.81
C GLU F 38 -21.13 -14.97 -33.91
N ASN F 39 -21.88 -15.38 -34.94
CA ASN F 39 -22.20 -14.53 -36.09
C ASN F 39 -20.90 -14.00 -36.71
N LEU F 40 -20.09 -14.89 -37.26
CA LEU F 40 -18.77 -14.53 -37.73
C LEU F 40 -18.73 -14.34 -39.24
N LEU F 41 -19.70 -14.89 -39.97
CA LEU F 41 -19.74 -14.76 -41.42
C LEU F 41 -20.11 -13.36 -41.89
N SER F 42 -20.51 -12.48 -40.98
CA SER F 42 -20.97 -11.15 -41.38
C SER F 42 -19.85 -10.34 -42.03
N HIS F 43 -18.60 -10.58 -41.64
CA HIS F 43 -17.49 -9.79 -42.15
C HIS F 43 -17.30 -10.01 -43.65
N PHE F 44 -17.39 -11.25 -44.10
CA PHE F 44 -16.99 -11.60 -45.45
C PHE F 44 -18.10 -11.32 -46.46
N GLN F 45 -17.69 -11.14 -47.71
CA GLN F 45 -18.66 -11.04 -48.81
C GLN F 45 -19.13 -12.44 -49.20
N VAL F 46 -20.44 -12.65 -49.15
CA VAL F 46 -21.00 -13.97 -49.45
C VAL F 46 -22.00 -13.89 -50.58
N GLU F 47 -21.56 -14.24 -51.79
CA GLU F 47 -22.45 -14.24 -52.93
C GLU F 47 -23.16 -15.58 -53.05
N THR F 48 -24.34 -15.55 -53.67
CA THR F 48 -25.17 -16.73 -53.84
C THR F 48 -24.97 -17.28 -55.24
N VAL F 49 -24.74 -18.59 -55.34
CA VAL F 49 -24.56 -19.28 -56.61
C VAL F 49 -25.79 -20.17 -56.84
N THR F 50 -26.48 -19.93 -57.95
CA THR F 50 -27.67 -20.69 -58.31
C THR F 50 -27.53 -21.41 -59.65
N GLY F 51 -27.13 -20.68 -60.69
CA GLY F 51 -26.98 -21.31 -61.99
C GLY F 51 -25.85 -22.32 -62.02
N THR F 52 -24.71 -21.98 -61.42
CA THR F 52 -23.52 -22.81 -61.46
C THR F 52 -23.05 -23.05 -60.03
N ASN F 53 -22.20 -24.05 -59.86
CA ASN F 53 -21.76 -24.42 -58.51
C ASN F 53 -20.49 -23.67 -58.11
N THR F 54 -19.81 -23.04 -59.06
CA THR F 54 -18.52 -22.43 -58.80
C THR F 54 -18.49 -20.98 -59.27
N VAL F 55 -17.60 -20.20 -58.64
CA VAL F 55 -17.25 -18.86 -59.08
C VAL F 55 -15.73 -18.74 -59.07
N SER F 56 -15.22 -17.76 -59.83
CA SER F 56 -13.79 -17.63 -60.05
C SER F 56 -13.35 -16.18 -59.94
N ASN F 57 -12.07 -16.00 -59.61
CA ASN F 57 -11.42 -14.71 -59.56
C ASN F 57 -10.15 -14.75 -60.41
N LYS F 58 -9.78 -13.60 -60.95
CA LYS F 58 -8.61 -13.49 -61.81
C LYS F 58 -7.64 -12.44 -61.26
N TYR F 59 -6.34 -12.69 -61.47
CA TYR F 59 -5.29 -11.80 -61.02
C TYR F 59 -4.47 -11.31 -62.21
N LEU F 60 -3.70 -10.24 -61.98
CA LEU F 60 -2.81 -9.66 -62.97
C LEU F 60 -1.40 -9.60 -62.41
N GLY F 61 -0.41 -9.83 -63.26
CA GLY F 61 0.97 -9.86 -62.82
C GLY F 61 1.57 -8.47 -62.64
N GLU F 62 2.89 -8.43 -62.59
CA GLU F 62 3.63 -7.19 -62.43
C GLU F 62 4.58 -7.01 -63.60
N THR F 63 4.75 -5.77 -64.03
CA THR F 63 5.67 -5.48 -65.13
C THR F 63 7.04 -5.09 -64.59
N GLU F 64 8.08 -5.51 -65.30
CA GLU F 64 9.45 -5.19 -64.94
C GLU F 64 10.09 -4.35 -66.03
N ILE F 65 11.10 -3.56 -65.65
CA ILE F 65 11.64 -2.55 -66.54
C ILE F 65 13.08 -2.86 -66.90
N GLN F 66 13.57 -2.23 -67.97
CA GLN F 66 14.88 -2.54 -68.53
C GLN F 66 15.48 -1.28 -69.16
N VAL F 67 16.81 -1.30 -69.30
CA VAL F 67 17.53 -0.12 -69.77
C VAL F 67 17.32 0.03 -71.28
N LEU F 68 17.37 1.28 -71.75
CA LEU F 68 17.18 1.62 -73.16
C LEU F 68 18.45 2.21 -73.72
N ALA F 69 19.00 1.56 -74.74
CA ALA F 69 20.05 2.16 -75.53
C ALA F 69 19.43 3.00 -76.65
N PRO F 70 20.11 4.04 -77.10
CA PRO F 70 19.54 4.88 -78.17
C PRO F 70 19.31 4.08 -79.44
N GLY F 71 18.04 3.92 -79.80
CA GLY F 71 17.69 3.10 -80.94
C GLY F 71 17.67 1.61 -80.68
N GLN F 72 17.53 1.20 -79.42
CA GLN F 72 17.59 -0.22 -79.10
C GLN F 72 16.33 -0.96 -79.52
N SER F 73 15.16 -0.36 -79.28
CA SER F 73 13.87 -1.03 -79.44
C SER F 73 13.84 -2.33 -78.64
N PRO F 74 13.82 -2.24 -77.31
CA PRO F 74 14.00 -3.45 -76.50
C PRO F 74 12.83 -4.41 -76.61
N ALA F 75 13.15 -5.69 -76.41
CA ALA F 75 12.11 -6.71 -76.39
C ALA F 75 11.24 -6.57 -75.15
N ALA F 76 9.95 -6.86 -75.31
CA ALA F 76 8.99 -6.66 -74.23
C ALA F 76 9.09 -7.80 -73.21
N THR F 77 8.26 -7.68 -72.16
CA THR F 77 8.21 -8.64 -71.08
C THR F 77 6.78 -9.07 -70.81
N PRO F 78 6.55 -10.31 -70.39
CA PRO F 78 5.18 -10.79 -70.19
C PRO F 78 4.61 -10.36 -68.85
N THR F 79 3.29 -10.45 -68.75
CA THR F 79 2.56 -10.26 -67.50
C THR F 79 1.59 -11.45 -67.37
N LYS F 80 1.91 -12.38 -66.49
CA LYS F 80 1.10 -13.58 -66.35
C LYS F 80 -0.24 -13.27 -65.68
N ALA F 81 -1.13 -14.25 -65.69
CA ALA F 81 -2.41 -14.18 -65.01
C ALA F 81 -2.76 -15.55 -64.45
N ASP F 82 -3.63 -15.57 -63.45
CA ASP F 82 -4.04 -16.81 -62.82
C ASP F 82 -5.44 -16.62 -62.23
N LYS F 83 -6.09 -17.73 -61.90
CA LYS F 83 -7.45 -17.71 -61.41
C LYS F 83 -7.59 -18.58 -60.17
N ASN F 84 -8.65 -18.30 -59.40
CA ASN F 84 -9.00 -19.07 -58.22
C ASN F 84 -10.47 -19.45 -58.29
N GLN F 85 -10.81 -20.60 -57.68
CA GLN F 85 -12.12 -21.21 -57.80
C GLN F 85 -12.63 -21.66 -56.44
N VAL F 86 -13.95 -21.80 -56.32
CA VAL F 86 -14.57 -22.40 -55.14
C VAL F 86 -15.76 -23.26 -55.56
N VAL F 87 -15.78 -24.51 -55.11
CA VAL F 87 -16.86 -25.41 -55.50
C VAL F 87 -17.75 -25.69 -54.29
N ILE F 88 -19.05 -25.78 -54.53
CA ILE F 88 -20.06 -26.03 -53.50
C ILE F 88 -20.84 -27.28 -53.91
N ASP F 89 -20.73 -28.34 -53.12
CA ASP F 89 -21.24 -29.65 -53.55
C ASP F 89 -21.91 -30.44 -52.43
N THR F 90 -22.09 -29.88 -51.24
CA THR F 90 -22.59 -30.67 -50.12
C THR F 90 -23.61 -29.86 -49.32
N THR F 91 -24.56 -30.58 -48.74
CA THR F 91 -25.57 -29.99 -47.87
C THR F 91 -25.56 -30.70 -46.52
N VAL F 92 -26.02 -30.00 -45.50
CA VAL F 92 -26.09 -30.51 -44.13
C VAL F 92 -27.50 -30.31 -43.61
N ILE F 93 -28.09 -31.36 -43.04
CA ILE F 93 -29.44 -31.32 -42.50
C ILE F 93 -29.45 -31.89 -41.09
N ALA F 94 -30.37 -31.39 -40.27
CA ALA F 94 -30.68 -31.97 -38.96
C ALA F 94 -32.17 -32.25 -38.94
N ARG F 95 -32.55 -33.46 -38.52
CA ARG F 95 -33.94 -33.87 -38.55
C ARG F 95 -34.31 -34.54 -37.24
N ASN F 96 -35.52 -34.27 -36.75
CA ASN F 96 -36.07 -34.90 -35.56
C ASN F 96 -37.55 -35.21 -35.78
N THR F 97 -37.97 -36.38 -35.33
CA THR F 97 -39.35 -36.82 -35.47
C THR F 97 -39.96 -37.00 -34.10
N VAL F 98 -41.20 -36.57 -33.94
CA VAL F 98 -41.92 -36.77 -32.68
C VAL F 98 -43.32 -37.27 -32.97
N ALA F 99 -43.71 -38.36 -32.32
CA ALA F 99 -44.99 -39.00 -32.59
C ALA F 99 -46.14 -38.19 -32.00
N MET F 100 -47.35 -38.48 -32.48
CA MET F 100 -48.53 -37.75 -32.01
C MET F 100 -48.89 -38.15 -30.59
N LEU F 101 -48.94 -39.46 -30.32
CA LEU F 101 -49.35 -39.92 -29.00
C LEU F 101 -48.36 -39.48 -27.93
N HIS F 102 -47.07 -39.53 -28.23
CA HIS F 102 -46.06 -39.01 -27.30
C HIS F 102 -46.17 -37.50 -27.16
N ASP F 103 -46.76 -36.84 -28.16
CA ASP F 103 -46.94 -35.39 -28.06
C ASP F 103 -48.12 -35.05 -27.16
N VAL F 104 -49.15 -35.90 -27.15
CA VAL F 104 -50.37 -35.57 -26.41
C VAL F 104 -50.08 -35.40 -24.93
N GLN F 105 -49.34 -36.33 -24.33
CA GLN F 105 -48.85 -36.17 -22.95
C GLN F 105 -47.32 -36.16 -22.99
N GLY F 106 -46.76 -34.97 -23.12
CA GLY F 106 -45.34 -34.74 -22.94
C GLY F 106 -45.13 -33.71 -21.84
N ASP F 107 -44.17 -34.01 -20.96
CA ASP F 107 -43.93 -33.13 -19.82
C ASP F 107 -43.47 -31.75 -20.29
N ILE F 108 -42.55 -31.70 -21.25
CA ILE F 108 -42.07 -30.43 -21.76
C ILE F 108 -43.12 -29.81 -22.67
N ASP F 109 -43.41 -28.52 -22.46
CA ASP F 109 -44.39 -27.80 -23.25
C ASP F 109 -43.70 -27.03 -24.36
N SER F 110 -44.40 -26.87 -25.49
CA SER F 110 -43.87 -26.19 -26.67
C SER F 110 -42.52 -26.77 -27.08
N LEU F 111 -42.48 -28.10 -27.28
CA LEU F 111 -41.23 -28.77 -27.58
C LEU F 111 -40.72 -28.42 -28.97
N LYS F 112 -41.64 -28.22 -29.93
CA LYS F 112 -41.21 -28.10 -31.32
C LYS F 112 -40.42 -26.82 -31.62
N PRO F 113 -40.90 -25.61 -31.30
CA PRO F 113 -40.06 -24.43 -31.56
C PRO F 113 -38.76 -24.46 -30.78
N LYS F 114 -38.80 -25.00 -29.55
CA LYS F 114 -37.62 -25.05 -28.71
C LYS F 114 -36.58 -26.01 -29.28
N ILE F 115 -37.04 -27.04 -30.00
CA ILE F 115 -36.09 -27.97 -30.61
C ILE F 115 -35.65 -27.46 -31.99
N ALA F 116 -36.46 -26.60 -32.61
CA ALA F 116 -36.06 -26.03 -33.90
C ALA F 116 -34.98 -24.96 -33.73
N VAL F 117 -35.13 -24.10 -32.73
CA VAL F 117 -34.13 -23.08 -32.48
C VAL F 117 -32.78 -23.71 -32.18
N ASN F 118 -32.81 -24.86 -31.49
CA ASN F 118 -31.58 -25.57 -31.17
C ASN F 118 -30.85 -26.03 -32.42
N GLN F 119 -31.59 -26.58 -33.39
CA GLN F 119 -30.98 -27.01 -34.64
C GLN F 119 -30.42 -25.82 -35.40
N ALA F 120 -31.14 -24.70 -35.40
CA ALA F 120 -30.62 -23.50 -36.05
C ALA F 120 -29.29 -23.08 -35.43
N LYS F 121 -29.20 -23.10 -34.10
CA LYS F 121 -27.96 -22.74 -33.43
C LYS F 121 -26.84 -23.72 -33.78
N GLN F 122 -27.16 -25.01 -33.85
CA GLN F 122 -26.15 -26.01 -34.23
C GLN F 122 -25.57 -25.69 -35.60
N LEU F 123 -26.44 -25.43 -36.58
CA LEU F 123 -25.96 -25.18 -37.94
C LEU F 123 -25.15 -23.90 -38.00
N LYS F 124 -25.58 -22.85 -37.29
CA LYS F 124 -24.81 -21.61 -37.26
C LYS F 124 -23.43 -21.84 -36.67
N ARG F 125 -23.34 -22.60 -35.58
CA ARG F 125 -22.06 -22.91 -34.98
C ARG F 125 -21.16 -23.66 -35.94
N LEU F 126 -21.72 -24.64 -36.67
CA LEU F 126 -20.90 -25.38 -37.61
C LEU F 126 -20.36 -24.48 -38.73
N GLU F 127 -21.19 -23.60 -39.27
CA GLU F 127 -20.70 -22.75 -40.35
C GLU F 127 -19.62 -21.81 -39.85
N ASP F 128 -19.76 -21.29 -38.63
CA ASP F 128 -18.72 -20.43 -38.08
C ASP F 128 -17.41 -21.19 -37.90
N GLU F 129 -17.49 -22.41 -37.35
CA GLU F 129 -16.28 -23.22 -37.18
C GLU F 129 -15.61 -23.48 -38.52
N MET F 130 -16.40 -23.80 -39.54
CA MET F 130 -15.85 -24.06 -40.86
C MET F 130 -15.13 -22.83 -41.42
N VAL F 131 -15.74 -21.65 -41.26
CA VAL F 131 -15.11 -20.43 -41.79
C VAL F 131 -13.79 -20.17 -41.10
N VAL F 132 -13.78 -20.25 -39.76
CA VAL F 132 -12.54 -19.99 -39.03
C VAL F 132 -11.46 -20.98 -39.42
N GLN F 133 -11.81 -22.26 -39.51
CA GLN F 133 -10.81 -23.27 -39.87
C GLN F 133 -10.29 -23.06 -41.28
N GLN F 134 -11.17 -22.65 -42.21
CA GLN F 134 -10.73 -22.44 -43.58
C GLN F 134 -9.72 -21.30 -43.67
N LEU F 135 -10.01 -20.16 -43.04
CA LEU F 135 -9.03 -19.07 -43.12
C LEU F 135 -7.78 -19.42 -42.34
N MET F 136 -7.92 -20.22 -41.27
CA MET F 136 -6.75 -20.71 -40.55
C MET F 136 -5.84 -21.54 -41.46
N LEU F 137 -6.41 -22.48 -42.20
CA LEU F 137 -5.61 -23.31 -43.10
C LEU F 137 -5.01 -22.48 -44.22
N GLY F 138 -5.76 -21.49 -44.71
CA GLY F 138 -5.23 -20.61 -45.73
C GLY F 138 -4.01 -19.85 -45.25
N GLY F 139 -4.01 -19.47 -43.98
CA GLY F 139 -2.83 -18.81 -43.42
C GLY F 139 -1.59 -19.69 -43.42
N ILE F 140 -1.73 -20.93 -42.94
CA ILE F 140 -0.56 -21.79 -42.79
C ILE F 140 -0.07 -22.32 -44.13
N SER F 141 -0.99 -22.68 -45.03
CA SER F 141 -0.62 -23.41 -46.24
C SER F 141 -0.15 -22.50 -47.37
N ASN F 142 0.15 -21.24 -47.12
CA ASN F 142 0.58 -20.32 -48.16
C ASN F 142 1.81 -19.51 -47.78
N THR F 143 2.68 -20.04 -46.94
CA THR F 143 3.90 -19.33 -46.59
C THR F 143 4.92 -19.44 -47.71
N LYS F 144 6.00 -18.66 -47.60
CA LYS F 144 7.05 -18.69 -48.62
C LYS F 144 7.75 -20.04 -48.66
N ALA F 145 7.99 -20.63 -47.48
CA ALA F 145 8.74 -21.89 -47.43
C ALA F 145 8.00 -23.00 -48.16
N GLN F 146 6.66 -22.94 -48.16
CA GLN F 146 5.88 -24.01 -48.77
C GLN F 146 5.70 -23.78 -50.27
N ARG F 147 5.11 -22.65 -50.64
CA ARG F 147 4.81 -22.39 -52.05
C ARG F 147 6.09 -22.14 -52.85
N THR F 148 6.97 -21.28 -52.32
CA THR F 148 8.24 -20.84 -52.87
C THR F 148 8.08 -19.88 -54.05
N ASN F 149 6.87 -19.73 -54.58
CA ASN F 149 6.60 -18.78 -55.66
C ASN F 149 5.29 -18.06 -55.34
N PRO F 150 5.11 -16.85 -55.81
CA PRO F 150 3.81 -16.19 -55.70
C PRO F 150 2.82 -16.77 -56.70
N ARG F 151 1.55 -16.44 -56.49
CA ARG F 151 0.51 -16.87 -57.42
C ARG F 151 0.82 -16.36 -58.82
N VAL F 152 1.08 -15.06 -58.94
CA VAL F 152 1.67 -14.47 -60.13
C VAL F 152 2.82 -13.58 -59.67
N PRO F 153 3.79 -13.29 -60.53
CA PRO F 153 4.88 -12.38 -60.13
C PRO F 153 4.30 -11.05 -59.68
N GLY F 154 4.89 -10.48 -58.64
CA GLY F 154 4.24 -9.37 -57.96
C GLY F 154 3.74 -9.74 -56.57
N HIS F 155 2.44 -10.01 -56.45
CA HIS F 155 1.80 -10.22 -55.16
C HIS F 155 2.62 -11.11 -54.24
N GLY F 156 2.57 -10.81 -52.95
CA GLY F 156 3.38 -11.52 -51.98
C GLY F 156 2.67 -12.72 -51.37
N PHE F 157 3.46 -13.53 -50.69
CA PHE F 157 2.99 -14.72 -50.00
C PHE F 157 2.40 -14.35 -48.64
N SER F 158 1.79 -15.34 -47.99
CA SER F 158 1.19 -15.12 -46.68
C SER F 158 2.22 -15.26 -45.56
N ILE F 159 1.99 -14.54 -44.47
CA ILE F 159 2.94 -14.47 -43.36
C ILE F 159 2.48 -15.46 -42.30
N ASN F 160 3.39 -16.31 -41.86
CA ASN F 160 3.11 -17.26 -40.78
C ASN F 160 4.24 -17.18 -39.76
N VAL F 161 3.89 -16.79 -38.54
CA VAL F 161 4.86 -16.62 -37.47
C VAL F 161 4.75 -17.80 -36.51
N ASN F 162 5.84 -18.53 -36.35
CA ASN F 162 5.88 -19.72 -35.51
C ASN F 162 6.58 -19.41 -34.19
N ILE F 163 5.89 -19.66 -33.09
CA ILE F 163 6.44 -19.37 -31.76
C ILE F 163 6.43 -20.65 -30.93
N THR F 164 7.29 -20.69 -29.92
CA THR F 164 7.29 -21.82 -29.00
C THR F 164 6.09 -21.73 -28.08
N ALA F 165 5.53 -22.89 -27.72
CA ALA F 165 4.28 -22.91 -26.98
C ALA F 165 4.50 -22.74 -25.48
N ASP F 166 5.66 -23.18 -24.99
CA ASP F 166 5.91 -23.16 -23.54
C ASP F 166 5.88 -21.74 -23.00
N THR F 167 6.65 -20.84 -23.61
CA THR F 167 6.72 -19.47 -23.14
C THR F 167 5.65 -18.57 -23.71
N ALA F 168 4.78 -19.10 -24.58
CA ALA F 168 3.72 -18.29 -25.16
C ALA F 168 2.74 -17.83 -24.08
N GLU F 169 2.40 -18.73 -23.15
CA GLU F 169 1.46 -18.37 -22.10
C GLU F 169 2.16 -17.70 -20.93
N THR F 170 3.47 -17.88 -20.81
CA THR F 170 4.19 -17.37 -19.64
C THR F 170 4.21 -15.84 -19.63
N SER F 171 4.61 -15.22 -20.73
CA SER F 171 4.82 -13.78 -20.76
C SER F 171 3.98 -13.14 -21.86
N PRO F 172 3.07 -12.22 -21.53
CA PRO F 172 2.29 -11.55 -22.58
C PRO F 172 3.13 -10.74 -23.53
N GLN F 173 4.28 -10.24 -23.09
CA GLN F 173 5.15 -9.47 -23.99
C GLN F 173 5.56 -10.31 -25.18
N TYR F 174 5.73 -11.62 -24.98
CA TYR F 174 6.14 -12.50 -26.07
C TYR F 174 5.06 -12.57 -27.14
N LEU F 175 3.80 -12.74 -26.74
CA LEU F 175 2.69 -12.77 -27.69
C LEU F 175 2.53 -11.42 -28.39
N ALA F 176 2.66 -10.33 -27.62
CA ALA F 176 2.55 -9.01 -28.23
C ALA F 176 3.64 -8.80 -29.26
N ALA F 177 4.87 -9.25 -28.97
CA ALA F 177 5.96 -9.14 -29.92
C ALA F 177 5.70 -9.98 -31.16
N ALA F 178 5.12 -11.18 -30.98
CA ALA F 178 4.81 -12.01 -32.13
C ALA F 178 3.78 -11.35 -33.04
N ILE F 179 2.72 -10.78 -32.45
CA ILE F 179 1.70 -10.12 -33.25
C ILE F 179 2.28 -8.88 -33.93
N GLU F 180 3.13 -8.13 -33.23
CA GLU F 180 3.77 -6.97 -33.84
C GLU F 180 4.66 -7.39 -35.00
N TYR F 181 5.38 -8.51 -34.85
CA TYR F 181 6.22 -9.02 -35.92
C TYR F 181 5.38 -9.38 -37.14
N ALA F 182 4.25 -10.06 -36.93
CA ALA F 182 3.39 -10.41 -38.04
C ALA F 182 2.87 -9.16 -38.74
N LEU F 183 2.45 -8.17 -37.95
CA LEU F 183 1.88 -6.95 -38.53
C LEU F 183 2.92 -6.18 -39.34
N GLU F 184 4.15 -6.07 -38.82
CA GLU F 184 5.17 -5.32 -39.54
C GLU F 184 5.64 -6.09 -40.77
N GLN F 185 5.69 -7.42 -40.69
CA GLN F 185 6.00 -8.22 -41.85
C GLN F 185 4.95 -8.03 -42.94
N GLN F 186 3.68 -7.91 -42.53
CA GLN F 186 2.63 -7.65 -43.51
C GLN F 186 2.74 -6.24 -44.08
N LEU F 187 3.05 -5.25 -43.24
CA LEU F 187 3.26 -3.88 -43.72
C LEU F 187 4.40 -3.80 -44.72
N GLU F 188 5.40 -4.65 -44.58
CA GLU F 188 6.51 -4.64 -45.53
C GLU F 188 6.04 -4.92 -46.96
N GLN F 189 4.87 -5.53 -47.13
CA GLN F 189 4.33 -5.86 -48.45
C GLN F 189 3.25 -4.89 -48.90
N GLU F 190 3.31 -3.63 -48.48
CA GLU F 190 2.40 -2.56 -48.89
C GLU F 190 0.92 -2.92 -48.73
N VAL F 191 0.54 -3.59 -47.64
CA VAL F 191 -0.84 -4.05 -47.50
C VAL F 191 -1.76 -2.95 -46.98
N ASP F 192 -1.19 -1.91 -46.36
CA ASP F 192 -1.97 -0.81 -45.81
C ASP F 192 -2.97 -1.29 -44.76
N ILE F 193 -2.47 -1.77 -43.63
CA ILE F 193 -3.34 -2.24 -42.57
C ILE F 193 -4.12 -1.07 -41.98
N SER F 194 -5.41 -1.04 -42.26
CA SER F 194 -6.29 -0.07 -41.61
C SER F 194 -7.56 -0.76 -41.17
N ASP F 195 -7.89 -1.88 -41.82
CA ASP F 195 -9.10 -2.65 -41.55
C ASP F 195 -8.73 -4.12 -41.38
N LEU F 196 -8.33 -4.50 -40.17
CA LEU F 196 -7.98 -5.87 -39.87
C LEU F 196 -8.63 -6.26 -38.56
N VAL F 197 -8.89 -7.55 -38.40
CA VAL F 197 -9.43 -8.11 -37.18
C VAL F 197 -8.52 -9.24 -36.73
N ILE F 198 -8.28 -9.32 -35.42
CA ILE F 198 -7.40 -10.33 -34.87
C ILE F 198 -8.19 -11.27 -33.96
N LEU F 199 -8.64 -12.40 -34.50
CA LEU F 199 -9.32 -13.38 -33.66
C LEU F 199 -8.30 -14.10 -32.79
N MET F 200 -8.65 -14.27 -31.51
CA MET F 200 -7.75 -14.87 -30.55
C MET F 200 -8.55 -15.77 -29.63
N PRO F 201 -8.05 -16.97 -29.35
CA PRO F 201 -8.76 -17.85 -28.41
C PRO F 201 -8.72 -17.27 -27.01
N TRP F 202 -9.68 -17.72 -26.19
CA TRP F 202 -9.92 -17.07 -24.91
C TRP F 202 -8.71 -17.15 -24.00
N LYS F 203 -8.04 -18.31 -23.96
CA LYS F 203 -6.88 -18.47 -23.10
C LYS F 203 -5.78 -17.46 -23.45
N PHE F 204 -5.38 -17.44 -24.72
CA PHE F 204 -4.31 -16.53 -25.11
C PHE F 204 -4.80 -15.10 -25.17
N PHE F 205 -6.12 -14.90 -25.30
CA PHE F 205 -6.66 -13.54 -25.19
C PHE F 205 -6.47 -12.98 -23.79
N ASN F 206 -6.79 -13.78 -22.77
CA ASN F 206 -6.52 -13.36 -21.41
C ASN F 206 -5.03 -13.20 -21.16
N ALA F 207 -4.22 -14.06 -21.79
CA ALA F 207 -2.77 -13.91 -21.68
C ALA F 207 -2.30 -12.56 -22.19
N LEU F 208 -2.73 -12.18 -23.40
CA LEU F 208 -2.30 -10.91 -23.97
C LEU F 208 -2.88 -9.71 -23.23
N ARG F 209 -4.10 -9.83 -22.72
CA ARG F 209 -4.76 -8.72 -22.08
C ARG F 209 -4.11 -8.30 -20.76
N ASP F 210 -3.27 -9.16 -20.18
CA ASP F 210 -2.70 -8.91 -18.87
C ASP F 210 -1.34 -8.21 -18.91
N MET F 211 -0.83 -7.88 -20.09
CA MET F 211 0.44 -7.17 -20.16
C MET F 211 0.30 -5.79 -19.52
N ASP F 212 1.36 -5.37 -18.83
CA ASP F 212 1.28 -4.19 -17.99
C ASP F 212 0.94 -2.94 -18.80
N ARG F 213 1.51 -2.80 -19.99
CA ARG F 213 1.30 -1.61 -20.78
C ARG F 213 -0.17 -1.44 -21.16
N ILE F 214 -0.89 -2.54 -21.36
CA ILE F 214 -2.31 -2.46 -21.67
C ILE F 214 -3.10 -2.00 -20.44
N VAL F 215 -2.73 -2.49 -19.25
CA VAL F 215 -3.53 -2.29 -18.06
C VAL F 215 -3.04 -1.15 -17.18
N ASP F 216 -2.00 -0.44 -17.58
CA ASP F 216 -1.48 0.67 -16.80
C ASP F 216 -1.95 1.97 -17.46
N ARG F 217 -2.72 2.77 -16.72
CA ARG F 217 -3.30 3.98 -17.29
C ARG F 217 -2.22 4.97 -17.70
N SER F 218 -1.08 4.95 -17.04
CA SER F 218 -0.02 5.90 -17.35
C SER F 218 0.50 5.72 -18.77
N TYR F 219 0.73 4.48 -19.19
CA TYR F 219 1.29 4.24 -20.52
C TYR F 219 0.29 4.65 -21.59
N THR F 220 0.81 5.11 -22.73
CA THR F 220 -0.07 5.67 -23.76
C THR F 220 -0.89 4.59 -24.44
N LEU F 221 -0.32 3.40 -24.61
CA LEU F 221 -1.01 2.32 -25.34
C LEU F 221 -1.77 1.44 -24.35
N ALA F 222 -2.71 2.08 -23.65
CA ALA F 222 -3.54 1.41 -22.66
C ALA F 222 -5.00 1.65 -22.98
N ASP F 223 -5.86 0.75 -22.49
CA ASP F 223 -7.28 0.82 -22.76
C ASP F 223 -8.04 0.27 -21.56
N GLU F 224 -9.32 0.64 -21.48
CA GLU F 224 -10.20 0.21 -20.39
C GLU F 224 -11.36 -0.57 -20.98
N SER F 225 -12.07 -1.28 -20.10
CA SER F 225 -13.15 -2.17 -20.51
C SER F 225 -12.68 -3.16 -21.57
N THR F 226 -11.51 -3.75 -21.32
CA THR F 226 -10.85 -4.60 -22.30
C THR F 226 -11.52 -5.94 -22.50
N VAL F 227 -12.47 -6.32 -21.64
CA VAL F 227 -13.13 -7.61 -21.79
C VAL F 227 -13.97 -7.66 -23.05
N GLN F 228 -14.40 -6.50 -23.55
CA GLN F 228 -15.33 -6.45 -24.67
C GLN F 228 -14.64 -6.41 -26.02
N GLY F 229 -13.33 -6.53 -26.10
CA GLY F 229 -12.70 -6.41 -27.40
C GLY F 229 -11.71 -5.27 -27.56
N PHE F 230 -10.92 -4.99 -26.52
CA PHE F 230 -9.95 -3.90 -26.53
C PHE F 230 -9.20 -3.83 -27.86
N ALA F 231 -8.95 -2.61 -28.32
CA ALA F 231 -8.23 -2.39 -29.57
C ALA F 231 -6.74 -2.21 -29.31
N LEU F 232 -5.92 -2.88 -30.12
CA LEU F 232 -4.48 -2.78 -29.99
C LEU F 232 -4.01 -1.40 -30.44
N LYS F 233 -3.50 -0.61 -29.50
CA LYS F 233 -3.15 0.78 -29.76
C LYS F 233 -1.84 0.93 -30.52
N SER F 234 -1.02 -0.12 -30.62
CA SER F 234 0.25 -0.01 -31.31
C SER F 234 0.06 0.30 -32.79
N PHE F 235 -0.90 -0.36 -33.44
CA PHE F 235 -1.17 -0.18 -34.85
C PHE F 235 -2.61 0.21 -35.13
N ASN F 236 -3.43 0.37 -34.09
CA ASN F 236 -4.84 0.74 -34.23
C ASN F 236 -5.61 -0.31 -35.05
N VAL F 237 -5.57 -1.56 -34.60
CA VAL F 237 -6.33 -2.64 -35.19
C VAL F 237 -7.17 -3.28 -34.09
N PRO F 238 -8.46 -3.53 -34.31
CA PRO F 238 -9.29 -4.13 -33.27
C PRO F 238 -8.90 -5.58 -33.01
N VAL F 239 -9.17 -6.05 -31.80
CA VAL F 239 -8.97 -7.44 -31.41
C VAL F 239 -10.28 -7.96 -30.84
N VAL F 240 -10.79 -9.05 -31.40
CA VAL F 240 -12.05 -9.65 -30.95
C VAL F 240 -11.81 -11.11 -30.61
N PRO F 241 -12.12 -11.55 -29.39
CA PRO F 241 -11.87 -12.93 -29.02
C PRO F 241 -13.04 -13.86 -29.31
N SER F 242 -12.76 -15.00 -29.91
CA SER F 242 -13.77 -16.01 -30.18
C SER F 242 -13.20 -17.39 -29.87
N ASN F 243 -14.06 -18.29 -29.39
CA ASN F 243 -13.63 -19.61 -28.98
C ASN F 243 -13.93 -20.69 -30.01
N ARG F 244 -14.25 -20.31 -31.24
CA ARG F 244 -14.55 -21.29 -32.30
C ARG F 244 -13.27 -21.56 -33.07
N PHE F 245 -12.42 -22.40 -32.49
CA PHE F 245 -11.13 -22.76 -33.07
C PHE F 245 -11.00 -24.27 -33.15
N PRO F 246 -10.21 -24.77 -34.09
CA PRO F 246 -10.03 -26.22 -34.20
C PRO F 246 -9.37 -26.80 -32.97
N LYS F 247 -9.73 -28.05 -32.65
CA LYS F 247 -9.20 -28.72 -31.47
C LYS F 247 -8.29 -29.89 -31.79
N PHE F 248 -8.44 -30.50 -32.96
CA PHE F 248 -7.59 -31.60 -33.41
C PHE F 248 -7.63 -32.79 -32.45
N SER F 249 -8.79 -33.42 -32.34
CA SER F 249 -8.84 -34.74 -31.74
C SER F 249 -8.16 -35.73 -32.67
N GLN F 250 -7.26 -36.54 -32.11
CA GLN F 250 -6.38 -37.38 -32.92
C GLN F 250 -7.20 -38.48 -33.58
N GLY F 251 -7.40 -38.36 -34.90
CA GLY F 251 -8.10 -39.39 -35.65
C GLY F 251 -9.53 -39.61 -35.20
N ALA F 252 -10.26 -38.54 -34.86
CA ALA F 252 -11.63 -38.70 -34.39
C ALA F 252 -12.55 -39.09 -35.53
N ALA F 253 -12.68 -38.22 -36.53
CA ALA F 253 -13.55 -38.48 -37.67
C ALA F 253 -13.24 -37.47 -38.75
N HIS F 254 -13.97 -37.57 -39.86
CA HIS F 254 -13.86 -36.64 -40.97
C HIS F 254 -14.97 -35.60 -40.87
N HIS F 255 -14.66 -34.37 -41.29
CA HIS F 255 -15.65 -33.31 -41.27
C HIS F 255 -16.78 -33.63 -42.24
N LYS F 256 -17.96 -33.08 -41.96
CA LYS F 256 -19.14 -33.39 -42.75
C LYS F 256 -18.98 -32.96 -44.20
N LEU F 257 -18.30 -31.83 -44.43
CA LEU F 257 -18.10 -31.30 -45.76
C LEU F 257 -16.82 -31.78 -46.42
N SER F 258 -16.05 -32.65 -45.78
CA SER F 258 -14.77 -33.10 -46.30
C SER F 258 -14.99 -34.21 -47.34
N ASN F 259 -15.29 -33.78 -48.56
CA ASN F 259 -15.54 -34.71 -49.63
C ASN F 259 -14.25 -35.35 -50.11
N ALA F 260 -14.38 -36.37 -50.95
CA ALA F 260 -13.21 -37.05 -51.50
C ALA F 260 -12.56 -36.24 -52.61
N ASP F 261 -13.36 -35.44 -53.33
CA ASP F 261 -12.82 -34.65 -54.43
C ASP F 261 -11.79 -33.65 -53.93
N ASN F 262 -12.23 -32.69 -53.12
CA ASN F 262 -11.30 -31.76 -52.50
C ASN F 262 -10.40 -32.50 -51.53
N GLY F 263 -9.16 -32.04 -51.41
CA GLY F 263 -8.16 -32.78 -50.66
C GLY F 263 -8.35 -32.74 -49.16
N PHE F 264 -9.58 -32.98 -48.71
CA PHE F 264 -9.90 -33.04 -47.28
C PHE F 264 -9.43 -31.78 -46.57
N ARG F 265 -9.71 -30.62 -47.17
CA ARG F 265 -9.20 -29.36 -46.61
C ARG F 265 -10.00 -28.97 -45.36
N TYR F 266 -11.24 -29.42 -45.24
CA TYR F 266 -12.10 -28.94 -44.17
C TYR F 266 -11.68 -29.49 -42.81
N ASP F 267 -11.21 -30.74 -42.76
CA ASP F 267 -10.87 -31.32 -41.47
C ASP F 267 -9.56 -30.74 -40.95
N THR F 268 -9.35 -30.88 -39.64
CA THR F 268 -8.20 -30.27 -39.01
C THR F 268 -7.02 -31.22 -38.98
N THR F 269 -5.83 -30.68 -39.18
CA THR F 269 -4.59 -31.45 -39.05
C THR F 269 -3.69 -30.80 -38.00
N ALA F 270 -2.47 -31.33 -37.89
CA ALA F 270 -1.63 -31.03 -36.74
C ALA F 270 -1.25 -29.55 -36.57
N PRO F 271 -0.77 -28.83 -37.60
CA PRO F 271 -0.16 -27.51 -37.33
C PRO F 271 -1.08 -26.51 -36.63
N MET F 272 -2.38 -26.52 -36.92
CA MET F 272 -3.26 -25.49 -36.38
C MET F 272 -4.02 -25.94 -35.13
N ALA F 273 -3.55 -26.99 -34.46
CA ALA F 273 -4.22 -27.44 -33.24
C ALA F 273 -4.19 -26.37 -32.15
N GLY F 274 -3.05 -25.71 -31.99
CA GLY F 274 -2.91 -24.70 -30.95
C GLY F 274 -2.63 -23.30 -31.46
N ALA F 275 -3.32 -22.91 -32.52
CA ALA F 275 -3.04 -21.63 -33.16
C ALA F 275 -3.49 -20.46 -32.29
N VAL F 276 -2.90 -19.30 -32.53
CA VAL F 276 -3.21 -18.08 -31.81
C VAL F 276 -3.26 -16.90 -32.77
N ALA F 277 -4.25 -16.03 -32.55
CA ALA F 277 -4.26 -14.70 -33.16
C ALA F 277 -4.22 -14.75 -34.69
N VAL F 278 -5.29 -15.30 -35.28
CA VAL F 278 -5.38 -15.27 -36.74
C VAL F 278 -5.91 -13.92 -37.18
N ILE F 279 -5.33 -13.39 -38.26
CA ILE F 279 -5.64 -12.06 -38.75
C ILE F 279 -6.18 -12.16 -40.16
N PHE F 280 -7.33 -11.58 -40.41
CA PHE F 280 -7.93 -11.61 -41.73
C PHE F 280 -8.51 -10.25 -42.08
N SER F 281 -8.45 -9.92 -43.37
CA SER F 281 -9.10 -8.72 -43.89
C SER F 281 -10.47 -9.08 -44.45
N MET F 282 -11.08 -8.13 -45.15
CA MET F 282 -12.41 -8.38 -45.72
C MET F 282 -12.37 -9.46 -46.78
N ASP F 283 -11.35 -9.43 -47.65
CA ASP F 283 -11.26 -10.35 -48.77
C ASP F 283 -10.24 -11.47 -48.56
N ALA F 284 -10.01 -11.88 -47.31
CA ALA F 284 -9.12 -13.00 -47.07
C ALA F 284 -9.73 -14.31 -47.54
N LEU F 285 -11.06 -14.42 -47.47
CA LEU F 285 -11.76 -15.66 -47.75
C LEU F 285 -12.83 -15.42 -48.81
N LEU F 286 -12.94 -16.35 -49.76
CA LEU F 286 -14.00 -16.34 -50.75
C LEU F 286 -15.00 -17.41 -50.36
N VAL F 287 -16.22 -16.98 -50.03
CA VAL F 287 -17.22 -17.86 -49.44
C VAL F 287 -18.52 -17.73 -50.23
N GLY F 288 -19.20 -18.85 -50.46
CA GLY F 288 -20.47 -18.84 -51.16
C GLY F 288 -21.46 -19.84 -50.60
N ARG F 289 -22.75 -19.56 -50.76
CA ARG F 289 -23.81 -20.42 -50.25
C ARG F 289 -24.84 -20.66 -51.35
N THR F 290 -25.35 -21.89 -51.43
CA THR F 290 -26.36 -22.22 -52.42
C THR F 290 -27.76 -22.11 -51.83
N ILE F 291 -28.00 -22.80 -50.71
CA ILE F 291 -29.27 -22.77 -50.02
C ILE F 291 -29.05 -22.15 -48.64
N GLU F 292 -29.78 -21.08 -48.36
CA GLU F 292 -29.67 -20.46 -47.05
C GLU F 292 -30.31 -21.34 -45.99
N LEU F 293 -29.99 -21.05 -44.73
CA LEU F 293 -30.51 -21.83 -43.62
C LEU F 293 -32.03 -21.86 -43.65
N THR F 294 -32.59 -23.06 -43.79
CA THR F 294 -34.03 -23.19 -43.92
C THR F 294 -34.55 -24.28 -42.99
N GLY F 295 -35.55 -23.93 -42.19
CA GLY F 295 -36.18 -24.86 -41.27
C GLY F 295 -37.64 -25.08 -41.59
N ASP F 296 -38.16 -26.28 -41.31
CA ASP F 296 -39.52 -26.65 -41.67
C ASP F 296 -40.06 -27.66 -40.66
N ILE F 297 -41.32 -27.48 -40.27
CA ILE F 297 -42.04 -28.39 -39.38
C ILE F 297 -43.32 -28.78 -40.08
N PHE F 298 -43.61 -30.08 -40.12
CA PHE F 298 -44.83 -30.50 -40.81
C PHE F 298 -45.40 -31.79 -40.24
N TRP F 299 -46.68 -31.99 -40.56
CA TRP F 299 -47.47 -33.17 -40.21
C TRP F 299 -47.48 -34.13 -41.38
N GLU F 300 -47.21 -35.40 -41.10
CA GLU F 300 -47.32 -36.46 -42.11
C GLU F 300 -48.60 -37.24 -41.84
N LYS F 301 -49.28 -37.65 -42.92
CA LYS F 301 -50.56 -38.32 -42.77
C LYS F 301 -50.39 -39.83 -42.67
N LYS F 302 -49.58 -40.42 -43.56
CA LYS F 302 -49.47 -41.87 -43.59
C LYS F 302 -48.93 -42.42 -42.27
N GLU F 303 -47.92 -41.76 -41.71
CA GLU F 303 -47.49 -41.98 -40.34
C GLU F 303 -47.65 -40.67 -39.60
N LYS F 304 -48.06 -40.74 -38.33
CA LYS F 304 -48.62 -39.57 -37.67
C LYS F 304 -47.55 -38.63 -37.12
N THR F 305 -46.28 -38.94 -37.32
CA THR F 305 -45.23 -38.20 -36.64
C THR F 305 -45.01 -36.81 -37.24
N PHE F 306 -44.96 -35.80 -36.37
CA PHE F 306 -44.34 -34.52 -36.71
C PHE F 306 -42.89 -34.70 -37.15
N TYR F 307 -42.53 -34.00 -38.22
CA TYR F 307 -41.16 -33.91 -38.69
C TYR F 307 -40.68 -32.47 -38.51
N ILE F 308 -39.46 -32.32 -37.99
CA ILE F 308 -38.83 -31.02 -37.82
C ILE F 308 -37.42 -31.11 -38.39
N ASP F 309 -37.16 -30.39 -39.48
CA ASP F 309 -35.86 -30.52 -40.12
C ASP F 309 -35.37 -29.17 -40.63
N THR F 310 -34.06 -29.01 -40.60
CA THR F 310 -33.41 -27.77 -41.02
C THR F 310 -32.15 -28.09 -41.81
N TYR F 311 -31.99 -27.43 -42.95
CA TYR F 311 -30.90 -27.73 -43.87
C TYR F 311 -30.20 -26.45 -44.32
N LEU F 312 -28.94 -26.60 -44.72
CA LEU F 312 -28.05 -25.51 -45.10
C LEU F 312 -26.95 -26.05 -45.99
N ALA F 313 -26.40 -25.19 -46.86
CA ALA F 313 -25.31 -25.57 -47.75
C ALA F 313 -24.39 -24.39 -47.99
N GLU F 314 -23.09 -24.58 -47.77
CA GLU F 314 -22.12 -23.49 -47.88
C GLU F 314 -20.75 -24.05 -48.25
N GLY F 315 -19.86 -23.13 -48.66
CA GLY F 315 -18.48 -23.48 -48.95
C GLY F 315 -17.57 -22.27 -48.92
N ALA F 316 -16.27 -22.47 -48.71
CA ALA F 316 -15.34 -21.36 -48.59
C ALA F 316 -13.94 -21.81 -49.00
N ILE F 317 -13.11 -20.84 -49.36
CA ILE F 317 -11.72 -21.12 -49.76
C ILE F 317 -10.88 -19.86 -49.60
N PRO F 318 -9.62 -19.97 -49.16
CA PRO F 318 -8.75 -18.79 -49.08
C PRO F 318 -8.25 -18.40 -50.47
N ASP F 319 -8.25 -17.10 -50.77
CA ASP F 319 -7.89 -16.64 -52.10
C ASP F 319 -6.78 -15.60 -52.15
N ARG F 320 -6.77 -14.61 -51.27
CA ARG F 320 -5.95 -13.42 -51.49
C ARG F 320 -4.47 -13.68 -51.22
N TRP F 321 -4.17 -14.54 -50.26
CA TRP F 321 -2.80 -14.88 -49.86
C TRP F 321 -2.06 -13.74 -49.18
N GLU F 322 -2.66 -12.56 -49.08
CA GLU F 322 -2.01 -11.42 -48.43
C GLU F 322 -2.83 -10.86 -47.28
N ALA F 323 -4.03 -11.36 -47.06
CA ALA F 323 -4.88 -10.88 -45.97
C ALA F 323 -4.90 -11.81 -44.78
N VAL F 324 -4.13 -12.90 -44.80
CA VAL F 324 -4.05 -13.83 -43.69
C VAL F 324 -2.61 -13.84 -43.19
N SER F 325 -2.45 -13.66 -41.88
CA SER F 325 -1.15 -13.60 -41.23
C SER F 325 -1.18 -14.44 -39.95
N VAL F 326 -1.67 -15.66 -40.06
CA VAL F 326 -1.88 -16.52 -38.90
C VAL F 326 -0.59 -16.67 -38.10
N VAL F 327 -0.73 -16.82 -36.79
CA VAL F 327 0.38 -17.09 -35.88
C VAL F 327 0.15 -18.45 -35.26
N THR F 328 1.16 -19.31 -35.29
CA THR F 328 1.01 -20.69 -34.83
C THR F 328 2.08 -21.02 -33.81
N THR F 329 1.75 -21.96 -32.92
CA THR F 329 2.73 -22.48 -31.98
C THR F 329 3.35 -23.76 -32.51
N ALA F 330 4.62 -23.96 -32.21
CA ALA F 330 5.30 -25.19 -32.62
C ALA F 330 4.62 -26.39 -31.98
N ARG F 331 4.32 -27.40 -32.80
CA ARG F 331 3.50 -28.51 -32.36
C ARG F 331 4.02 -29.80 -32.99
N ASN F 332 3.77 -30.92 -32.30
CA ASN F 332 4.15 -32.22 -32.82
C ASN F 332 3.18 -32.64 -33.92
N ALA F 333 3.72 -33.07 -35.06
CA ALA F 333 2.88 -33.40 -36.20
C ALA F 333 2.09 -34.67 -35.96
N THR F 334 2.69 -35.64 -35.26
CA THR F 334 2.03 -36.95 -35.12
C THR F 334 0.85 -36.88 -34.16
N THR F 335 1.02 -36.21 -33.02
CA THR F 335 0.03 -36.24 -31.95
C THR F 335 -0.63 -34.89 -31.68
N GLY F 336 0.12 -33.79 -31.77
CA GLY F 336 -0.40 -32.50 -31.40
C GLY F 336 0.01 -31.99 -30.04
N ASP F 337 0.77 -32.78 -29.27
CA ASP F 337 1.31 -32.29 -28.02
C ASP F 337 2.43 -31.30 -28.30
N PRO F 338 2.33 -30.07 -27.78
CA PRO F 338 3.33 -29.03 -28.09
C PRO F 338 4.68 -29.36 -27.51
N ASP F 339 5.65 -29.62 -28.40
CA ASP F 339 7.01 -29.93 -27.99
C ASP F 339 8.10 -29.19 -28.75
N GLY F 340 7.81 -28.65 -29.94
CA GLY F 340 8.84 -28.05 -30.75
C GLY F 340 9.37 -26.76 -30.14
N THR F 341 10.55 -26.36 -30.60
CA THR F 341 11.16 -25.13 -30.12
C THR F 341 10.67 -23.92 -30.91
N GLY F 342 10.17 -24.14 -32.13
CA GLY F 342 9.68 -23.04 -32.94
C GLY F 342 10.70 -22.52 -33.92
N ALA F 343 10.29 -22.31 -35.17
CA ALA F 343 11.22 -21.85 -36.19
C ALA F 343 11.62 -20.39 -35.96
N ASP F 344 10.66 -19.55 -35.62
CA ASP F 344 10.90 -18.12 -35.44
C ASP F 344 11.05 -17.73 -33.98
N ASP F 345 11.52 -18.64 -33.13
CA ASP F 345 11.76 -18.29 -31.73
C ASP F 345 13.03 -17.46 -31.59
N THR F 346 13.89 -17.48 -32.61
CA THR F 346 15.13 -16.71 -32.53
C THR F 346 14.89 -15.23 -32.85
N VAL F 347 14.16 -14.96 -33.93
CA VAL F 347 13.87 -13.58 -34.30
C VAL F 347 13.04 -12.91 -33.22
N VAL F 348 12.03 -13.61 -32.72
CA VAL F 348 11.30 -13.15 -31.56
C VAL F 348 12.14 -13.42 -30.32
N THR F 349 11.76 -12.83 -29.19
CA THR F 349 12.49 -12.87 -27.92
C THR F 349 13.69 -11.94 -28.01
N LYS F 350 13.94 -11.43 -29.21
CA LYS F 350 14.75 -10.22 -29.34
C LYS F 350 13.86 -8.99 -29.35
N ARG F 351 12.67 -9.11 -29.96
CA ARG F 351 11.69 -8.04 -29.90
C ARG F 351 10.99 -8.00 -28.55
N ALA F 352 10.81 -9.16 -27.92
CA ALA F 352 10.12 -9.21 -26.64
C ALA F 352 10.88 -8.48 -25.55
N ASN F 353 12.19 -8.26 -25.75
CA ASN F 353 12.98 -7.56 -24.74
C ASN F 353 12.93 -6.05 -24.91
N ARG F 354 12.34 -5.56 -26.00
CA ARG F 354 12.27 -4.11 -26.20
C ARG F 354 11.34 -3.46 -25.19
N LYS F 355 10.18 -4.07 -24.92
CA LYS F 355 9.21 -3.51 -23.99
C LYS F 355 9.71 -3.72 -22.57
N VAL F 356 10.53 -2.77 -22.12
CA VAL F 356 11.23 -2.88 -20.84
C VAL F 356 11.63 -1.49 -20.37
N ILE F 357 11.81 -1.37 -19.05
CA ILE F 357 12.35 -0.18 -18.42
C ILE F 357 13.70 -0.56 -17.83
N LEU F 358 14.60 0.41 -17.72
CA LEU F 358 15.96 0.10 -17.29
C LEU F 358 16.21 0.59 -15.87
N THR F 359 16.96 -0.20 -15.10
CA THR F 359 17.32 0.12 -13.71
C THR F 359 18.81 -0.13 -13.54
N LYS F 360 19.57 0.95 -13.44
CA LYS F 360 21.01 0.84 -13.24
C LYS F 360 21.29 0.39 -11.81
N ALA F 361 22.49 -0.15 -11.58
CA ALA F 361 22.90 -0.49 -10.22
C ALA F 361 23.57 0.72 -9.57
N VAL F 362 23.69 0.71 -8.25
CA VAL F 362 24.34 1.78 -7.50
C VAL F 362 23.74 3.14 -7.81
N SER G 2 -2.25 10.62 69.63
CA SER G 2 -2.28 11.59 68.54
C SER G 2 -2.66 10.92 67.22
N THR G 3 -2.88 9.61 67.28
CA THR G 3 -3.25 8.83 66.11
C THR G 3 -4.36 7.85 66.46
N PRO G 4 -5.24 7.53 65.51
CA PRO G 4 -6.23 6.46 65.72
C PRO G 4 -5.59 5.10 65.44
N ASN G 5 -4.94 4.55 66.47
CA ASN G 5 -4.10 3.37 66.25
C ASN G 5 -4.92 2.15 65.90
N VAL G 6 -6.07 1.96 66.55
CA VAL G 6 -6.88 0.75 66.38
C VAL G 6 -8.13 1.11 65.60
N LEU G 7 -8.08 0.99 64.29
CA LEU G 7 -9.22 1.27 63.43
C LEU G 7 -10.23 0.14 63.53
N THR G 8 -11.49 0.51 63.76
CA THR G 8 -12.56 -0.48 63.66
C THR G 8 -12.82 -0.82 62.20
N ASN G 9 -12.92 -2.10 61.90
CA ASN G 9 -13.04 -2.56 60.53
C ASN G 9 -14.06 -3.69 60.47
N VAL G 10 -15.09 -3.51 59.62
CA VAL G 10 -16.10 -4.55 59.45
C VAL G 10 -15.76 -5.50 58.31
N ALA G 11 -14.60 -5.35 57.68
CA ALA G 11 -14.19 -6.20 56.57
C ALA G 11 -13.21 -7.27 57.00
N VAL G 12 -13.02 -7.50 58.29
CA VAL G 12 -12.09 -8.50 58.80
C VAL G 12 -12.84 -9.42 59.75
N SER G 13 -12.53 -10.70 59.71
CA SER G 13 -13.16 -11.68 60.58
C SER G 13 -12.18 -12.11 61.66
N HIS G 14 -12.51 -11.80 62.92
CA HIS G 14 -11.67 -12.23 64.03
C HIS G 14 -11.64 -13.74 64.16
N SER G 15 -12.80 -14.38 63.98
CA SER G 15 -12.86 -15.85 64.08
C SER G 15 -12.07 -16.51 62.95
N GLY G 16 -12.00 -15.86 61.80
CA GLY G 16 -11.23 -16.39 60.68
C GLY G 16 -12.08 -17.12 59.66
N GLU G 17 -11.47 -18.12 59.05
CA GLU G 17 -11.98 -19.07 58.07
C GLU G 17 -12.59 -18.39 56.83
N VAL G 18 -12.53 -17.07 56.74
CA VAL G 18 -12.95 -16.32 55.56
C VAL G 18 -12.02 -15.13 55.42
N ASP G 19 -11.63 -14.81 54.17
CA ASP G 19 -10.75 -13.68 53.95
C ASP G 19 -11.47 -12.35 54.15
N SER G 20 -12.74 -12.29 53.74
CA SER G 20 -13.47 -11.03 53.79
C SER G 20 -14.95 -11.32 53.94
N LEU G 21 -15.74 -10.24 54.01
CA LEU G 21 -17.17 -10.32 54.27
C LEU G 21 -18.00 -9.49 53.30
N LEU G 22 -17.47 -9.16 52.13
CA LEU G 22 -18.18 -8.27 51.22
C LEU G 22 -19.16 -9.06 50.36
N ILE G 23 -19.98 -8.32 49.58
CA ILE G 23 -21.23 -8.88 49.10
C ILE G 23 -21.07 -9.47 47.70
N GLU G 24 -20.06 -9.02 46.95
CA GLU G 24 -19.83 -9.52 45.58
C GLU G 24 -21.03 -9.22 44.68
N LYS G 25 -21.27 -7.93 44.44
CA LYS G 25 -22.39 -7.54 43.59
C LYS G 25 -22.12 -7.96 42.15
N PHE G 26 -23.20 -7.96 41.35
CA PHE G 26 -23.14 -8.64 40.05
C PHE G 26 -22.94 -7.66 38.90
N ASN G 27 -23.54 -6.47 38.98
CA ASN G 27 -23.53 -5.34 38.06
C ASN G 27 -24.36 -5.59 36.79
N GLY G 28 -24.92 -6.79 36.60
CA GLY G 28 -25.87 -7.02 35.51
C GLY G 28 -25.30 -6.95 34.11
N LYS G 29 -24.21 -7.64 33.85
CA LYS G 29 -23.64 -7.74 32.50
C LYS G 29 -23.23 -9.17 32.22
N VAL G 30 -23.69 -9.71 31.09
CA VAL G 30 -23.35 -11.05 30.64
C VAL G 30 -22.93 -10.98 29.18
N ARG G 31 -21.97 -11.81 28.80
CA ARG G 31 -21.43 -11.83 27.46
C ARG G 31 -21.70 -13.17 26.80
N GLU G 32 -21.91 -13.16 25.49
CA GLU G 32 -22.10 -14.37 24.72
C GLU G 32 -21.39 -14.23 23.37
N GLN G 33 -21.43 -15.31 22.59
CA GLN G 33 -20.74 -15.33 21.31
C GLN G 33 -21.42 -14.41 20.31
N TYR G 34 -20.69 -14.03 19.25
CA TYR G 34 -21.21 -13.07 18.29
C TYR G 34 -21.94 -13.76 17.14
N LEU G 35 -21.21 -14.55 16.34
CA LEU G 35 -21.77 -15.28 15.20
C LEU G 35 -22.64 -14.40 14.29
N LYS G 36 -21.99 -13.48 13.58
CA LYS G 36 -22.71 -12.74 12.54
C LYS G 36 -23.36 -13.72 11.58
N GLY G 37 -24.58 -13.37 11.13
CA GLY G 37 -25.32 -14.18 10.20
C GLY G 37 -24.90 -13.91 8.78
N GLU G 38 -24.37 -14.93 8.12
CA GLU G 38 -23.91 -14.76 6.74
C GLU G 38 -25.07 -14.45 5.80
N ASN G 39 -26.22 -15.08 6.04
CA ASN G 39 -27.39 -14.94 5.16
C ASN G 39 -27.01 -15.30 3.73
N LEU G 40 -26.24 -16.38 3.58
CA LEU G 40 -25.71 -16.75 2.28
C LEU G 40 -26.77 -17.42 1.40
N LEU G 41 -27.84 -17.93 2.00
CA LEU G 41 -28.88 -18.60 1.25
C LEU G 41 -29.73 -17.63 0.42
N SER G 42 -29.57 -16.32 0.62
CA SER G 42 -30.39 -15.36 -0.09
C SER G 42 -30.18 -15.41 -1.60
N HIS G 43 -29.03 -15.92 -2.06
CA HIS G 43 -28.76 -15.97 -3.49
C HIS G 43 -29.69 -16.95 -4.20
N PHE G 44 -30.17 -17.96 -3.50
CA PHE G 44 -30.89 -19.08 -4.09
C PHE G 44 -32.38 -18.96 -3.81
N GLN G 45 -33.20 -19.50 -4.72
CA GLN G 45 -34.63 -19.57 -4.48
C GLN G 45 -34.96 -20.77 -3.60
N VAL G 46 -35.70 -20.52 -2.52
CA VAL G 46 -35.96 -21.56 -1.53
C VAL G 46 -36.84 -22.67 -2.10
N GLU G 47 -37.85 -22.32 -2.89
CA GLU G 47 -38.76 -23.28 -3.52
C GLU G 47 -39.42 -24.13 -2.43
N THR G 48 -40.36 -23.50 -1.73
CA THR G 48 -41.05 -24.17 -0.63
C THR G 48 -41.80 -25.41 -1.12
N VAL G 49 -41.85 -26.44 -0.28
CA VAL G 49 -42.52 -27.68 -0.60
C VAL G 49 -43.61 -27.93 0.44
N THR G 50 -44.81 -28.25 -0.05
CA THR G 50 -45.94 -28.65 0.79
C THR G 50 -46.62 -29.84 0.15
N GLY G 51 -47.27 -30.65 0.96
CA GLY G 51 -47.81 -31.89 0.43
C GLY G 51 -46.66 -32.79 0.02
N THR G 52 -46.43 -32.89 -1.28
CA THR G 52 -45.31 -33.65 -1.80
C THR G 52 -44.01 -33.06 -1.29
N ASN G 53 -42.98 -33.90 -1.16
CA ASN G 53 -41.74 -33.51 -0.51
C ASN G 53 -40.54 -33.58 -1.46
N THR G 54 -40.81 -33.38 -2.74
CA THR G 54 -39.74 -33.44 -3.73
C THR G 54 -39.90 -32.34 -4.76
N VAL G 55 -38.79 -32.02 -5.43
CA VAL G 55 -38.77 -31.06 -6.53
C VAL G 55 -37.99 -31.69 -7.68
N SER G 56 -38.30 -31.26 -8.91
CA SER G 56 -37.75 -31.89 -10.10
C SER G 56 -37.39 -30.86 -11.16
N ASN G 57 -36.53 -31.29 -12.09
CA ASN G 57 -36.11 -30.50 -13.24
C ASN G 57 -35.89 -31.44 -14.42
N LYS G 58 -36.06 -30.91 -15.65
CA LYS G 58 -36.24 -31.78 -16.81
C LYS G 58 -34.95 -31.96 -17.60
N TYR G 59 -34.19 -30.90 -17.82
CA TYR G 59 -32.88 -30.97 -18.48
C TYR G 59 -32.96 -31.59 -19.88
N LEU G 60 -33.63 -30.86 -20.78
CA LEU G 60 -33.65 -31.25 -22.18
C LEU G 60 -32.25 -31.21 -22.77
N GLY G 61 -32.03 -32.04 -23.79
CA GLY G 61 -30.75 -32.13 -24.46
C GLY G 61 -30.86 -31.76 -25.92
N GLU G 62 -29.73 -31.84 -26.64
CA GLU G 62 -29.74 -31.41 -28.03
C GLU G 62 -29.57 -32.57 -28.99
N THR G 63 -29.80 -32.28 -30.27
CA THR G 63 -29.70 -33.25 -31.34
C THR G 63 -28.33 -33.19 -32.01
N GLU G 64 -28.21 -33.92 -33.12
CA GLU G 64 -27.02 -33.96 -33.94
C GLU G 64 -27.40 -33.73 -35.39
N ILE G 65 -26.38 -33.49 -36.22
CA ILE G 65 -26.58 -33.15 -37.63
C ILE G 65 -25.82 -34.15 -38.48
N GLN G 66 -26.27 -34.32 -39.72
CA GLN G 66 -25.69 -35.30 -40.63
C GLN G 66 -25.83 -34.82 -42.06
N VAL G 67 -25.00 -35.39 -42.94
CA VAL G 67 -24.97 -34.98 -44.34
C VAL G 67 -26.18 -35.54 -45.07
N LEU G 68 -26.64 -34.81 -46.08
CA LEU G 68 -27.81 -35.19 -46.87
C LEU G 68 -27.42 -35.41 -48.32
N ALA G 69 -27.54 -36.64 -48.78
CA ALA G 69 -27.53 -36.92 -50.20
C ALA G 69 -28.95 -36.73 -50.75
N PRO G 70 -29.08 -36.42 -52.04
CA PRO G 70 -30.41 -36.14 -52.59
C PRO G 70 -31.39 -37.30 -52.37
N GLY G 71 -32.55 -36.97 -51.83
CA GLY G 71 -33.55 -37.98 -51.52
C GLY G 71 -33.17 -38.96 -50.43
N GLN G 72 -32.63 -38.48 -49.32
CA GLN G 72 -32.22 -39.39 -48.25
C GLN G 72 -33.30 -39.54 -47.19
N SER G 73 -33.67 -38.45 -46.53
CA SER G 73 -34.51 -38.46 -45.34
C SER G 73 -33.89 -39.39 -44.27
N PRO G 74 -32.79 -38.98 -43.66
CA PRO G 74 -31.90 -39.95 -43.00
C PRO G 74 -32.46 -40.70 -41.80
N ALA G 75 -32.86 -40.02 -40.73
CA ALA G 75 -33.10 -40.73 -39.48
C ALA G 75 -33.74 -39.81 -38.45
N ALA G 76 -33.77 -40.28 -37.20
CA ALA G 76 -34.46 -39.57 -36.14
C ALA G 76 -33.50 -38.75 -35.29
N THR G 77 -32.44 -39.37 -34.79
CA THR G 77 -31.46 -38.72 -33.92
C THR G 77 -32.11 -38.15 -32.66
N PRO G 78 -32.49 -39.01 -31.71
CA PRO G 78 -33.33 -38.55 -30.60
C PRO G 78 -32.59 -37.71 -29.58
N THR G 79 -33.29 -37.39 -28.50
CA THR G 79 -32.78 -36.63 -27.37
C THR G 79 -33.10 -37.38 -26.07
N LYS G 80 -32.31 -37.13 -25.03
CA LYS G 80 -32.42 -37.96 -23.83
C LYS G 80 -33.32 -37.34 -22.77
N ALA G 81 -33.00 -36.12 -22.32
CA ALA G 81 -33.81 -35.39 -21.33
C ALA G 81 -33.92 -36.14 -20.00
N ASP G 82 -32.78 -36.27 -19.32
CA ASP G 82 -32.76 -36.86 -17.99
C ASP G 82 -33.20 -35.85 -16.93
N LYS G 83 -33.87 -36.36 -15.89
CA LYS G 83 -34.52 -35.56 -14.86
C LYS G 83 -33.71 -35.60 -13.57
N ASN G 84 -33.78 -34.52 -12.80
CA ASN G 84 -33.07 -34.42 -11.52
C ASN G 84 -34.07 -34.03 -10.43
N GLN G 85 -33.91 -34.59 -9.23
CA GLN G 85 -34.87 -34.35 -8.17
C GLN G 85 -34.17 -34.16 -6.83
N VAL G 86 -34.87 -33.51 -5.91
CA VAL G 86 -34.44 -33.32 -4.54
C VAL G 86 -35.57 -33.70 -3.61
N VAL G 87 -35.23 -34.32 -2.47
CA VAL G 87 -36.19 -34.80 -1.49
C VAL G 87 -35.77 -34.29 -0.11
N ILE G 88 -36.76 -34.01 0.74
CA ILE G 88 -36.54 -33.52 2.09
C ILE G 88 -37.11 -34.55 3.05
N ASP G 89 -36.29 -35.06 3.96
CA ASP G 89 -36.70 -36.16 4.83
C ASP G 89 -36.28 -35.92 6.27
N THR G 90 -35.34 -35.01 6.52
CA THR G 90 -34.71 -34.88 7.83
C THR G 90 -35.00 -33.52 8.45
N THR G 91 -34.91 -33.47 9.77
CA THR G 91 -35.19 -32.28 10.56
C THR G 91 -34.10 -32.12 11.60
N VAL G 92 -33.78 -30.86 11.93
CA VAL G 92 -32.78 -30.54 12.94
C VAL G 92 -33.45 -29.72 14.04
N ILE G 93 -33.15 -30.04 15.29
CA ILE G 93 -33.76 -29.38 16.44
C ILE G 93 -32.70 -29.12 17.50
N ALA G 94 -32.86 -28.01 18.22
CA ALA G 94 -32.09 -27.71 19.41
C ALA G 94 -33.07 -27.59 20.57
N ARG G 95 -32.80 -28.30 21.67
CA ARG G 95 -33.72 -28.38 22.80
C ARG G 95 -32.94 -28.30 24.11
N ASN G 96 -33.05 -27.17 24.79
CA ASN G 96 -32.54 -27.05 26.14
C ASN G 96 -33.68 -27.10 27.14
N THR G 97 -33.38 -27.53 28.35
CA THR G 97 -34.36 -27.53 29.43
C THR G 97 -33.72 -26.93 30.68
N VAL G 98 -34.49 -26.10 31.38
CA VAL G 98 -34.04 -25.52 32.63
C VAL G 98 -35.04 -25.87 33.72
N ALA G 99 -34.56 -26.47 34.79
CA ALA G 99 -35.45 -27.03 35.81
C ALA G 99 -36.01 -25.93 36.70
N MET G 100 -37.17 -26.22 37.29
CA MET G 100 -37.69 -25.39 38.36
C MET G 100 -36.78 -25.49 39.58
N LEU G 101 -36.76 -24.42 40.36
CA LEU G 101 -35.86 -24.16 41.50
C LEU G 101 -34.46 -23.79 41.02
N HIS G 102 -34.19 -23.86 39.72
CA HIS G 102 -32.98 -23.31 39.14
C HIS G 102 -33.24 -22.04 38.35
N ASP G 103 -34.46 -21.88 37.84
CA ASP G 103 -34.82 -20.61 37.21
C ASP G 103 -34.94 -19.50 38.24
N VAL G 104 -35.50 -19.82 39.41
CA VAL G 104 -35.61 -18.83 40.48
C VAL G 104 -34.24 -18.44 40.99
N GLN G 105 -33.33 -19.42 41.07
CA GLN G 105 -31.98 -19.17 41.56
C GLN G 105 -30.98 -18.93 40.43
N GLY G 106 -31.47 -18.62 39.23
CA GLY G 106 -30.58 -18.43 38.10
C GLY G 106 -29.66 -17.23 38.24
N ASP G 107 -30.16 -16.15 38.85
CA ASP G 107 -29.42 -14.91 39.06
C ASP G 107 -29.20 -14.20 37.74
N ILE G 108 -29.64 -14.81 36.64
CA ILE G 108 -29.47 -14.21 35.33
C ILE G 108 -30.73 -13.42 34.99
N ASP G 109 -30.55 -12.25 34.34
CA ASP G 109 -31.66 -11.34 34.15
C ASP G 109 -32.74 -11.95 33.26
N SER G 110 -32.37 -12.46 32.10
CA SER G 110 -33.35 -12.97 31.13
C SER G 110 -33.17 -14.44 30.82
N LEU G 111 -31.93 -14.94 30.77
CA LEU G 111 -31.61 -16.32 30.45
C LEU G 111 -32.37 -16.88 29.26
N LYS G 112 -33.69 -17.09 29.39
CA LYS G 112 -34.42 -17.84 28.38
C LYS G 112 -34.43 -17.18 27.00
N PRO G 113 -34.75 -15.89 26.84
CA PRO G 113 -34.63 -15.30 25.50
C PRO G 113 -33.22 -15.34 24.95
N LYS G 114 -32.21 -15.22 25.82
CA LYS G 114 -30.83 -15.31 25.36
C LYS G 114 -30.53 -16.70 24.81
N ILE G 115 -31.00 -17.75 25.49
CA ILE G 115 -30.80 -19.10 24.98
C ILE G 115 -31.55 -19.28 23.65
N ALA G 116 -32.75 -18.72 23.54
CA ALA G 116 -33.49 -18.83 22.30
C ALA G 116 -32.75 -18.17 21.14
N VAL G 117 -32.24 -16.95 21.36
CA VAL G 117 -31.55 -16.25 20.27
C VAL G 117 -30.24 -16.93 19.94
N ASN G 118 -29.60 -17.57 20.94
CA ASN G 118 -28.41 -18.36 20.65
C ASN G 118 -28.73 -19.56 19.76
N GLN G 119 -29.84 -20.24 20.06
CA GLN G 119 -30.24 -21.38 19.25
C GLN G 119 -30.55 -20.96 17.82
N ALA G 120 -31.20 -19.81 17.66
CA ALA G 120 -31.49 -19.32 16.32
C ALA G 120 -30.22 -19.08 15.52
N LYS G 121 -29.20 -18.49 16.15
CA LYS G 121 -27.94 -18.26 15.46
C LYS G 121 -27.26 -19.58 15.11
N GLN G 122 -27.32 -20.56 16.02
CA GLN G 122 -26.75 -21.88 15.71
C GLN G 122 -27.40 -22.46 14.46
N LEU G 123 -28.73 -22.43 14.40
CA LEU G 123 -29.43 -23.00 13.26
C LEU G 123 -29.10 -22.26 11.96
N LYS G 124 -29.05 -20.92 12.02
CA LYS G 124 -28.70 -20.16 10.83
C LYS G 124 -27.30 -20.48 10.34
N ARG G 125 -26.35 -20.60 11.28
CA ARG G 125 -24.98 -20.94 10.91
C ARG G 125 -24.92 -22.30 10.23
N LEU G 126 -25.61 -23.29 10.78
CA LEU G 126 -25.59 -24.60 10.15
C LEU G 126 -26.25 -24.56 8.77
N GLU G 127 -27.33 -23.78 8.64
CA GLU G 127 -27.99 -23.69 7.35
C GLU G 127 -27.06 -23.12 6.28
N ASP G 128 -26.28 -22.10 6.63
CA ASP G 128 -25.33 -21.54 5.66
C ASP G 128 -24.18 -22.51 5.38
N GLU G 129 -23.68 -23.19 6.42
CA GLU G 129 -22.57 -24.10 6.26
C GLU G 129 -22.94 -25.26 5.35
N MET G 130 -24.17 -25.76 5.47
CA MET G 130 -24.62 -26.86 4.61
C MET G 130 -24.65 -26.42 3.14
N VAL G 131 -25.10 -25.20 2.87
CA VAL G 131 -25.13 -24.72 1.49
C VAL G 131 -23.73 -24.61 0.93
N VAL G 132 -22.79 -24.06 1.71
CA VAL G 132 -21.42 -23.95 1.23
C VAL G 132 -20.84 -25.34 0.97
N GLN G 133 -21.10 -26.29 1.87
CA GLN G 133 -20.58 -27.64 1.68
C GLN G 133 -21.15 -28.28 0.41
N GLN G 134 -22.44 -28.08 0.15
CA GLN G 134 -23.03 -28.65 -1.06
C GLN G 134 -22.46 -28.02 -2.31
N LEU G 135 -22.22 -26.70 -2.29
CA LEU G 135 -21.57 -26.08 -3.44
C LEU G 135 -20.19 -26.67 -3.67
N MET G 136 -19.42 -26.87 -2.60
CA MET G 136 -18.08 -27.44 -2.75
C MET G 136 -18.15 -28.85 -3.32
N LEU G 137 -19.07 -29.68 -2.83
CA LEU G 137 -19.18 -31.04 -3.33
C LEU G 137 -19.61 -31.04 -4.79
N GLY G 138 -20.55 -30.18 -5.15
CA GLY G 138 -20.96 -30.07 -6.54
C GLY G 138 -19.81 -29.64 -7.44
N GLY G 139 -18.93 -28.79 -6.93
CA GLY G 139 -17.75 -28.42 -7.67
C GLY G 139 -16.74 -29.53 -7.84
N ILE G 140 -16.55 -30.33 -6.81
CA ILE G 140 -15.41 -31.25 -6.79
C ILE G 140 -15.77 -32.61 -7.37
N SER G 141 -17.05 -33.00 -7.29
CA SER G 141 -17.43 -34.37 -7.61
C SER G 141 -17.39 -34.64 -9.11
N ASN G 142 -17.93 -33.73 -9.92
CA ASN G 142 -18.11 -33.95 -11.35
C ASN G 142 -17.28 -32.93 -12.12
N THR G 143 -16.05 -33.31 -12.47
CA THR G 143 -15.10 -32.39 -13.07
C THR G 143 -14.55 -32.86 -14.42
N LYS G 144 -15.32 -33.67 -15.16
CA LYS G 144 -15.01 -34.21 -16.49
C LYS G 144 -13.98 -35.33 -16.40
N ALA G 145 -13.34 -35.53 -15.24
CA ALA G 145 -12.37 -36.60 -15.07
C ALA G 145 -13.03 -37.82 -14.42
N GLN G 146 -13.93 -37.59 -13.47
CA GLN G 146 -14.60 -38.70 -12.80
C GLN G 146 -15.87 -39.11 -13.52
N ARG G 147 -16.66 -38.13 -13.96
CA ARG G 147 -17.92 -38.44 -14.64
C ARG G 147 -17.67 -39.11 -15.99
N THR G 148 -16.81 -38.50 -16.81
CA THR G 148 -16.43 -38.91 -18.15
C THR G 148 -17.61 -38.87 -19.12
N ASN G 149 -18.80 -38.46 -18.69
CA ASN G 149 -19.97 -38.44 -19.55
C ASN G 149 -20.98 -37.49 -18.93
N PRO G 150 -21.43 -36.47 -19.66
CA PRO G 150 -22.34 -35.49 -19.07
C PRO G 150 -23.67 -36.10 -18.71
N ARG G 151 -24.41 -35.39 -17.83
CA ARG G 151 -25.72 -35.87 -17.40
C ARG G 151 -26.67 -36.01 -18.58
N VAL G 152 -26.65 -35.04 -19.49
CA VAL G 152 -27.38 -35.15 -20.76
C VAL G 152 -26.36 -34.97 -21.88
N PRO G 153 -26.50 -35.73 -22.97
CA PRO G 153 -25.48 -35.69 -24.03
C PRO G 153 -25.06 -34.30 -24.48
N GLY G 154 -25.82 -33.26 -24.15
CA GLY G 154 -25.45 -31.93 -24.59
C GLY G 154 -24.52 -31.22 -23.64
N HIS G 155 -24.93 -31.07 -22.38
CA HIS G 155 -24.33 -30.08 -21.49
C HIS G 155 -22.91 -30.46 -21.08
N GLY G 156 -22.27 -29.53 -20.35
CA GLY G 156 -20.88 -29.69 -19.97
C GLY G 156 -20.70 -29.85 -18.47
N PHE G 157 -19.45 -30.02 -18.05
CA PHE G 157 -19.13 -30.34 -16.67
C PHE G 157 -18.69 -29.12 -15.89
N SER G 158 -18.61 -29.29 -14.57
CA SER G 158 -18.00 -28.27 -13.72
C SER G 158 -16.49 -28.34 -13.81
N ILE G 159 -15.83 -27.25 -13.44
CA ILE G 159 -14.38 -27.11 -13.56
C ILE G 159 -13.77 -27.05 -12.18
N ASN G 160 -12.83 -27.95 -11.91
CA ASN G 160 -12.04 -27.95 -10.69
C ASN G 160 -10.58 -27.76 -11.06
N VAL G 161 -9.92 -26.77 -10.45
CA VAL G 161 -8.51 -26.52 -10.64
C VAL G 161 -7.80 -26.65 -9.30
N ASN G 162 -6.70 -27.39 -9.27
CA ASN G 162 -6.00 -27.74 -8.05
C ASN G 162 -4.65 -27.03 -8.01
N ILE G 163 -4.35 -26.41 -6.87
CA ILE G 163 -3.10 -25.68 -6.72
C ILE G 163 -2.44 -26.03 -5.39
N THR G 164 -1.12 -25.86 -5.32
CA THR G 164 -0.38 -26.18 -4.10
C THR G 164 -0.85 -25.27 -2.97
N ALA G 165 -0.96 -25.85 -1.78
CA ALA G 165 -1.42 -25.11 -0.60
C ALA G 165 -0.30 -24.23 -0.04
N ASP G 166 0.94 -24.69 -0.11
CA ASP G 166 2.03 -23.97 0.51
C ASP G 166 2.30 -22.64 -0.20
N THR G 167 2.41 -22.67 -1.53
CA THR G 167 2.76 -21.46 -2.26
C THR G 167 1.57 -20.53 -2.41
N ALA G 168 0.38 -20.99 -2.01
CA ALA G 168 -0.82 -20.15 -2.14
C ALA G 168 -0.74 -18.91 -1.26
N GLU G 169 -0.24 -19.05 -0.03
CA GLU G 169 -0.22 -17.92 0.88
C GLU G 169 0.91 -16.96 0.56
N THR G 170 2.02 -17.47 0.01
CA THR G 170 3.21 -16.65 -0.16
C THR G 170 3.00 -15.54 -1.17
N SER G 171 2.32 -15.83 -2.27
CA SER G 171 2.18 -14.87 -3.36
C SER G 171 0.72 -14.71 -3.75
N PRO G 172 0.22 -13.48 -3.83
CA PRO G 172 -1.16 -13.29 -4.30
C PRO G 172 -1.34 -13.51 -5.79
N GLN G 173 -0.29 -13.27 -6.59
CA GLN G 173 -0.40 -13.50 -8.03
C GLN G 173 -0.77 -14.95 -8.32
N TYR G 174 -0.33 -15.87 -7.47
CA TYR G 174 -0.69 -17.28 -7.63
C TYR G 174 -2.21 -17.47 -7.56
N LEU G 175 -2.82 -16.94 -6.50
CA LEU G 175 -4.27 -17.10 -6.35
C LEU G 175 -5.02 -16.35 -7.44
N ALA G 176 -4.55 -15.17 -7.83
CA ALA G 176 -5.21 -14.44 -8.90
C ALA G 176 -5.17 -15.23 -10.20
N ALA G 177 -4.02 -15.84 -10.50
CA ALA G 177 -3.92 -16.66 -11.71
C ALA G 177 -4.83 -17.88 -11.62
N ALA G 178 -4.93 -18.49 -10.44
CA ALA G 178 -5.83 -19.64 -10.30
C ALA G 178 -7.28 -19.24 -10.54
N ILE G 179 -7.71 -18.11 -9.98
CA ILE G 179 -9.09 -17.66 -10.16
C ILE G 179 -9.35 -17.32 -11.62
N GLU G 180 -8.43 -16.60 -12.25
CA GLU G 180 -8.60 -16.25 -13.65
C GLU G 180 -8.64 -17.51 -14.53
N TYR G 181 -7.83 -18.51 -14.20
CA TYR G 181 -7.83 -19.74 -14.96
C TYR G 181 -9.16 -20.48 -14.81
N ALA G 182 -9.70 -20.52 -13.59
CA ALA G 182 -11.01 -21.16 -13.40
C ALA G 182 -12.10 -20.43 -14.17
N LEU G 183 -12.07 -19.09 -14.14
CA LEU G 183 -13.07 -18.33 -14.89
C LEU G 183 -12.92 -18.54 -16.39
N GLU G 184 -11.68 -18.61 -16.88
CA GLU G 184 -11.45 -18.85 -18.30
C GLU G 184 -11.95 -20.24 -18.72
N GLN G 185 -11.71 -21.25 -17.89
CA GLN G 185 -12.22 -22.58 -18.19
C GLN G 185 -13.74 -22.58 -18.20
N GLN G 186 -14.36 -21.84 -17.29
CA GLN G 186 -15.81 -21.71 -17.32
C GLN G 186 -16.27 -21.06 -18.62
N LEU G 187 -15.62 -19.96 -19.01
CA LEU G 187 -16.07 -19.20 -20.17
C LEU G 187 -15.86 -19.98 -21.46
N GLU G 188 -14.83 -20.84 -21.52
CA GLU G 188 -14.61 -21.65 -22.71
C GLU G 188 -15.74 -22.64 -22.95
N GLN G 189 -16.55 -22.96 -21.93
CA GLN G 189 -17.74 -23.78 -22.10
C GLN G 189 -18.95 -22.94 -22.47
N GLU G 190 -18.73 -21.77 -23.08
CA GLU G 190 -19.78 -20.89 -23.61
C GLU G 190 -20.92 -20.68 -22.60
N VAL G 191 -20.57 -20.33 -21.38
CA VAL G 191 -21.52 -19.91 -20.35
C VAL G 191 -21.27 -18.44 -20.04
N ASP G 192 -22.36 -17.69 -19.88
CA ASP G 192 -22.24 -16.29 -19.51
C ASP G 192 -21.64 -16.17 -18.11
N ILE G 193 -20.73 -15.23 -17.93
CA ILE G 193 -20.06 -15.02 -16.65
C ILE G 193 -20.50 -13.72 -15.98
N SER G 194 -21.58 -13.11 -16.43
CA SER G 194 -22.02 -11.85 -15.83
C SER G 194 -22.55 -12.07 -14.42
N ASP G 195 -23.41 -13.06 -14.23
CA ASP G 195 -24.05 -13.30 -12.94
C ASP G 195 -23.33 -14.41 -12.18
N LEU G 196 -22.08 -14.14 -11.83
CA LEU G 196 -21.28 -15.05 -11.02
C LEU G 196 -20.86 -14.36 -9.74
N VAL G 197 -20.68 -15.15 -8.68
CA VAL G 197 -20.26 -14.64 -7.38
C VAL G 197 -19.15 -15.54 -6.86
N ILE G 198 -18.14 -14.93 -6.23
CA ILE G 198 -17.02 -15.65 -5.67
C ILE G 198 -17.05 -15.52 -4.15
N LEU G 199 -16.91 -16.63 -3.45
CA LEU G 199 -16.79 -16.68 -2.01
C LEU G 199 -15.34 -17.02 -1.65
N MET G 200 -14.76 -16.28 -0.72
CA MET G 200 -13.41 -16.62 -0.30
C MET G 200 -13.28 -16.59 1.21
N PRO G 201 -12.48 -17.49 1.78
CA PRO G 201 -12.17 -17.40 3.21
C PRO G 201 -11.31 -16.17 3.50
N TRP G 202 -11.36 -15.73 4.76
CA TRP G 202 -10.74 -14.47 5.13
C TRP G 202 -9.23 -14.48 4.87
N LYS G 203 -8.57 -15.58 5.23
CA LYS G 203 -7.12 -15.64 5.12
C LYS G 203 -6.67 -15.48 3.67
N PHE G 204 -7.40 -16.10 2.74
CA PHE G 204 -7.04 -15.99 1.33
C PHE G 204 -7.64 -14.74 0.71
N PHE G 205 -8.72 -14.22 1.30
CA PHE G 205 -9.27 -12.95 0.84
C PHE G 205 -8.26 -11.83 1.03
N ASN G 206 -7.59 -11.78 2.19
CA ASN G 206 -6.56 -10.78 2.40
C ASN G 206 -5.42 -10.95 1.41
N ALA G 207 -5.05 -12.20 1.12
CA ALA G 207 -4.01 -12.45 0.14
C ALA G 207 -4.38 -11.87 -1.22
N LEU G 208 -5.59 -12.15 -1.68
CA LEU G 208 -6.00 -11.65 -2.99
C LEU G 208 -6.07 -10.13 -3.01
N ARG G 209 -6.53 -9.52 -1.91
CA ARG G 209 -6.68 -8.07 -1.92
C ARG G 209 -5.38 -7.34 -1.64
N ASP G 210 -4.32 -8.07 -1.25
CA ASP G 210 -3.06 -7.40 -0.94
C ASP G 210 -2.23 -7.14 -2.19
N MET G 211 -2.69 -7.56 -3.35
CA MET G 211 -1.91 -7.43 -4.57
C MET G 211 -1.68 -5.96 -4.92
N ASP G 212 -0.51 -5.69 -5.51
CA ASP G 212 -0.17 -4.34 -5.91
C ASP G 212 -1.10 -3.80 -6.99
N ARG G 213 -1.47 -4.66 -7.96
CA ARG G 213 -2.31 -4.20 -9.06
C ARG G 213 -3.67 -3.75 -8.56
N ILE G 214 -4.22 -4.44 -7.55
CA ILE G 214 -5.53 -4.07 -7.05
C ILE G 214 -5.46 -2.76 -6.26
N VAL G 215 -4.44 -2.60 -5.42
CA VAL G 215 -4.36 -1.42 -4.57
C VAL G 215 -3.93 -0.20 -5.37
N ASP G 216 -3.01 -0.37 -6.31
CA ASP G 216 -2.44 0.78 -7.02
C ASP G 216 -3.52 1.45 -7.89
N ARG G 217 -3.75 2.74 -7.64
CA ARG G 217 -4.81 3.45 -8.34
C ARG G 217 -4.46 3.66 -9.82
N SER G 218 -3.17 3.73 -10.14
CA SER G 218 -2.78 4.01 -11.52
C SER G 218 -3.23 2.89 -12.45
N TYR G 219 -3.10 1.64 -12.01
CA TYR G 219 -3.57 0.52 -12.82
C TYR G 219 -5.07 0.60 -13.01
N THR G 220 -5.54 0.23 -14.21
CA THR G 220 -6.95 0.38 -14.53
C THR G 220 -7.81 -0.63 -13.77
N LEU G 221 -7.20 -1.72 -13.33
CA LEU G 221 -7.94 -2.77 -12.62
C LEU G 221 -7.75 -2.63 -11.10
N ALA G 222 -8.25 -1.51 -10.56
CA ALA G 222 -8.09 -1.19 -9.16
C ALA G 222 -9.42 -0.74 -8.57
N ASP G 223 -9.66 -1.12 -7.32
CA ASP G 223 -10.83 -0.69 -6.57
C ASP G 223 -10.36 -0.08 -5.26
N GLU G 224 -11.07 0.96 -4.79
CA GLU G 224 -10.58 1.72 -3.64
C GLU G 224 -10.93 1.02 -2.32
N SER G 225 -12.22 0.87 -2.03
CA SER G 225 -12.67 0.30 -0.77
C SER G 225 -12.87 -1.21 -0.96
N THR G 226 -12.14 -2.01 -0.17
CA THR G 226 -12.15 -3.45 -0.33
C THR G 226 -12.53 -4.21 0.94
N VAL G 227 -12.73 -3.52 2.07
CA VAL G 227 -12.94 -4.24 3.33
C VAL G 227 -14.27 -4.98 3.32
N GLN G 228 -15.31 -4.38 2.73
CA GLN G 228 -16.59 -5.07 2.63
C GLN G 228 -16.53 -6.18 1.59
N GLY G 229 -15.64 -6.04 0.62
CA GLY G 229 -15.51 -6.99 -0.47
C GLY G 229 -15.43 -6.25 -1.79
N PHE G 230 -14.35 -6.47 -2.54
CA PHE G 230 -14.13 -5.71 -3.74
C PHE G 230 -14.76 -6.40 -4.95
N ALA G 231 -14.72 -5.72 -6.08
CA ALA G 231 -15.17 -6.27 -7.35
C ALA G 231 -13.97 -6.47 -8.25
N LEU G 232 -13.80 -7.70 -8.73
CA LEU G 232 -12.71 -8.00 -9.66
C LEU G 232 -12.92 -7.19 -10.93
N LYS G 233 -11.89 -6.44 -11.34
CA LYS G 233 -12.05 -5.52 -12.46
C LYS G 233 -11.81 -6.21 -13.79
N SER G 234 -10.85 -7.14 -13.83
CA SER G 234 -10.58 -7.85 -15.08
C SER G 234 -11.79 -8.65 -15.52
N PHE G 235 -12.44 -9.33 -14.59
CA PHE G 235 -13.71 -10.00 -14.82
C PHE G 235 -14.71 -9.47 -13.79
N ASN G 236 -15.82 -8.92 -14.27
CA ASN G 236 -16.68 -8.10 -13.42
C ASN G 236 -17.35 -8.87 -12.29
N VAL G 237 -17.02 -10.15 -12.12
CA VAL G 237 -17.63 -10.94 -11.04
C VAL G 237 -17.25 -10.36 -9.69
N PRO G 238 -18.17 -10.24 -8.73
CA PRO G 238 -17.80 -9.75 -7.42
C PRO G 238 -17.30 -10.87 -6.50
N VAL G 239 -16.47 -10.48 -5.55
CA VAL G 239 -15.85 -11.38 -4.58
C VAL G 239 -16.26 -10.93 -3.18
N VAL G 240 -16.70 -11.87 -2.36
CA VAL G 240 -17.16 -11.59 -1.00
C VAL G 240 -16.47 -12.55 -0.05
N PRO G 241 -16.21 -12.15 1.19
CA PRO G 241 -15.59 -13.08 2.14
C PRO G 241 -16.64 -13.83 2.94
N SER G 242 -16.29 -15.05 3.35
CA SER G 242 -17.15 -15.85 4.19
C SER G 242 -16.29 -16.69 5.13
N ASN G 243 -16.86 -17.02 6.29
CA ASN G 243 -16.19 -17.84 7.29
C ASN G 243 -16.91 -19.18 7.50
N ARG G 244 -17.74 -19.60 6.57
CA ARG G 244 -18.53 -20.81 6.71
C ARG G 244 -17.96 -21.99 5.94
N PHE G 245 -16.72 -21.89 5.48
CA PHE G 245 -16.14 -22.97 4.70
C PHE G 245 -15.96 -24.21 5.57
N PRO G 246 -16.19 -25.40 5.02
CA PRO G 246 -16.13 -26.61 5.85
C PRO G 246 -14.72 -26.91 6.34
N LYS G 247 -14.66 -27.55 7.50
CA LYS G 247 -13.41 -28.02 8.09
C LYS G 247 -13.48 -29.54 8.25
N PHE G 248 -12.34 -30.19 8.06
CA PHE G 248 -12.27 -31.65 8.07
C PHE G 248 -11.73 -32.15 9.40
N SER G 249 -12.25 -33.29 9.84
CA SER G 249 -11.75 -34.01 11.00
C SER G 249 -11.55 -35.46 10.63
N GLN G 250 -10.59 -36.12 11.27
CA GLN G 250 -10.27 -37.50 10.91
C GLN G 250 -11.41 -38.46 11.27
N GLY G 251 -11.91 -38.37 12.50
CA GLY G 251 -12.90 -39.32 12.97
C GLY G 251 -14.23 -38.74 13.34
N ALA G 252 -14.57 -37.58 12.76
CA ALA G 252 -15.84 -36.95 13.06
C ALA G 252 -17.01 -37.83 12.61
N ALA G 253 -18.07 -37.80 13.40
CA ALA G 253 -19.26 -38.58 13.08
C ALA G 253 -19.98 -37.95 11.88
N HIS G 254 -20.98 -38.68 11.38
CA HIS G 254 -21.75 -38.20 10.24
C HIS G 254 -22.42 -36.88 10.58
N HIS G 255 -22.34 -35.92 9.66
CA HIS G 255 -23.01 -34.64 9.81
C HIS G 255 -24.52 -34.86 9.86
N LYS G 256 -25.20 -34.02 10.62
CA LYS G 256 -26.65 -34.07 10.65
C LYS G 256 -27.21 -33.78 9.26
N LEU G 257 -28.45 -34.19 9.05
CA LEU G 257 -29.20 -34.15 7.79
C LEU G 257 -28.72 -35.23 6.83
N SER G 258 -27.73 -36.02 7.19
CA SER G 258 -27.20 -37.07 6.33
C SER G 258 -27.81 -38.41 6.72
N ASN G 259 -28.29 -39.14 5.71
CA ASN G 259 -28.98 -40.40 5.93
C ASN G 259 -28.50 -41.39 4.88
N ALA G 260 -28.68 -42.69 5.16
CA ALA G 260 -28.24 -43.73 4.24
C ALA G 260 -29.30 -43.96 3.17
N ASP G 261 -29.72 -42.86 2.56
CA ASP G 261 -30.64 -42.90 1.43
C ASP G 261 -30.10 -42.01 0.33
N ASN G 262 -29.43 -40.92 0.71
CA ASN G 262 -28.83 -39.99 -0.22
C ASN G 262 -27.31 -40.12 -0.26
N GLY G 263 -26.75 -41.24 0.18
CA GLY G 263 -25.35 -41.52 0.00
C GLY G 263 -24.41 -40.79 0.93
N PHE G 264 -24.89 -40.25 2.04
CA PHE G 264 -24.05 -39.51 2.98
C PHE G 264 -23.31 -38.36 2.28
N ARG G 265 -24.05 -37.55 1.51
CA ARG G 265 -23.38 -36.50 0.77
C ARG G 265 -23.08 -35.28 1.64
N TYR G 266 -23.86 -35.08 2.71
CA TYR G 266 -23.76 -33.83 3.45
C TYR G 266 -22.42 -33.68 4.16
N ASP G 267 -21.91 -34.75 4.75
CA ASP G 267 -20.68 -34.64 5.53
C ASP G 267 -19.48 -34.45 4.63
N THR G 268 -18.44 -33.82 5.18
CA THR G 268 -17.26 -33.45 4.40
C THR G 268 -16.27 -34.61 4.30
N THR G 269 -15.47 -34.58 3.24
CA THR G 269 -14.36 -35.51 3.08
C THR G 269 -13.06 -34.74 2.96
N ALA G 270 -11.96 -35.49 2.85
CA ALA G 270 -10.64 -34.89 2.91
C ALA G 270 -10.33 -33.85 1.83
N PRO G 271 -10.63 -34.06 0.55
CA PRO G 271 -10.08 -33.15 -0.48
C PRO G 271 -10.49 -31.70 -0.34
N MET G 272 -11.62 -31.41 0.32
CA MET G 272 -12.04 -30.02 0.50
C MET G 272 -11.69 -29.47 1.89
N ALA G 273 -10.66 -30.02 2.53
CA ALA G 273 -10.28 -29.56 3.86
C ALA G 273 -9.93 -28.08 3.87
N GLY G 274 -9.16 -27.64 2.88
CA GLY G 274 -8.72 -26.26 2.85
C GLY G 274 -9.00 -25.54 1.54
N ALA G 275 -10.12 -25.88 0.89
CA ALA G 275 -10.43 -25.29 -0.40
C ALA G 275 -10.75 -23.81 -0.24
N VAL G 276 -10.60 -23.06 -1.34
CA VAL G 276 -10.77 -21.62 -1.34
C VAL G 276 -11.65 -21.21 -2.52
N ALA G 277 -12.25 -20.02 -2.39
CA ALA G 277 -12.77 -19.27 -3.53
C ALA G 277 -13.75 -20.10 -4.37
N VAL G 278 -14.88 -20.46 -3.77
CA VAL G 278 -15.93 -21.12 -4.53
C VAL G 278 -16.57 -20.11 -5.48
N ILE G 279 -16.79 -20.52 -6.72
CA ILE G 279 -17.41 -19.67 -7.74
C ILE G 279 -18.75 -20.30 -8.09
N PHE G 280 -19.83 -19.53 -7.92
CA PHE G 280 -21.14 -20.10 -8.18
C PHE G 280 -22.06 -19.03 -8.76
N SER G 281 -23.15 -19.49 -9.36
CA SER G 281 -24.19 -18.62 -9.90
C SER G 281 -25.48 -18.87 -9.13
N MET G 282 -26.55 -18.20 -9.58
CA MET G 282 -27.83 -18.35 -8.90
C MET G 282 -28.37 -19.76 -9.01
N ASP G 283 -28.41 -20.31 -10.22
CA ASP G 283 -28.96 -21.64 -10.44
C ASP G 283 -27.88 -22.73 -10.39
N ALA G 284 -27.09 -22.72 -9.32
CA ALA G 284 -26.05 -23.72 -9.13
C ALA G 284 -26.42 -24.76 -8.08
N LEU G 285 -27.60 -24.64 -7.47
CA LEU G 285 -28.00 -25.53 -6.40
C LEU G 285 -29.52 -25.57 -6.36
N LEU G 286 -30.06 -26.64 -5.80
CA LEU G 286 -31.50 -26.87 -5.75
C LEU G 286 -31.93 -27.07 -4.29
N VAL G 287 -32.24 -25.96 -3.62
CA VAL G 287 -32.59 -26.03 -2.21
C VAL G 287 -34.10 -26.12 -2.04
N GLY G 288 -34.52 -26.64 -0.90
CA GLY G 288 -35.93 -26.70 -0.54
C GLY G 288 -36.09 -26.57 0.96
N ARG G 289 -37.21 -25.98 1.39
CA ARG G 289 -37.48 -25.78 2.81
C ARG G 289 -38.83 -26.40 3.14
N THR G 290 -38.91 -27.12 4.25
CA THR G 290 -40.21 -27.69 4.65
C THR G 290 -40.83 -26.89 5.78
N ILE G 291 -40.07 -26.70 6.87
CA ILE G 291 -40.53 -25.94 8.03
C ILE G 291 -39.57 -24.79 8.23
N GLU G 292 -40.11 -23.58 8.30
CA GLU G 292 -39.29 -22.41 8.56
C GLU G 292 -38.80 -22.41 10.01
N LEU G 293 -37.77 -21.63 10.28
CA LEU G 293 -37.20 -21.56 11.61
C LEU G 293 -38.23 -21.00 12.59
N THR G 294 -38.67 -21.84 13.52
CA THR G 294 -39.65 -21.45 14.53
C THR G 294 -39.15 -21.83 15.90
N GLY G 295 -39.19 -20.87 16.82
CA GLY G 295 -38.76 -21.10 18.18
C GLY G 295 -39.92 -21.17 19.14
N ASP G 296 -39.86 -22.12 20.08
CA ASP G 296 -40.97 -22.34 21.02
C ASP G 296 -40.43 -22.46 22.43
N ILE G 297 -41.23 -22.00 23.38
CA ILE G 297 -40.94 -22.12 24.81
C ILE G 297 -42.13 -22.79 25.48
N PHE G 298 -41.86 -23.93 26.12
CA PHE G 298 -42.87 -24.70 26.82
C PHE G 298 -42.65 -24.59 28.31
N TRP G 299 -43.72 -24.71 29.08
CA TRP G 299 -43.65 -24.82 30.53
C TRP G 299 -44.35 -26.10 30.95
N GLU G 300 -43.57 -27.14 31.23
CA GLU G 300 -44.11 -28.48 31.43
C GLU G 300 -44.62 -28.61 32.86
N LYS G 301 -45.89 -28.93 33.01
CA LYS G 301 -46.47 -29.07 34.34
C LYS G 301 -46.04 -30.37 35.01
N LYS G 302 -46.04 -31.47 34.24
CA LYS G 302 -45.75 -32.78 34.81
C LYS G 302 -44.35 -32.83 35.40
N GLU G 303 -43.34 -32.47 34.61
CA GLU G 303 -41.99 -32.27 35.10
C GLU G 303 -41.71 -30.78 35.13
N LYS G 304 -41.36 -30.27 36.30
CA LYS G 304 -41.27 -28.83 36.51
C LYS G 304 -40.07 -28.30 35.74
N THR G 305 -40.23 -28.12 34.43
CA THR G 305 -39.14 -27.65 33.60
C THR G 305 -39.67 -26.61 32.62
N PHE G 306 -38.76 -25.75 32.17
CA PHE G 306 -38.99 -24.85 31.05
C PHE G 306 -38.23 -25.42 29.86
N TYR G 307 -38.95 -25.70 28.78
CA TYR G 307 -38.37 -26.25 27.56
C TYR G 307 -38.15 -25.09 26.59
N ILE G 308 -36.99 -25.05 25.94
CA ILE G 308 -36.69 -24.06 24.91
C ILE G 308 -36.22 -24.83 23.69
N ASP G 309 -36.98 -24.77 22.60
CA ASP G 309 -36.60 -25.57 21.44
C ASP G 309 -36.79 -24.79 20.16
N THR G 310 -36.10 -25.24 19.13
CA THR G 310 -36.18 -24.64 17.80
C THR G 310 -35.83 -25.70 16.75
N TYR G 311 -36.68 -25.78 15.73
CA TYR G 311 -36.57 -26.84 14.73
C TYR G 311 -36.65 -26.26 13.32
N LEU G 312 -36.05 -26.98 12.37
CA LEU G 312 -35.90 -26.51 11.00
C LEU G 312 -35.65 -27.69 10.07
N ALA G 313 -36.03 -27.53 8.80
CA ALA G 313 -35.93 -28.61 7.81
C ALA G 313 -35.55 -28.04 6.45
N GLU G 314 -34.29 -28.29 6.04
CA GLU G 314 -33.76 -27.83 4.78
C GLU G 314 -33.35 -29.01 3.92
N GLY G 315 -33.10 -28.74 2.65
CA GLY G 315 -32.51 -29.72 1.76
C GLY G 315 -31.83 -29.02 0.59
N ALA G 316 -30.85 -29.70 0.02
CA ALA G 316 -30.07 -29.14 -1.08
C ALA G 316 -29.43 -30.25 -1.90
N ILE G 317 -29.17 -29.95 -3.17
CA ILE G 317 -28.51 -30.90 -4.08
C ILE G 317 -27.98 -30.15 -5.29
N PRO G 318 -26.74 -30.43 -5.67
CA PRO G 318 -26.17 -29.76 -6.86
C PRO G 318 -26.69 -30.35 -8.15
N ASP G 319 -27.18 -29.51 -9.06
CA ASP G 319 -27.89 -29.99 -10.23
C ASP G 319 -27.40 -29.45 -11.57
N ARG G 320 -26.99 -28.18 -11.65
CA ARG G 320 -26.76 -27.56 -12.95
C ARG G 320 -25.50 -28.11 -13.61
N TRP G 321 -24.49 -28.44 -12.82
CA TRP G 321 -23.19 -29.00 -13.20
C TRP G 321 -22.29 -27.98 -13.87
N GLU G 322 -22.75 -26.77 -14.17
CA GLU G 322 -21.91 -25.79 -14.85
C GLU G 322 -21.76 -24.48 -14.10
N ALA G 323 -22.77 -24.08 -13.31
CA ALA G 323 -22.71 -22.79 -12.65
C ALA G 323 -21.76 -22.79 -11.48
N VAL G 324 -21.27 -23.96 -11.08
CA VAL G 324 -20.38 -24.10 -9.94
C VAL G 324 -18.99 -24.47 -10.44
N SER G 325 -17.97 -23.79 -9.93
CA SER G 325 -16.58 -24.07 -10.24
C SER G 325 -15.74 -23.71 -9.03
N VAL G 326 -14.91 -24.65 -8.56
CA VAL G 326 -14.21 -24.50 -7.29
C VAL G 326 -12.71 -24.73 -7.51
N VAL G 327 -11.90 -23.96 -6.79
CA VAL G 327 -10.45 -24.15 -6.74
C VAL G 327 -10.11 -24.70 -5.36
N THR G 328 -9.31 -25.76 -5.32
CA THR G 328 -9.00 -26.45 -4.08
C THR G 328 -7.51 -26.75 -4.00
N THR G 329 -7.02 -26.89 -2.77
CA THR G 329 -5.62 -27.21 -2.56
C THR G 329 -5.41 -28.72 -2.49
N ALA G 330 -4.24 -29.17 -2.91
CA ALA G 330 -3.94 -30.59 -2.86
C ALA G 330 -3.81 -30.98 -1.40
N ARG G 331 -4.42 -32.09 -1.00
CA ARG G 331 -4.34 -32.53 0.38
C ARG G 331 -4.30 -34.04 0.50
N ASN G 332 -3.66 -34.55 1.55
CA ASN G 332 -3.57 -35.98 1.74
C ASN G 332 -4.96 -36.54 1.98
N ALA G 333 -5.26 -37.69 1.37
CA ALA G 333 -6.55 -38.34 1.53
C ALA G 333 -6.74 -38.79 2.98
N THR G 334 -5.70 -39.38 3.55
CA THR G 334 -5.74 -39.89 4.91
C THR G 334 -5.96 -38.83 5.98
N THR G 335 -5.31 -37.68 5.82
CA THR G 335 -5.42 -36.61 6.80
C THR G 335 -5.68 -35.24 6.21
N GLY G 336 -6.21 -34.36 7.04
CA GLY G 336 -6.52 -32.99 6.65
C GLY G 336 -5.33 -32.16 6.23
N ASP G 337 -4.19 -32.34 6.90
CA ASP G 337 -3.01 -31.56 6.59
C ASP G 337 -2.57 -31.75 5.15
N PRO G 338 -2.26 -30.64 4.47
CA PRO G 338 -1.83 -30.56 3.07
C PRO G 338 -0.42 -31.06 2.79
N ASP G 339 -0.26 -31.76 1.67
CA ASP G 339 1.04 -32.27 1.25
C ASP G 339 1.07 -32.43 -0.27
N GLY G 340 2.26 -32.44 -0.84
CA GLY G 340 2.41 -32.59 -2.28
C GLY G 340 2.20 -31.32 -3.07
N THR G 341 2.14 -31.46 -4.39
CA THR G 341 1.95 -30.32 -5.29
C THR G 341 0.66 -30.50 -6.09
N GLY G 342 -0.14 -29.45 -6.16
CA GLY G 342 -1.40 -29.51 -6.89
C GLY G 342 -1.23 -30.18 -8.24
N ALA G 343 -2.30 -30.81 -8.72
CA ALA G 343 -2.27 -31.48 -10.01
C ALA G 343 -2.10 -30.46 -11.13
N ASP G 344 -2.71 -29.28 -11.00
CA ASP G 344 -2.61 -28.23 -12.01
C ASP G 344 -1.57 -27.19 -11.66
N ASP G 345 -0.52 -27.56 -10.93
CA ASP G 345 0.54 -26.61 -10.62
C ASP G 345 1.39 -26.32 -11.86
N THR G 346 1.33 -27.20 -12.86
CA THR G 346 2.11 -26.97 -14.08
C THR G 346 1.57 -25.79 -14.87
N VAL G 347 0.26 -25.75 -15.11
CA VAL G 347 -0.32 -24.64 -15.87
C VAL G 347 -0.21 -23.35 -15.10
N VAL G 348 -0.50 -23.38 -13.80
CA VAL G 348 -0.29 -22.22 -12.95
C VAL G 348 1.22 -22.07 -12.73
N THR G 349 1.63 -20.91 -12.21
CA THR G 349 3.03 -20.49 -12.06
C THR G 349 3.62 -20.17 -13.43
N LYS G 350 2.87 -20.45 -14.48
CA LYS G 350 3.15 -19.86 -15.78
C LYS G 350 2.18 -18.74 -16.05
N ARG G 351 0.94 -18.87 -15.56
CA ARG G 351 -0.01 -17.77 -15.63
C ARG G 351 0.26 -16.76 -14.52
N ALA G 352 0.98 -17.17 -13.47
CA ALA G 352 1.32 -16.26 -12.39
C ALA G 352 2.38 -15.25 -12.81
N ASN G 353 3.19 -15.59 -13.81
CA ASN G 353 4.23 -14.68 -14.28
C ASN G 353 3.72 -13.71 -15.34
N ARG G 354 2.45 -13.77 -15.71
CA ARG G 354 1.91 -12.81 -16.67
C ARG G 354 1.91 -11.40 -16.10
N LYS G 355 1.51 -11.26 -14.83
CA LYS G 355 1.38 -9.94 -14.21
C LYS G 355 2.69 -9.56 -13.53
N VAL G 356 3.65 -9.15 -14.37
CA VAL G 356 4.97 -8.73 -13.93
C VAL G 356 5.39 -7.51 -14.73
N ILE G 357 6.52 -6.92 -14.33
CA ILE G 357 7.19 -5.87 -15.09
C ILE G 357 8.64 -6.31 -15.29
N LEU G 358 9.19 -5.98 -16.46
CA LEU G 358 10.45 -6.61 -16.87
C LEU G 358 11.65 -6.03 -16.12
N THR G 359 11.89 -4.73 -16.27
CA THR G 359 12.94 -4.01 -15.53
C THR G 359 14.33 -4.62 -15.79
N LYS G 360 14.79 -4.50 -17.03
CA LYS G 360 16.15 -4.90 -17.37
C LYS G 360 17.17 -4.05 -16.59
N ALA G 361 18.28 -4.68 -16.22
CA ALA G 361 19.33 -4.00 -15.46
C ALA G 361 20.60 -3.97 -16.29
N VAL G 362 21.30 -2.84 -16.26
CA VAL G 362 22.54 -2.68 -17.01
C VAL G 362 23.75 -2.80 -16.08
#